data_4WMJ
#
_entry.id   4WMJ
#
_cell.length_a   76.287
_cell.length_b   115.495
_cell.length_c   135.079
_cell.angle_alpha   90.00
_cell.angle_beta   101.70
_cell.angle_gamma   90.00
#
_symmetry.space_group_name_H-M   'P 1 21 1'
#
loop_
_entity.id
_entity.type
_entity.pdbx_description
1 polymer 'Glucose-6-phosphate isomerase'
2 water water
#
_entity_poly.entity_id   1
_entity_poly.type   'polypeptide(L)'
_entity_poly.pdbx_seq_one_letter_code
;MEPKVNLKQDPAYQKLQEYYDNNADKINILQLFQQDADRFNKYSLRIPTPNDGEILLDYSKNRIDDTTFSLLLNLAKSRN
VEKARDAMFAGEKINFTEDRAVLHVALRNRQNRPIMVNGKDVTPDVNAVLAHMKEFSTQVISGAWKGYTGKPITDVINIG
IGGSDLGPLMVTEALKPYANHLKVHFVSNIDGTHLAEVLKRLNPETALFIIASKTFTTQETITNATSAKTWFLEAAKDPA
AVSKHFVALSTNGEKVTAFGIDPKNMFGFWDWVGGRYSLWSAIGLSISLYIGFENFEKLLDGANFMDNHFCTAPLEKNAP
VILALLGVWYGNFYGAETHALLPYDQYLHRFAAYFQQGDMESNGKYVTRSGATVDYSTGPVVWGEPGTNGQHAFYQLVHQ
GTRLIPCDFLAPAQTHNPIANGAHHKILLANFLAQTEALMKGKTDAEAKAELEKSGMAPEAIAKILPHKVFKGNRPTNSI
VVKKFTPFTLGALIAMYEHKIFTQGVIWDINSFDQWGVELGKQLAKAIEPELQDGKKITSHDASTNGLINFLKENF
;
_entity_poly.pdbx_strand_id   A,B,C,D
#
# COMPACT_ATOMS: atom_id res chain seq x y z
N LYS A 4 -54.40 16.46 -23.23
CA LYS A 4 -52.93 16.21 -23.44
C LYS A 4 -52.65 15.06 -24.40
N VAL A 5 -51.98 15.36 -25.51
CA VAL A 5 -51.94 14.44 -26.63
C VAL A 5 -51.18 13.17 -26.24
N ASN A 6 -51.50 12.05 -26.88
CA ASN A 6 -50.80 10.82 -26.62
C ASN A 6 -49.32 11.07 -26.77
N LEU A 7 -48.50 10.46 -25.92
CA LEU A 7 -47.10 10.91 -25.78
C LEU A 7 -46.24 10.66 -27.04
N LYS A 8 -46.42 9.53 -27.68
CA LYS A 8 -45.75 9.25 -28.94
C LYS A 8 -46.13 10.17 -30.11
N GLN A 9 -47.23 10.90 -29.99
CA GLN A 9 -47.58 11.92 -30.97
C GLN A 9 -47.20 13.32 -30.52
N ASP A 10 -46.67 13.44 -29.30
CA ASP A 10 -46.14 14.75 -28.88
C ASP A 10 -44.93 15.15 -29.77
N PRO A 11 -44.95 16.33 -30.41
CA PRO A 11 -43.85 16.67 -31.37
C PRO A 11 -42.42 16.63 -30.78
N ALA A 12 -42.30 17.07 -29.53
CA ALA A 12 -41.01 16.88 -28.85
C ALA A 12 -40.59 15.39 -28.69
N TYR A 13 -41.50 14.52 -28.33
CA TYR A 13 -41.20 13.11 -28.22
C TYR A 13 -40.88 12.54 -29.57
N GLN A 14 -41.56 13.04 -30.60
CA GLN A 14 -41.26 12.57 -31.95
C GLN A 14 -39.87 12.93 -32.38
N LYS A 15 -39.48 14.14 -32.06
CA LYS A 15 -38.14 14.61 -32.40
C LYS A 15 -37.04 13.79 -31.67
N LEU A 16 -37.33 13.44 -30.41
CA LEU A 16 -36.42 12.56 -29.68
C LEU A 16 -36.40 11.19 -30.30
N GLN A 17 -37.52 10.74 -30.83
CA GLN A 17 -37.49 9.37 -31.46
C GLN A 17 -36.67 9.34 -32.73
N GLU A 18 -36.81 10.42 -33.48
CA GLU A 18 -36.08 10.58 -34.73
C GLU A 18 -34.61 10.64 -34.46
N TYR A 19 -34.22 11.46 -33.48
CA TYR A 19 -32.84 11.60 -33.13
C TYR A 19 -32.29 10.27 -32.66
N TYR A 20 -33.03 9.56 -31.77
CA TYR A 20 -32.61 8.28 -31.23
C TYR A 20 -32.35 7.32 -32.39
N ASP A 21 -33.29 7.29 -33.33
CA ASP A 21 -33.25 6.30 -34.41
C ASP A 21 -32.01 6.57 -35.25
N ASN A 22 -31.56 7.82 -35.32
CA ASN A 22 -30.42 8.17 -36.16
C ASN A 22 -29.13 8.23 -35.43
N ASN A 23 -29.16 8.33 -34.12
CA ASN A 23 -27.92 8.59 -33.39
C ASN A 23 -27.63 7.68 -32.25
N ALA A 24 -28.59 6.85 -31.86
CA ALA A 24 -28.52 5.93 -30.69
C ALA A 24 -27.19 5.25 -30.53
N ASP A 25 -26.81 4.60 -31.63
CA ASP A 25 -25.67 3.72 -31.68
C ASP A 25 -24.36 4.51 -31.80
N LYS A 26 -24.41 5.81 -32.01
CA LYS A 26 -23.21 6.59 -32.16
C LYS A 26 -22.84 7.37 -30.93
N ILE A 27 -23.69 7.37 -29.92
CA ILE A 27 -23.38 8.06 -28.73
C ILE A 27 -22.50 7.13 -27.86
N ASN A 28 -21.33 7.65 -27.52
CA ASN A 28 -20.33 6.88 -26.76
C ASN A 28 -19.72 7.85 -25.76
N ILE A 29 -19.93 7.55 -24.47
CA ILE A 29 -19.65 8.53 -23.39
C ILE A 29 -18.17 8.89 -23.32
N LEU A 30 -17.29 7.87 -23.42
CA LEU A 30 -15.88 8.18 -23.42
C LEU A 30 -15.48 9.15 -24.53
N GLN A 31 -16.00 8.90 -25.74
CA GLN A 31 -15.70 9.77 -26.89
C GLN A 31 -16.20 11.18 -26.63
N LEU A 32 -17.35 11.29 -26.03
CA LEU A 32 -17.84 12.62 -25.65
C LEU A 32 -16.88 13.32 -24.69
N PHE A 33 -16.35 12.61 -23.69
CA PHE A 33 -15.32 13.16 -22.79
C PHE A 33 -13.98 13.57 -23.50
N GLN A 34 -13.60 12.79 -24.48
CA GLN A 34 -12.37 13.06 -25.15
C GLN A 34 -12.48 14.35 -25.98
N GLN A 35 -13.65 14.58 -26.56
CA GLN A 35 -13.86 15.72 -27.46
C GLN A 35 -14.23 16.99 -26.72
N ASP A 36 -14.64 16.88 -25.45
CA ASP A 36 -15.15 18.06 -24.73
C ASP A 36 -14.61 18.27 -23.35
N ALA A 37 -13.58 19.14 -23.19
CA ALA A 37 -12.97 19.40 -21.88
C ALA A 37 -13.88 20.11 -20.89
N ASP A 38 -14.97 20.67 -21.38
CA ASP A 38 -15.95 21.36 -20.54
C ASP A 38 -17.08 20.42 -20.12
N ARG A 39 -17.01 19.13 -20.49
CA ARG A 39 -18.20 18.23 -20.29
C ARG A 39 -18.70 18.14 -18.84
N PHE A 40 -17.81 17.97 -17.88
CA PHE A 40 -18.21 17.91 -16.47
C PHE A 40 -18.84 19.22 -16.03
N ASN A 41 -18.22 20.33 -16.41
CA ASN A 41 -18.81 21.63 -16.05
C ASN A 41 -20.20 21.78 -16.67
N LYS A 42 -20.37 21.31 -17.91
CA LYS A 42 -21.65 21.53 -18.58
C LYS A 42 -22.73 20.70 -17.89
N TYR A 43 -22.38 19.47 -17.51
CA TYR A 43 -23.41 18.51 -17.06
C TYR A 43 -23.27 18.11 -15.62
N SER A 44 -23.06 19.11 -14.78
CA SER A 44 -23.05 18.99 -13.35
C SER A 44 -23.71 20.22 -12.80
N LEU A 45 -24.28 20.02 -11.63
CA LEU A 45 -25.03 21.03 -10.90
C LEU A 45 -24.63 21.03 -9.48
N ARG A 46 -24.18 22.18 -8.99
CA ARG A 46 -23.83 22.35 -7.57
C ARG A 46 -24.86 23.18 -6.90
N ILE A 47 -25.48 22.69 -5.84
CA ILE A 47 -26.55 23.36 -5.18
C ILE A 47 -26.11 23.73 -3.74
N PRO A 48 -25.77 24.99 -3.50
CA PRO A 48 -25.32 25.35 -2.15
C PRO A 48 -26.48 25.34 -1.16
N THR A 49 -26.24 24.84 0.05
CA THR A 49 -27.18 24.86 1.16
C THR A 49 -26.73 25.89 2.20
N PRO A 50 -27.68 26.36 3.00
CA PRO A 50 -27.25 27.35 4.02
C PRO A 50 -26.24 26.87 5.05
N ASN A 51 -26.33 25.62 5.52
CA ASN A 51 -25.50 25.14 6.62
C ASN A 51 -24.96 23.73 6.47
N ASP A 52 -25.24 23.09 5.34
CA ASP A 52 -24.82 21.68 5.14
C ASP A 52 -23.94 21.48 3.95
N GLY A 53 -23.33 22.54 3.43
CA GLY A 53 -22.47 22.39 2.27
C GLY A 53 -23.19 22.31 0.95
N GLU A 54 -22.44 22.05 -0.11
CA GLU A 54 -23.03 21.96 -1.42
C GLU A 54 -23.48 20.54 -1.70
N ILE A 55 -24.55 20.44 -2.48
CA ILE A 55 -24.98 19.16 -3.09
C ILE A 55 -24.53 19.19 -4.57
N LEU A 56 -23.72 18.20 -4.97
CA LEU A 56 -23.32 18.04 -6.34
C LEU A 56 -24.09 16.93 -7.01
N LEU A 57 -24.72 17.26 -8.12
CA LEU A 57 -25.23 16.26 -9.03
C LEU A 57 -24.39 16.25 -10.28
N ASP A 58 -23.66 15.17 -10.54
CA ASP A 58 -22.83 15.02 -11.73
C ASP A 58 -23.54 14.02 -12.64
N TYR A 59 -24.12 14.59 -13.70
CA TYR A 59 -24.82 13.82 -14.69
C TYR A 59 -24.07 13.75 -16.01
N SER A 60 -22.75 13.94 -15.99
CA SER A 60 -22.00 13.91 -17.19
C SER A 60 -21.67 12.58 -17.79
N LYS A 61 -21.65 11.52 -16.99
CA LYS A 61 -21.40 10.17 -17.50
C LYS A 61 -22.71 9.58 -18.01
N ASN A 62 -23.44 10.33 -18.85
CA ASN A 62 -24.68 9.87 -19.48
C ASN A 62 -24.56 9.89 -21.01
N ARG A 63 -25.39 9.13 -21.71
CA ARG A 63 -25.40 9.13 -23.16
C ARG A 63 -26.15 10.33 -23.70
N ILE A 64 -25.62 11.52 -23.47
CA ILE A 64 -26.22 12.72 -23.97
C ILE A 64 -25.13 13.66 -24.53
N ASP A 65 -25.46 14.44 -25.55
CA ASP A 65 -24.68 15.55 -25.93
C ASP A 65 -25.53 16.78 -26.02
N ASP A 66 -24.99 17.83 -26.56
CA ASP A 66 -25.75 19.05 -26.75
C ASP A 66 -27.15 18.87 -27.38
N THR A 67 -27.22 18.08 -28.45
CA THR A 67 -28.46 17.91 -29.17
C THR A 67 -29.42 17.13 -28.27
N THR A 68 -28.93 16.06 -27.69
CA THR A 68 -29.83 15.24 -26.90
C THR A 68 -30.39 16.06 -25.72
N PHE A 69 -29.53 16.85 -25.06
CA PHE A 69 -29.95 17.56 -23.86
C PHE A 69 -31.05 18.58 -24.24
N SER A 70 -30.89 19.29 -25.38
CA SER A 70 -31.88 20.26 -25.82
C SER A 70 -33.20 19.59 -26.13
N LEU A 71 -33.15 18.43 -26.77
CA LEU A 71 -34.35 17.71 -27.18
C LEU A 71 -35.06 17.22 -25.92
N LEU A 72 -34.27 16.78 -24.92
CA LEU A 72 -34.92 16.37 -23.67
C LEU A 72 -35.62 17.57 -22.91
N LEU A 73 -34.92 18.69 -22.78
CA LEU A 73 -35.50 19.86 -22.16
C LEU A 73 -36.81 20.24 -22.88
N ASN A 74 -36.80 20.17 -24.19
CA ASN A 74 -38.00 20.52 -24.97
C ASN A 74 -39.21 19.59 -24.69
N LEU A 75 -38.94 18.34 -24.29
CA LEU A 75 -40.00 17.42 -23.95
C LEU A 75 -40.58 17.86 -22.65
N ALA A 76 -39.76 18.30 -21.70
CA ALA A 76 -40.29 18.82 -20.40
C ALA A 76 -41.20 20.02 -20.66
N LYS A 77 -40.74 20.91 -21.54
CA LYS A 77 -41.51 22.09 -21.94
C LYS A 77 -42.81 21.68 -22.61
N SER A 78 -42.76 20.75 -23.58
CA SER A 78 -43.99 20.40 -24.28
C SER A 78 -45.00 19.68 -23.39
N ARG A 79 -44.55 18.98 -22.33
CA ARG A 79 -45.47 18.27 -21.42
C ARG A 79 -45.88 19.15 -20.25
N ASN A 80 -45.53 20.44 -20.33
CA ASN A 80 -45.89 21.38 -19.28
C ASN A 80 -45.58 20.98 -17.84
N VAL A 81 -44.32 20.53 -17.65
CA VAL A 81 -43.80 20.21 -16.34
C VAL A 81 -43.93 21.36 -15.34
N GLU A 82 -43.53 22.56 -15.76
CA GLU A 82 -43.55 23.72 -14.86
C GLU A 82 -44.96 24.07 -14.39
N LYS A 83 -45.91 24.15 -15.32
CA LYS A 83 -47.34 24.37 -15.01
C LYS A 83 -47.88 23.30 -14.05
N ALA A 84 -47.53 22.04 -14.32
CA ALA A 84 -47.97 20.94 -13.46
C ALA A 84 -47.43 21.07 -12.06
N ARG A 85 -46.12 21.39 -11.97
CA ARG A 85 -45.50 21.67 -10.67
C ARG A 85 -46.22 22.74 -9.91
N ASP A 86 -46.50 23.83 -10.59
CA ASP A 86 -47.13 24.96 -9.85
C ASP A 86 -48.56 24.53 -9.39
N ALA A 87 -49.22 23.68 -10.16
CA ALA A 87 -50.56 23.17 -9.81
C ALA A 87 -50.50 22.34 -8.56
N MET A 88 -49.44 21.52 -8.46
CA MET A 88 -49.24 20.74 -7.22
C MET A 88 -49.07 21.63 -5.99
N PHE A 89 -48.16 22.58 -6.15
CA PHE A 89 -47.75 23.43 -5.04
C PHE A 89 -48.88 24.36 -4.63
N ALA A 90 -49.79 24.65 -5.55
CA ALA A 90 -50.93 25.53 -5.26
C ALA A 90 -52.12 24.75 -4.68
N GLY A 91 -52.00 23.44 -4.54
CA GLY A 91 -53.10 22.66 -3.89
C GLY A 91 -54.22 22.36 -4.88
N GLU A 92 -53.95 22.40 -6.16
CA GLU A 92 -54.95 21.89 -7.13
C GLU A 92 -55.16 20.39 -6.99
N LYS A 93 -56.34 19.92 -7.35
CA LYS A 93 -56.62 18.50 -7.17
C LYS A 93 -56.09 17.65 -8.31
N ILE A 94 -54.77 17.55 -8.34
CA ILE A 94 -54.02 16.85 -9.39
C ILE A 94 -54.04 15.32 -9.32
N ASN A 95 -54.45 14.78 -8.16
CA ASN A 95 -54.75 13.33 -8.03
C ASN A 95 -56.15 13.16 -8.59
N PHE A 96 -56.16 12.97 -9.90
CA PHE A 96 -57.39 13.22 -10.66
C PHE A 96 -58.33 12.03 -10.58
N THR A 97 -57.82 10.85 -10.30
CA THR A 97 -58.76 9.69 -10.17
C THR A 97 -59.45 9.67 -8.81
N GLU A 98 -58.77 10.14 -7.78
CA GLU A 98 -59.30 10.25 -6.43
C GLU A 98 -59.89 11.67 -6.11
N ASP A 99 -59.75 12.59 -7.06
CA ASP A 99 -60.09 14.01 -6.94
C ASP A 99 -59.60 14.67 -5.63
N ARG A 100 -58.28 14.68 -5.43
CA ARG A 100 -57.66 15.10 -4.19
C ARG A 100 -56.47 15.95 -4.59
N ALA A 101 -56.12 16.86 -3.69
CA ALA A 101 -54.85 17.53 -3.77
C ALA A 101 -53.68 16.54 -3.45
N VAL A 102 -52.48 17.01 -3.76
CA VAL A 102 -51.23 16.29 -3.48
C VAL A 102 -50.29 17.25 -2.83
N LEU A 103 -50.22 17.17 -1.49
CA LEU A 103 -49.57 18.20 -0.73
C LEU A 103 -48.60 17.72 0.34
N HIS A 104 -47.81 16.70 0.02
CA HIS A 104 -46.65 16.45 0.87
C HIS A 104 -45.75 17.63 1.02
N VAL A 105 -45.67 18.51 0.01
CA VAL A 105 -44.85 19.68 0.18
C VAL A 105 -45.39 20.62 1.25
N ALA A 106 -46.69 20.60 1.50
CA ALA A 106 -47.22 21.39 2.61
C ALA A 106 -46.75 20.91 3.97
N LEU A 107 -46.32 19.66 4.07
CA LEU A 107 -45.97 19.13 5.37
C LEU A 107 -44.63 19.74 5.83
N ARG A 108 -43.84 20.18 4.85
CA ARG A 108 -42.56 20.78 5.09
C ARG A 108 -42.54 22.27 4.63
N ASN A 109 -43.67 22.91 4.65
CA ASN A 109 -43.83 24.34 4.24
C ASN A 109 -43.27 25.26 5.31
N ARG A 110 -41.93 25.33 5.39
CA ARG A 110 -41.28 26.00 6.49
C ARG A 110 -41.45 27.53 6.43
N GLN A 111 -41.76 28.07 5.26
CA GLN A 111 -42.12 29.52 5.13
C GLN A 111 -43.54 29.82 5.56
N ASN A 112 -44.33 28.80 5.89
CA ASN A 112 -45.73 28.97 6.27
C ASN A 112 -46.49 29.77 5.25
N ARG A 113 -46.25 29.52 3.97
CA ARG A 113 -47.09 30.18 2.94
C ARG A 113 -48.52 29.57 2.88
N PRO A 114 -49.48 30.40 2.56
CA PRO A 114 -50.81 29.87 2.66
C PRO A 114 -51.02 28.87 1.52
N ILE A 115 -51.59 27.74 1.87
CA ILE A 115 -51.94 26.75 0.87
C ILE A 115 -53.35 26.31 1.16
N MET A 116 -54.24 26.54 0.21
CA MET A 116 -55.67 26.35 0.46
C MET A 116 -56.18 24.98 0.03
N VAL A 117 -56.96 24.35 0.91
CA VAL A 117 -57.68 23.09 0.60
C VAL A 117 -59.09 23.28 1.20
N ASN A 118 -60.12 23.10 0.39
CA ASN A 118 -61.52 23.28 0.81
C ASN A 118 -61.67 24.63 1.50
N GLY A 119 -61.10 25.63 0.86
CA GLY A 119 -61.20 27.02 1.27
C GLY A 119 -60.50 27.46 2.51
N LYS A 120 -59.65 26.60 3.04
CA LYS A 120 -58.90 26.91 4.28
C LYS A 120 -57.40 26.65 4.12
N ASP A 121 -56.61 27.55 4.70
CA ASP A 121 -55.14 27.33 4.74
C ASP A 121 -54.85 26.06 5.60
N VAL A 122 -54.08 25.12 5.04
CA VAL A 122 -53.70 23.93 5.78
C VAL A 122 -52.54 24.15 6.72
N THR A 123 -51.82 25.27 6.60
CA THR A 123 -50.56 25.47 7.41
C THR A 123 -50.76 25.43 8.89
N PRO A 124 -51.88 26.05 9.41
CA PRO A 124 -52.05 25.94 10.82
C PRO A 124 -52.31 24.52 11.29
N ASP A 125 -52.98 23.71 10.45
CA ASP A 125 -53.24 22.33 10.82
C ASP A 125 -51.92 21.51 10.84
N VAL A 126 -51.09 21.74 9.80
CA VAL A 126 -49.81 21.08 9.70
C VAL A 126 -49.01 21.45 10.93
N ASN A 127 -48.96 22.75 11.22
CA ASN A 127 -48.10 23.19 12.33
C ASN A 127 -48.60 22.72 13.69
N ALA A 128 -49.92 22.59 13.84
CA ALA A 128 -50.50 22.09 15.07
C ALA A 128 -50.11 20.61 15.31
N VAL A 129 -50.14 19.78 14.28
CA VAL A 129 -49.68 18.41 14.42
C VAL A 129 -48.21 18.33 14.77
N LEU A 130 -47.43 19.17 14.10
CA LEU A 130 -46.01 19.24 14.47
C LEU A 130 -45.73 19.64 15.92
N ALA A 131 -46.46 20.64 16.41
CA ALA A 131 -46.33 21.02 17.80
C ALA A 131 -46.70 19.87 18.74
N HIS A 132 -47.70 19.07 18.39
CA HIS A 132 -48.12 17.91 19.20
C HIS A 132 -47.01 16.81 19.21
N MET A 133 -46.49 16.52 18.03
CA MET A 133 -45.35 15.61 17.87
C MET A 133 -44.16 16.09 18.73
N LYS A 134 -43.86 17.41 18.70
CA LYS A 134 -42.77 17.98 19.46
C LYS A 134 -43.00 17.79 20.98
N GLU A 135 -44.20 18.11 21.44
CA GLU A 135 -44.52 17.91 22.89
C GLU A 135 -44.43 16.43 23.33
N PHE A 136 -45.00 15.52 22.55
CA PHE A 136 -44.99 14.12 22.90
C PHE A 136 -43.56 13.58 22.89
N SER A 137 -42.82 13.95 21.86
CA SER A 137 -41.42 13.51 21.71
C SER A 137 -40.66 13.90 22.97
N THR A 138 -40.78 15.15 23.39
CA THR A 138 -40.06 15.59 24.58
C THR A 138 -40.48 14.79 25.81
N GLN A 139 -41.78 14.58 25.97
CA GLN A 139 -42.31 13.81 27.10
C GLN A 139 -41.72 12.41 27.14
N VAL A 140 -41.68 11.77 25.99
CA VAL A 140 -41.14 10.36 25.97
C VAL A 140 -39.63 10.34 26.20
N ILE A 141 -38.92 11.20 25.46
CA ILE A 141 -37.43 11.24 25.52
C ILE A 141 -36.93 11.59 26.94
N SER A 142 -37.58 12.56 27.58
CA SER A 142 -37.23 13.02 28.89
C SER A 142 -37.66 12.12 30.04
N GLY A 143 -38.54 11.15 29.78
CA GLY A 143 -38.98 10.27 30.89
C GLY A 143 -40.20 10.78 31.60
N ALA A 144 -40.75 11.90 31.17
CA ALA A 144 -41.97 12.42 31.71
C ALA A 144 -43.17 11.50 31.47
N TRP A 145 -43.24 10.98 30.25
CA TRP A 145 -44.21 9.96 29.89
C TRP A 145 -43.79 8.61 30.48
N LYS A 146 -44.63 8.05 31.35
CA LYS A 146 -44.24 6.84 32.04
C LYS A 146 -45.22 5.69 31.70
N GLY A 147 -44.70 4.45 31.77
CA GLY A 147 -45.42 3.22 31.55
C GLY A 147 -46.28 2.88 32.77
N TYR A 148 -46.96 1.73 32.72
CA TYR A 148 -48.01 1.42 33.68
C TYR A 148 -47.47 1.08 35.08
N THR A 149 -46.17 0.77 35.19
CA THR A 149 -45.54 0.64 36.48
C THR A 149 -44.69 1.87 36.82
N GLY A 150 -44.90 3.02 36.15
CA GLY A 150 -44.18 4.27 36.48
C GLY A 150 -42.76 4.42 35.93
N LYS A 151 -42.35 3.62 34.94
CA LYS A 151 -41.00 3.73 34.39
C LYS A 151 -40.94 4.49 33.07
N PRO A 152 -39.78 5.10 32.76
CA PRO A 152 -39.57 5.66 31.41
C PRO A 152 -39.61 4.61 30.32
N ILE A 153 -39.98 5.08 29.13
CA ILE A 153 -39.92 4.23 27.93
C ILE A 153 -38.50 4.03 27.49
N THR A 154 -38.18 2.80 27.05
CA THR A 154 -36.91 2.40 26.52
C THR A 154 -37.00 2.04 25.04
N ASP A 155 -38.19 1.65 24.57
CA ASP A 155 -38.35 1.03 23.24
C ASP A 155 -39.60 1.62 22.63
N VAL A 156 -39.52 1.96 21.34
CA VAL A 156 -40.61 2.42 20.55
C VAL A 156 -40.79 1.46 19.40
N ILE A 157 -42.03 1.05 19.20
CA ILE A 157 -42.34 0.00 18.18
C ILE A 157 -43.35 0.65 17.21
N ASN A 158 -42.93 0.94 15.98
CA ASN A 158 -43.84 1.37 14.96
C ASN A 158 -44.47 0.14 14.26
N ILE A 159 -45.78 0.14 14.08
CA ILE A 159 -46.55 -0.94 13.45
C ILE A 159 -47.32 -0.23 12.31
N GLY A 160 -47.05 -0.64 11.10
CA GLY A 160 -47.64 -0.03 9.94
C GLY A 160 -47.17 -0.81 8.71
N ILE A 161 -47.75 -0.51 7.58
CA ILE A 161 -47.37 -1.11 6.28
C ILE A 161 -47.11 -0.04 5.25
N GLY A 162 -46.40 -0.44 4.21
CA GLY A 162 -46.08 0.40 3.11
C GLY A 162 -45.51 1.69 3.54
N GLY A 163 -46.21 2.75 3.14
CA GLY A 163 -45.84 4.10 3.45
C GLY A 163 -45.75 4.40 4.95
N SER A 164 -46.42 3.61 5.79
CA SER A 164 -46.45 3.87 7.22
C SER A 164 -45.22 3.18 7.92
N ASP A 165 -44.41 2.45 7.13
CA ASP A 165 -43.30 1.66 7.61
C ASP A 165 -41.94 2.11 6.94
N LEU A 166 -41.89 2.01 5.61
CA LEU A 166 -40.61 2.15 4.89
C LEU A 166 -39.90 3.42 5.16
N GLY A 167 -40.66 4.52 5.20
CA GLY A 167 -40.05 5.85 5.37
C GLY A 167 -39.38 6.00 6.75
N PRO A 168 -40.19 5.84 7.82
CA PRO A 168 -39.63 5.80 9.16
C PRO A 168 -38.50 4.83 9.35
N LEU A 169 -38.55 3.63 8.77
CA LEU A 169 -37.47 2.62 8.92
C LEU A 169 -36.23 3.13 8.19
N MET A 170 -36.40 3.53 6.94
CA MET A 170 -35.27 3.99 6.16
C MET A 170 -34.55 5.20 6.79
N VAL A 171 -35.31 6.17 7.28
CA VAL A 171 -34.77 7.38 7.79
C VAL A 171 -34.11 7.20 9.15
N THR A 172 -34.74 6.38 10.01
CA THR A 172 -34.06 6.07 11.28
C THR A 172 -32.79 5.31 11.08
N GLU A 173 -32.75 4.38 10.12
CA GLU A 173 -31.48 3.72 9.85
C GLU A 173 -30.41 4.70 9.24
N ALA A 174 -30.87 5.59 8.35
CA ALA A 174 -29.98 6.57 7.68
C ALA A 174 -29.38 7.56 8.68
N LEU A 175 -30.15 7.94 9.70
CA LEU A 175 -29.76 9.01 10.64
C LEU A 175 -29.44 8.45 12.02
N LYS A 176 -29.08 7.17 12.07
CA LYS A 176 -28.65 6.56 13.30
C LYS A 176 -27.66 7.31 14.16
N PRO A 177 -26.67 8.04 13.55
CA PRO A 177 -25.73 8.78 14.39
C PRO A 177 -26.38 9.87 15.18
N TYR A 178 -27.58 10.28 14.79
CA TYR A 178 -28.28 11.34 15.49
C TYR A 178 -29.24 10.80 16.59
N ALA A 179 -29.24 9.49 16.82
CA ALA A 179 -30.18 8.91 17.76
C ALA A 179 -29.88 9.30 19.24
N ASN A 180 -30.93 9.37 20.01
CA ASN A 180 -30.80 9.44 21.47
C ASN A 180 -30.78 7.99 21.99
N HIS A 181 -31.27 7.77 23.24
CA HIS A 181 -31.10 6.47 23.92
C HIS A 181 -32.21 5.47 23.59
N LEU A 182 -33.28 5.94 22.98
CA LEU A 182 -34.44 5.11 22.64
C LEU A 182 -34.07 4.09 21.56
N LYS A 183 -34.60 2.87 21.74
CA LYS A 183 -34.48 1.87 20.71
C LYS A 183 -35.74 1.83 19.93
N VAL A 184 -35.62 1.70 18.62
CA VAL A 184 -36.76 1.73 17.71
C VAL A 184 -36.83 0.43 16.96
N HIS A 185 -38.07 0.03 16.73
CA HIS A 185 -38.40 -1.25 16.14
C HIS A 185 -39.50 -1.08 15.14
N PHE A 186 -39.48 -1.88 14.07
CA PHE A 186 -40.48 -1.69 13.01
C PHE A 186 -41.14 -3.00 12.65
N VAL A 187 -42.46 -3.04 12.81
CA VAL A 187 -43.24 -4.22 12.47
C VAL A 187 -44.13 -3.83 11.32
N SER A 188 -44.16 -4.64 10.27
CA SER A 188 -45.02 -4.40 9.11
C SER A 188 -45.62 -5.65 8.50
N ASN A 189 -44.85 -6.71 8.41
CA ASN A 189 -45.33 -7.91 7.78
C ASN A 189 -46.49 -8.46 8.61
N ILE A 190 -47.49 -8.96 7.89
CA ILE A 190 -48.52 -9.75 8.60
C ILE A 190 -47.91 -11.04 9.20
N ASP A 191 -46.92 -11.61 8.49
CA ASP A 191 -46.22 -12.78 8.99
C ASP A 191 -45.91 -12.55 10.47
N GLY A 192 -46.39 -13.48 11.30
CA GLY A 192 -46.26 -13.31 12.76
C GLY A 192 -44.82 -13.29 13.27
N THR A 193 -43.91 -13.85 12.48
CA THR A 193 -42.52 -13.69 12.75
C THR A 193 -42.08 -12.23 13.04
N HIS A 194 -42.64 -11.30 12.31
CA HIS A 194 -42.18 -9.97 12.38
C HIS A 194 -42.47 -9.37 13.74
N LEU A 195 -43.70 -9.48 14.17
CA LEU A 195 -44.04 -9.07 15.53
C LEU A 195 -43.35 -9.88 16.60
N ALA A 196 -43.40 -11.23 16.46
CA ALA A 196 -42.90 -12.12 17.50
C ALA A 196 -41.44 -11.83 17.83
N GLU A 197 -40.61 -11.54 16.81
CA GLU A 197 -39.17 -11.37 17.02
C GLU A 197 -38.96 -10.01 17.70
N VAL A 198 -39.86 -9.05 17.46
CA VAL A 198 -39.76 -7.77 18.22
C VAL A 198 -40.18 -7.95 19.70
N LEU A 199 -41.32 -8.61 19.93
CA LEU A 199 -41.90 -8.72 21.32
C LEU A 199 -40.90 -9.45 22.26
N LYS A 200 -40.18 -10.45 21.74
CA LYS A 200 -39.18 -11.17 22.55
C LYS A 200 -38.11 -10.21 23.08
N ARG A 201 -37.89 -9.05 22.49
CA ARG A 201 -36.85 -8.09 22.90
C ARG A 201 -37.36 -7.05 23.92
N LEU A 202 -38.63 -7.15 24.29
CA LEU A 202 -39.31 -6.04 24.96
C LEU A 202 -39.68 -6.35 26.42
N ASN A 203 -39.79 -5.28 27.22
CA ASN A 203 -40.38 -5.31 28.56
C ASN A 203 -41.65 -4.53 28.39
N PRO A 204 -42.80 -5.17 28.63
CA PRO A 204 -44.07 -4.45 28.50
C PRO A 204 -44.12 -3.16 29.29
N GLU A 205 -43.45 -3.12 30.45
CA GLU A 205 -43.52 -1.91 31.29
C GLU A 205 -42.91 -0.67 30.61
N THR A 206 -42.04 -0.89 29.63
CA THR A 206 -41.23 0.24 29.04
C THR A 206 -41.32 0.35 27.52
N ALA A 207 -42.33 -0.32 26.97
CA ALA A 207 -42.55 -0.36 25.52
C ALA A 207 -43.65 0.58 25.12
N LEU A 208 -43.40 1.38 24.09
CA LEU A 208 -44.40 2.26 23.49
C LEU A 208 -44.66 1.83 22.05
N PHE A 209 -45.92 1.48 21.77
CA PHE A 209 -46.35 1.14 20.42
C PHE A 209 -47.04 2.25 19.72
N ILE A 210 -46.65 2.43 18.46
CA ILE A 210 -47.20 3.46 17.59
C ILE A 210 -47.94 2.77 16.47
N ILE A 211 -49.26 2.89 16.44
CA ILE A 211 -50.06 2.18 15.44
C ILE A 211 -50.36 3.15 14.28
N ALA A 212 -49.74 2.91 13.14
CA ALA A 212 -49.76 3.87 12.01
C ALA A 212 -50.69 3.40 10.92
N SER A 213 -51.87 4.03 10.88
CA SER A 213 -52.99 3.65 9.95
C SER A 213 -54.06 4.72 9.98
N LYS A 214 -54.21 5.41 8.88
CA LYS A 214 -55.28 6.45 8.73
C LYS A 214 -56.68 6.00 9.06
N THR A 215 -57.05 4.85 8.48
CA THR A 215 -58.36 4.29 8.66
C THR A 215 -58.52 3.71 10.08
N PHE A 216 -57.36 3.25 10.61
CA PHE A 216 -57.31 2.43 11.76
C PHE A 216 -58.10 1.17 11.45
N THR A 217 -58.15 0.75 10.19
CA THR A 217 -58.75 -0.59 9.86
C THR A 217 -57.89 -1.46 8.91
N THR A 218 -56.73 -0.99 8.49
CA THR A 218 -55.87 -1.72 7.63
C THR A 218 -55.59 -3.15 8.16
N GLN A 219 -55.78 -4.20 7.34
CA GLN A 219 -55.78 -5.50 7.93
C GLN A 219 -54.51 -5.89 8.66
N GLU A 220 -53.41 -5.73 7.97
CA GLU A 220 -52.15 -6.21 8.51
C GLU A 220 -51.80 -5.38 9.75
N THR A 221 -51.94 -4.08 9.67
CA THR A 221 -51.52 -3.27 10.79
C THR A 221 -52.39 -3.50 12.04
N ILE A 222 -53.70 -3.58 11.82
CA ILE A 222 -54.63 -3.87 12.96
C ILE A 222 -54.44 -5.23 13.58
N THR A 223 -54.17 -6.23 12.76
CA THR A 223 -53.93 -7.54 13.29
C THR A 223 -52.68 -7.50 14.16
N ASN A 224 -51.62 -6.91 13.62
CA ASN A 224 -50.41 -6.76 14.41
C ASN A 224 -50.62 -5.97 15.70
N ALA A 225 -51.35 -4.87 15.56
CA ALA A 225 -51.65 -4.05 16.73
C ALA A 225 -52.43 -4.76 17.86
N THR A 226 -53.45 -5.49 17.47
CA THR A 226 -54.22 -6.28 18.41
C THR A 226 -53.44 -7.42 19.00
N SER A 227 -52.57 -8.10 18.22
CA SER A 227 -51.69 -9.08 18.77
C SER A 227 -50.71 -8.46 19.76
N ALA A 228 -50.24 -7.26 19.47
CA ALA A 228 -49.34 -6.57 20.36
C ALA A 228 -50.03 -6.23 21.71
N LYS A 229 -51.25 -5.78 21.57
CA LYS A 229 -52.10 -5.44 22.76
C LYS A 229 -52.37 -6.65 23.62
N THR A 230 -52.64 -7.79 22.98
CA THR A 230 -52.87 -9.03 23.70
C THR A 230 -51.68 -9.43 24.49
N TRP A 231 -50.48 -9.28 23.92
CA TRP A 231 -49.25 -9.60 24.63
C TRP A 231 -49.06 -8.67 25.80
N PHE A 232 -49.33 -7.41 25.54
CA PHE A 232 -49.17 -6.36 26.51
C PHE A 232 -50.03 -6.62 27.75
N LEU A 233 -51.33 -6.83 27.51
CA LEU A 233 -52.29 -7.19 28.59
C LEU A 233 -52.07 -8.52 29.33
N GLU A 234 -51.43 -9.51 28.71
CA GLU A 234 -50.96 -10.68 29.48
C GLU A 234 -50.04 -10.24 30.62
N ALA A 235 -49.22 -9.23 30.36
CA ALA A 235 -48.38 -8.65 31.43
C ALA A 235 -49.17 -7.72 32.35
N ALA A 236 -49.87 -6.76 31.76
CA ALA A 236 -50.37 -5.62 32.50
C ALA A 236 -51.73 -5.88 33.16
N LYS A 237 -52.49 -6.82 32.60
CA LYS A 237 -53.81 -7.24 33.10
C LYS A 237 -54.89 -6.15 33.00
N ASP A 238 -54.50 -4.91 33.09
CA ASP A 238 -55.45 -3.88 33.26
C ASP A 238 -55.64 -3.14 31.93
N PRO A 239 -56.87 -3.20 31.38
CA PRO A 239 -57.11 -2.57 30.11
C PRO A 239 -56.81 -1.08 30.11
N ALA A 240 -56.90 -0.42 31.27
CA ALA A 240 -56.69 1.01 31.34
C ALA A 240 -55.21 1.37 31.00
N ALA A 241 -54.33 0.40 31.21
CA ALA A 241 -52.87 0.59 31.00
C ALA A 241 -52.53 0.77 29.52
N VAL A 242 -53.44 0.38 28.60
CA VAL A 242 -53.18 0.42 27.15
C VAL A 242 -52.92 1.88 26.75
N SER A 243 -53.57 2.81 27.41
CA SER A 243 -53.45 4.23 27.07
C SER A 243 -52.08 4.83 27.43
N LYS A 244 -51.28 4.17 28.27
CA LYS A 244 -49.92 4.64 28.51
C LYS A 244 -48.91 4.03 27.53
N HIS A 245 -49.35 3.08 26.70
CA HIS A 245 -48.40 2.28 25.90
C HIS A 245 -48.74 2.20 24.42
N PHE A 246 -49.85 2.80 23.98
CA PHE A 246 -50.29 2.72 22.61
C PHE A 246 -50.74 4.08 22.19
N VAL A 247 -50.20 4.56 21.06
CA VAL A 247 -50.68 5.78 20.45
C VAL A 247 -50.90 5.50 18.97
N ALA A 248 -51.56 6.42 18.29
CA ALA A 248 -51.99 6.20 16.89
C ALA A 248 -51.66 7.33 16.01
N LEU A 249 -51.30 7.00 14.77
CA LEU A 249 -51.14 7.99 13.74
C LEU A 249 -52.25 7.69 12.78
N SER A 250 -53.29 8.52 12.86
CA SER A 250 -54.64 8.15 12.28
C SER A 250 -55.63 9.32 12.41
N THR A 251 -56.79 9.12 11.74
CA THR A 251 -57.97 10.02 11.65
C THR A 251 -59.20 9.46 12.38
N ASN A 252 -59.24 8.16 12.62
CA ASN A 252 -60.39 7.55 13.18
C ASN A 252 -60.45 7.47 14.73
N GLY A 253 -60.88 8.59 15.33
CA GLY A 253 -60.95 8.72 16.76
C GLY A 253 -61.82 7.69 17.47
N GLU A 254 -62.93 7.30 16.84
CA GLU A 254 -63.81 6.25 17.41
C GLU A 254 -63.06 4.93 17.57
N LYS A 255 -62.44 4.48 16.47
CA LYS A 255 -61.78 3.15 16.42
C LYS A 255 -60.56 3.12 17.31
N VAL A 256 -59.85 4.24 17.34
CA VAL A 256 -58.69 4.40 18.15
C VAL A 256 -59.00 4.34 19.66
N THR A 257 -60.00 5.15 20.01
CA THR A 257 -60.61 5.13 21.36
C THR A 257 -61.09 3.69 21.70
N ALA A 258 -61.75 3.00 20.78
CA ALA A 258 -62.30 1.62 21.05
C ALA A 258 -61.18 0.60 21.22
N PHE A 259 -60.01 0.88 20.61
CA PHE A 259 -58.88 -0.01 20.78
C PHE A 259 -58.27 0.20 22.17
N GLY A 260 -58.48 1.39 22.75
CA GLY A 260 -58.08 1.69 24.13
C GLY A 260 -57.00 2.80 24.23
N ILE A 261 -56.72 3.41 23.09
CA ILE A 261 -55.89 4.59 23.02
C ILE A 261 -56.69 5.85 23.37
N ASP A 262 -56.06 6.70 24.18
CA ASP A 262 -56.65 7.99 24.46
C ASP A 262 -56.63 8.78 23.12
N PRO A 263 -57.77 9.22 22.61
CA PRO A 263 -57.70 10.07 21.38
C PRO A 263 -56.85 11.39 21.50
N LYS A 264 -56.55 11.87 22.70
CA LYS A 264 -55.55 12.90 22.88
C LYS A 264 -54.20 12.45 22.25
N ASN A 265 -53.98 11.14 22.17
CA ASN A 265 -52.67 10.64 21.61
C ASN A 265 -52.87 10.07 20.19
N MET A 266 -53.76 10.69 19.43
CA MET A 266 -53.94 10.41 18.03
C MET A 266 -53.33 11.57 17.30
N PHE A 267 -52.36 11.29 16.46
CA PHE A 267 -51.63 12.30 15.67
C PHE A 267 -52.17 12.21 14.20
N GLY A 268 -52.84 13.26 13.75
CA GLY A 268 -53.62 13.18 12.48
C GLY A 268 -52.82 13.61 11.26
N PHE A 269 -53.31 13.20 10.10
CA PHE A 269 -52.84 13.76 8.80
C PHE A 269 -53.98 13.71 7.82
N TRP A 270 -53.72 13.94 6.54
CA TRP A 270 -54.81 14.44 5.66
C TRP A 270 -54.82 13.60 4.40
N ASP A 271 -55.97 13.59 3.70
CA ASP A 271 -56.08 12.78 2.49
C ASP A 271 -55.16 13.17 1.32
N TRP A 272 -54.64 14.39 1.38
CA TRP A 272 -53.65 14.88 0.46
C TRP A 272 -52.19 14.50 0.79
N VAL A 273 -52.02 13.67 1.80
CA VAL A 273 -50.69 13.05 2.09
C VAL A 273 -50.78 11.61 1.63
N GLY A 274 -50.18 11.30 0.49
CA GLY A 274 -50.04 9.93 0.09
C GLY A 274 -49.20 9.09 1.02
N GLY A 275 -49.59 7.84 1.24
CA GLY A 275 -48.77 6.98 2.14
C GLY A 275 -47.27 7.00 1.79
N ARG A 276 -46.97 6.81 0.53
CA ARG A 276 -45.54 6.72 0.10
C ARG A 276 -44.80 8.10 0.05
N TYR A 277 -45.49 9.18 0.43
CA TYR A 277 -45.03 10.55 0.64
C TYR A 277 -45.34 11.04 2.09
N SER A 278 -45.46 10.12 3.05
CA SER A 278 -45.99 10.49 4.35
C SER A 278 -45.04 10.64 5.47
N LEU A 279 -43.72 10.38 5.28
CA LEU A 279 -42.85 10.36 6.43
C LEU A 279 -42.69 11.73 7.04
N TRP A 280 -43.02 12.72 6.23
CA TRP A 280 -42.92 14.16 6.63
C TRP A 280 -44.05 14.61 7.56
N SER A 281 -45.16 13.85 7.63
CA SER A 281 -46.33 14.05 8.47
C SER A 281 -46.18 13.43 9.83
N ALA A 282 -47.28 13.37 10.57
CA ALA A 282 -47.42 12.54 11.79
C ALA A 282 -46.79 11.16 11.65
N ILE A 283 -46.84 10.60 10.45
CA ILE A 283 -46.22 9.30 10.19
C ILE A 283 -44.76 9.23 10.56
N GLY A 284 -44.09 10.37 10.56
CA GLY A 284 -42.69 10.42 11.07
C GLY A 284 -42.45 10.53 12.57
N LEU A 285 -43.48 10.23 13.34
CA LEU A 285 -43.37 10.35 14.82
C LEU A 285 -42.22 9.47 15.35
N SER A 286 -42.06 8.21 14.86
CA SER A 286 -40.98 7.38 15.34
C SER A 286 -39.61 7.99 14.98
N ILE A 287 -39.55 8.74 13.87
CA ILE A 287 -38.31 9.45 13.56
C ILE A 287 -38.06 10.52 14.63
N SER A 288 -39.03 11.39 14.88
CA SER A 288 -38.91 12.43 15.89
C SER A 288 -38.54 11.85 17.21
N LEU A 289 -39.16 10.74 17.59
CA LEU A 289 -38.79 10.13 18.87
C LEU A 289 -37.34 9.64 18.90
N TYR A 290 -36.86 9.08 17.80
CA TYR A 290 -35.52 8.46 17.78
C TYR A 290 -34.38 9.44 17.71
N ILE A 291 -34.52 10.48 16.88
CA ILE A 291 -33.45 11.47 16.70
C ILE A 291 -33.80 12.85 17.28
N GLY A 292 -34.94 12.98 17.91
CA GLY A 292 -35.39 14.22 18.45
C GLY A 292 -36.14 15.07 17.42
N PHE A 293 -37.07 15.88 17.89
CA PHE A 293 -37.86 16.73 17.04
C PHE A 293 -37.02 17.73 16.31
N GLU A 294 -35.98 18.32 17.00
CA GLU A 294 -35.22 19.37 16.30
C GLU A 294 -34.54 18.75 15.03
N ASN A 295 -34.06 17.52 15.13
CA ASN A 295 -33.54 16.84 13.94
C ASN A 295 -34.58 16.46 12.89
N PHE A 296 -35.77 16.08 13.35
CA PHE A 296 -36.88 15.86 12.45
C PHE A 296 -37.23 17.18 11.70
N GLU A 297 -37.19 18.31 12.40
CA GLU A 297 -37.37 19.56 11.73
C GLU A 297 -36.27 19.83 10.70
N LYS A 298 -35.01 19.53 10.98
CA LYS A 298 -33.97 19.73 9.96
C LYS A 298 -34.21 18.87 8.71
N LEU A 299 -34.75 17.67 8.92
CA LEU A 299 -35.14 16.78 7.77
C LEU A 299 -36.21 17.52 6.92
N LEU A 300 -37.21 18.11 7.62
CA LEU A 300 -38.23 18.94 6.91
C LEU A 300 -37.64 20.13 6.17
N ASP A 301 -36.63 20.76 6.82
CA ASP A 301 -35.97 21.91 6.24
C ASP A 301 -35.27 21.55 4.95
N GLY A 302 -34.61 20.38 4.98
CA GLY A 302 -33.89 19.89 3.77
C GLY A 302 -34.88 19.68 2.62
N ALA A 303 -35.99 19.04 2.94
CA ALA A 303 -37.02 18.79 1.95
C ALA A 303 -37.55 20.13 1.38
N ASN A 304 -37.83 21.07 2.24
CA ASN A 304 -38.27 22.38 1.83
C ASN A 304 -37.27 23.11 0.97
N PHE A 305 -36.00 23.02 1.32
CA PHE A 305 -34.93 23.55 0.46
C PHE A 305 -35.01 23.01 -0.98
N MET A 306 -35.18 21.66 -1.11
CA MET A 306 -35.26 21.03 -2.40
C MET A 306 -36.54 21.41 -3.13
N ASP A 307 -37.61 21.58 -2.37
CA ASP A 307 -38.90 21.98 -2.98
C ASP A 307 -38.72 23.37 -3.65
N ASN A 308 -38.02 24.25 -2.96
CA ASN A 308 -37.70 25.61 -3.48
C ASN A 308 -36.79 25.58 -4.72
N HIS A 309 -35.80 24.74 -4.71
CA HIS A 309 -34.97 24.51 -5.87
C HIS A 309 -35.87 24.05 -7.03
N PHE A 310 -36.73 23.04 -6.79
CA PHE A 310 -37.56 22.52 -7.87
C PHE A 310 -38.48 23.57 -8.50
N CYS A 311 -38.94 24.48 -7.66
CA CYS A 311 -39.83 25.56 -8.05
C CYS A 311 -39.10 26.72 -8.75
N THR A 312 -37.90 27.05 -8.32
CA THR A 312 -37.24 28.26 -8.83
C THR A 312 -36.18 28.06 -9.90
N ALA A 313 -35.53 26.88 -9.98
CA ALA A 313 -34.46 26.61 -10.88
C ALA A 313 -35.04 26.44 -12.31
N PRO A 314 -34.42 27.10 -13.30
CA PRO A 314 -34.82 26.87 -14.69
C PRO A 314 -34.55 25.40 -15.06
N LEU A 315 -35.28 24.91 -16.03
CA LEU A 315 -35.23 23.45 -16.32
C LEU A 315 -33.82 22.91 -16.54
N GLU A 316 -32.97 23.67 -17.22
CA GLU A 316 -31.61 23.19 -17.55
C GLU A 316 -30.72 23.18 -16.35
N LYS A 317 -31.19 23.66 -15.18
CA LYS A 317 -30.45 23.63 -13.95
C LYS A 317 -31.26 23.12 -12.77
N ASN A 318 -32.26 22.25 -13.08
CA ASN A 318 -33.20 21.81 -12.14
C ASN A 318 -32.98 20.33 -11.93
N ALA A 319 -32.47 19.97 -10.76
CA ALA A 319 -32.01 18.56 -10.52
C ALA A 319 -33.09 17.51 -10.70
N PRO A 320 -34.28 17.72 -10.11
CA PRO A 320 -35.27 16.68 -10.35
C PRO A 320 -35.66 16.53 -11.80
N VAL A 321 -35.75 17.65 -12.53
CA VAL A 321 -36.11 17.56 -13.94
C VAL A 321 -35.08 16.82 -14.74
N ILE A 322 -33.82 17.12 -14.48
CA ILE A 322 -32.78 16.52 -15.28
C ILE A 322 -32.75 15.02 -15.00
N LEU A 323 -32.88 14.66 -13.75
CA LEU A 323 -32.95 13.21 -13.45
C LEU A 323 -34.15 12.56 -14.13
N ALA A 324 -35.30 13.19 -14.10
CA ALA A 324 -36.51 12.66 -14.74
C ALA A 324 -36.33 12.42 -16.22
N LEU A 325 -35.74 13.42 -16.86
CA LEU A 325 -35.46 13.38 -18.30
C LEU A 325 -34.49 12.29 -18.67
N LEU A 326 -33.41 12.11 -17.90
CA LEU A 326 -32.47 11.02 -18.16
C LEU A 326 -33.17 9.64 -18.07
N GLY A 327 -34.03 9.50 -17.04
CA GLY A 327 -34.78 8.23 -16.92
C GLY A 327 -35.70 7.96 -18.10
N VAL A 328 -36.30 9.03 -18.62
CA VAL A 328 -37.17 8.88 -19.76
C VAL A 328 -36.36 8.48 -20.99
N TRP A 329 -35.16 9.08 -21.09
CA TRP A 329 -34.28 8.79 -22.19
C TRP A 329 -33.92 7.31 -22.25
N TYR A 330 -33.48 6.77 -21.12
CA TYR A 330 -33.08 5.37 -21.05
C TYR A 330 -34.29 4.43 -21.14
N GLY A 331 -35.36 4.81 -20.48
CA GLY A 331 -36.55 3.99 -20.37
C GLY A 331 -37.40 3.95 -21.64
N ASN A 332 -37.73 5.10 -22.20
CA ASN A 332 -38.60 5.16 -23.36
C ASN A 332 -37.93 5.06 -24.67
N PHE A 333 -36.66 5.44 -24.75
CA PHE A 333 -35.94 5.35 -26.06
C PHE A 333 -34.97 4.17 -26.12
N TYR A 334 -34.10 4.01 -25.12
CA TYR A 334 -33.26 2.81 -25.05
C TYR A 334 -33.93 1.54 -24.52
N GLY A 335 -35.12 1.66 -23.94
CA GLY A 335 -35.84 0.52 -23.51
C GLY A 335 -35.38 -0.12 -22.25
N ALA A 336 -34.53 0.56 -21.48
CA ALA A 336 -34.08 -0.09 -20.27
C ALA A 336 -35.26 -0.23 -19.28
N GLU A 337 -35.46 -1.41 -18.69
CA GLU A 337 -36.53 -1.62 -17.70
C GLU A 337 -36.20 -1.18 -16.31
N THR A 338 -34.93 -1.01 -15.94
CA THR A 338 -34.61 -0.84 -14.52
C THR A 338 -33.75 0.39 -14.27
N HIS A 339 -33.65 0.74 -13.00
CA HIS A 339 -32.85 1.88 -12.56
C HIS A 339 -32.37 1.53 -11.17
N ALA A 340 -31.04 1.65 -10.96
CA ALA A 340 -30.43 1.24 -9.69
C ALA A 340 -29.98 2.41 -8.82
N LEU A 341 -30.23 2.27 -7.53
CA LEU A 341 -29.85 3.28 -6.54
C LEU A 341 -28.77 2.64 -5.67
N LEU A 342 -27.56 3.26 -5.70
CA LEU A 342 -26.37 2.64 -5.12
C LEU A 342 -25.69 3.67 -4.21
N PRO A 343 -26.25 3.87 -2.99
CA PRO A 343 -25.56 4.72 -2.03
C PRO A 343 -24.35 4.05 -1.40
N TYR A 344 -23.18 4.73 -1.48
CA TYR A 344 -21.99 4.21 -0.86
C TYR A 344 -21.99 4.63 0.63
N ASP A 345 -22.91 4.07 1.38
CA ASP A 345 -23.21 4.45 2.79
C ASP A 345 -24.11 3.38 3.40
N GLN A 346 -23.54 2.65 4.33
CA GLN A 346 -24.23 1.53 4.93
C GLN A 346 -25.49 2.00 5.72
N TYR A 347 -25.45 3.20 6.31
CA TYR A 347 -26.62 3.64 7.04
C TYR A 347 -27.86 3.72 6.08
N LEU A 348 -27.60 4.11 4.84
CA LEU A 348 -28.59 4.24 3.76
C LEU A 348 -28.90 2.90 3.15
N HIS A 349 -28.67 1.80 3.87
CA HIS A 349 -29.01 0.49 3.36
C HIS A 349 -30.46 0.24 2.94
N ARG A 350 -31.42 1.04 3.41
CA ARG A 350 -32.80 0.85 3.01
C ARG A 350 -33.28 1.96 2.08
N PHE A 351 -32.38 2.78 1.56
CA PHE A 351 -32.78 3.85 0.65
C PHE A 351 -33.37 3.37 -0.65
N ALA A 352 -32.74 2.34 -1.20
CA ALA A 352 -33.24 1.81 -2.46
C ALA A 352 -34.58 1.16 -2.29
N ALA A 353 -34.79 0.44 -1.18
CA ALA A 353 -36.08 -0.16 -0.90
C ALA A 353 -37.16 0.90 -0.73
N TYR A 354 -36.82 2.01 -0.13
CA TYR A 354 -37.78 3.06 0.08
C TYR A 354 -38.27 3.60 -1.28
N PHE A 355 -37.33 3.85 -2.19
CA PHE A 355 -37.72 4.31 -3.53
C PHE A 355 -38.26 3.32 -4.48
N GLN A 356 -38.02 2.05 -4.18
CA GLN A 356 -38.69 1.02 -4.86
C GLN A 356 -40.18 1.17 -4.68
N GLN A 357 -40.70 1.49 -3.48
CA GLN A 357 -41.99 1.95 -3.27
C GLN A 357 -42.39 3.36 -3.81
N GLY A 358 -41.60 4.40 -3.51
CA GLY A 358 -41.97 5.76 -3.89
C GLY A 358 -42.06 5.85 -5.41
N ASP A 359 -41.17 5.16 -6.12
CA ASP A 359 -41.12 5.26 -7.57
C ASP A 359 -42.10 4.30 -8.16
N MET A 360 -41.99 3.02 -7.85
CA MET A 360 -42.78 2.03 -8.57
C MET A 360 -44.32 2.08 -8.31
N GLU A 361 -44.70 2.28 -7.05
CA GLU A 361 -46.11 2.42 -6.70
C GLU A 361 -46.68 3.74 -7.28
N SER A 362 -45.86 4.76 -7.45
CA SER A 362 -46.31 6.00 -8.10
C SER A 362 -46.47 5.85 -9.60
N ASN A 363 -45.46 5.33 -10.28
CA ASN A 363 -45.41 5.43 -11.72
C ASN A 363 -45.59 4.08 -12.43
N GLY A 364 -45.86 3.02 -11.68
CA GLY A 364 -46.23 1.69 -12.27
C GLY A 364 -47.67 1.72 -12.69
N LYS A 365 -47.91 2.50 -13.74
CA LYS A 365 -49.25 2.83 -14.22
C LYS A 365 -49.37 2.67 -15.72
N TYR A 366 -50.61 2.55 -16.17
CA TYR A 366 -50.82 2.36 -17.60
C TYR A 366 -52.01 3.15 -18.24
N VAL A 367 -52.79 3.84 -17.41
CA VAL A 367 -53.89 4.65 -17.88
C VAL A 367 -53.64 6.13 -17.73
N THR A 368 -53.86 6.82 -18.81
CA THR A 368 -53.56 8.25 -18.84
C THR A 368 -54.74 9.06 -18.26
N ARG A 369 -54.51 10.35 -18.10
CA ARG A 369 -55.55 11.22 -17.60
C ARG A 369 -56.81 11.16 -18.47
N SER A 370 -56.67 10.95 -19.78
CA SER A 370 -57.84 10.85 -20.67
C SER A 370 -58.52 9.46 -20.60
N GLY A 371 -58.02 8.53 -19.79
CA GLY A 371 -58.55 7.20 -19.72
C GLY A 371 -57.99 6.26 -20.78
N ALA A 372 -57.04 6.68 -21.57
CA ALA A 372 -56.48 5.81 -22.59
C ALA A 372 -55.39 4.92 -22.01
N THR A 373 -55.14 3.79 -22.63
CA THR A 373 -54.04 2.97 -22.20
C THR A 373 -52.80 3.41 -22.95
N VAL A 374 -51.71 3.55 -22.21
CA VAL A 374 -50.42 3.91 -22.83
C VAL A 374 -49.92 2.86 -23.80
N ASP A 375 -49.20 3.33 -24.82
CA ASP A 375 -48.50 2.48 -25.77
C ASP A 375 -46.99 2.78 -25.67
N TYR A 376 -46.52 3.13 -24.47
CA TYR A 376 -45.11 3.44 -24.22
C TYR A 376 -44.83 2.99 -22.80
N SER A 377 -43.56 2.81 -22.49
CA SER A 377 -43.09 2.44 -21.15
C SER A 377 -43.36 3.50 -20.08
N THR A 378 -43.72 3.07 -18.85
CA THR A 378 -43.81 4.01 -17.71
C THR A 378 -42.76 3.64 -16.69
N GLY A 379 -43.09 3.54 -15.39
CA GLY A 379 -42.04 3.45 -14.40
C GLY A 379 -41.18 2.22 -14.53
N PRO A 380 -39.86 2.34 -14.24
CA PRO A 380 -38.91 1.19 -14.19
C PRO A 380 -39.00 0.38 -12.91
N VAL A 381 -38.37 -0.81 -12.95
CA VAL A 381 -38.11 -1.55 -11.74
C VAL A 381 -36.92 -0.83 -11.11
N VAL A 382 -37.16 -0.32 -9.90
CA VAL A 382 -36.11 0.35 -9.07
C VAL A 382 -35.53 -0.68 -8.07
N TRP A 383 -34.19 -0.66 -7.90
CA TRP A 383 -33.57 -1.70 -7.04
C TRP A 383 -32.19 -1.23 -6.67
N GLY A 384 -31.52 -1.98 -5.80
CA GLY A 384 -30.16 -1.59 -5.40
C GLY A 384 -29.81 -2.08 -4.00
N GLU A 385 -28.52 -1.96 -3.68
CA GLU A 385 -27.96 -2.23 -2.37
C GLU A 385 -26.81 -1.23 -2.18
N PRO A 386 -26.51 -0.88 -0.93
CA PRO A 386 -25.48 0.10 -0.76
C PRO A 386 -24.12 -0.45 -1.18
N GLY A 387 -23.23 0.43 -1.68
CA GLY A 387 -21.86 0.07 -1.88
C GLY A 387 -21.10 0.05 -0.54
N THR A 388 -20.06 -0.76 -0.44
CA THR A 388 -19.61 -1.68 -1.48
C THR A 388 -20.36 -3.05 -1.49
N ASN A 389 -21.36 -3.26 -0.66
CA ASN A 389 -22.04 -4.60 -0.62
C ASN A 389 -22.56 -4.98 -2.01
N GLY A 390 -23.31 -4.10 -2.67
CA GLY A 390 -23.83 -4.49 -4.03
C GLY A 390 -22.77 -4.65 -5.06
N GLN A 391 -21.72 -3.88 -4.87
CA GLN A 391 -20.59 -3.96 -5.69
C GLN A 391 -20.04 -5.34 -5.74
N HIS A 392 -20.00 -6.03 -4.60
CA HIS A 392 -19.52 -7.45 -4.57
C HIS A 392 -20.61 -8.57 -4.74
N ALA A 393 -21.81 -8.17 -5.05
CA ALA A 393 -22.90 -9.06 -5.34
C ALA A 393 -23.20 -9.08 -6.84
N PHE A 394 -23.53 -7.97 -7.48
CA PHE A 394 -24.18 -8.01 -8.77
C PHE A 394 -23.52 -7.12 -9.84
N TYR A 395 -22.45 -6.42 -9.48
CA TYR A 395 -21.86 -5.55 -10.45
C TYR A 395 -21.24 -6.25 -11.65
N GLN A 396 -20.89 -7.52 -11.49
CA GLN A 396 -20.47 -8.33 -12.68
C GLN A 396 -21.46 -8.16 -13.84
N LEU A 397 -22.76 -8.14 -13.56
CA LEU A 397 -23.75 -8.05 -14.58
C LEU A 397 -23.89 -6.60 -15.08
N VAL A 398 -23.73 -5.64 -14.20
CA VAL A 398 -23.81 -4.21 -14.62
C VAL A 398 -22.65 -3.98 -15.56
N HIS A 399 -21.49 -4.55 -15.28
CA HIS A 399 -20.29 -4.35 -16.17
C HIS A 399 -20.29 -5.19 -17.43
N GLN A 400 -20.69 -6.47 -17.33
CA GLN A 400 -20.42 -7.40 -18.46
C GLN A 400 -21.61 -8.27 -18.82
N GLY A 401 -22.78 -7.82 -18.40
CA GLY A 401 -23.98 -8.46 -18.83
C GLY A 401 -24.54 -7.89 -20.16
N THR A 402 -25.80 -8.19 -20.47
CA THR A 402 -26.43 -7.79 -21.76
C THR A 402 -27.41 -6.65 -21.54
N ARG A 403 -27.36 -6.04 -20.34
CA ARG A 403 -28.39 -5.10 -19.93
C ARG A 403 -27.89 -3.70 -19.78
N LEU A 404 -28.67 -2.73 -20.22
CA LEU A 404 -28.45 -1.33 -19.88
C LEU A 404 -29.16 -0.97 -18.57
N ILE A 405 -28.37 -0.61 -17.56
CA ILE A 405 -28.88 -0.34 -16.24
C ILE A 405 -28.29 0.99 -15.82
N PRO A 406 -29.05 2.09 -16.05
CA PRO A 406 -28.63 3.33 -15.47
C PRO A 406 -28.53 3.21 -13.95
N CYS A 407 -27.50 3.82 -13.36
CA CYS A 407 -27.29 3.76 -11.90
C CYS A 407 -27.05 5.14 -11.31
N ASP A 408 -27.66 5.42 -10.17
CA ASP A 408 -27.31 6.56 -9.35
C ASP A 408 -26.39 6.13 -8.20
N PHE A 409 -25.15 6.68 -8.17
CA PHE A 409 -24.10 6.39 -7.17
C PHE A 409 -24.15 7.62 -6.28
N LEU A 410 -24.25 7.42 -4.98
CA LEU A 410 -24.27 8.50 -4.03
C LEU A 410 -23.18 8.29 -2.94
N ALA A 411 -22.56 9.38 -2.47
CA ALA A 411 -21.64 9.28 -1.41
C ALA A 411 -21.51 10.61 -0.64
N PRO A 412 -21.09 10.54 0.62
CA PRO A 412 -20.67 11.71 1.37
C PRO A 412 -19.12 11.89 1.42
N ALA A 413 -18.71 13.13 1.46
CA ALA A 413 -17.30 13.42 1.66
C ALA A 413 -16.81 12.99 3.01
N GLN A 414 -17.68 13.07 4.01
CA GLN A 414 -17.35 12.78 5.37
C GLN A 414 -18.17 11.66 5.91
N THR A 415 -17.56 10.85 6.74
CA THR A 415 -18.24 9.77 7.44
C THR A 415 -18.52 10.15 8.89
N HIS A 416 -19.58 9.59 9.47
CA HIS A 416 -19.81 9.69 10.91
C HIS A 416 -18.99 8.73 11.70
N ASN A 417 -18.33 7.81 11.05
CA ASN A 417 -17.54 6.77 11.68
C ASN A 417 -16.11 6.64 11.10
N PRO A 418 -15.28 7.63 11.39
CA PRO A 418 -13.93 7.72 10.80
C PRO A 418 -12.90 6.79 11.48
N ILE A 419 -13.25 5.53 11.62
CA ILE A 419 -12.41 4.52 12.25
C ILE A 419 -11.08 4.33 11.53
N ALA A 420 -10.05 3.91 12.28
CA ALA A 420 -8.71 3.67 11.68
C ALA A 420 -8.20 4.93 10.96
N ASN A 421 -8.32 6.07 11.65
CA ASN A 421 -7.87 7.35 11.15
C ASN A 421 -8.38 7.67 9.74
N GLY A 422 -9.61 7.28 9.42
CA GLY A 422 -10.19 7.63 8.12
C GLY A 422 -9.92 6.66 7.00
N ALA A 423 -9.17 5.59 7.27
CA ALA A 423 -8.68 4.74 6.23
C ALA A 423 -9.88 4.04 5.48
N HIS A 424 -10.92 3.70 6.22
CA HIS A 424 -12.02 2.95 5.58
C HIS A 424 -12.76 3.87 4.59
N HIS A 425 -12.92 5.11 4.98
CA HIS A 425 -13.67 6.06 4.12
C HIS A 425 -12.94 6.37 2.85
N LYS A 426 -11.61 6.54 2.89
CA LYS A 426 -10.87 6.69 1.64
C LYS A 426 -11.09 5.56 0.67
N ILE A 427 -11.00 4.33 1.17
CA ILE A 427 -11.20 3.16 0.29
C ILE A 427 -12.67 3.13 -0.25
N LEU A 428 -13.63 3.41 0.63
CA LEU A 428 -15.02 3.48 0.22
C LEU A 428 -15.19 4.50 -0.95
N LEU A 429 -14.65 5.72 -0.81
CA LEU A 429 -14.77 6.75 -1.87
C LEU A 429 -14.05 6.37 -3.16
N ALA A 430 -12.89 5.72 -3.03
CA ALA A 430 -12.11 5.28 -4.22
C ALA A 430 -12.94 4.32 -5.03
N ASN A 431 -13.71 3.47 -4.36
CA ASN A 431 -14.58 2.53 -5.06
C ASN A 431 -15.80 3.25 -5.70
N PHE A 432 -16.42 4.11 -4.93
CA PHE A 432 -17.47 5.03 -5.43
C PHE A 432 -17.11 5.69 -6.79
N LEU A 433 -15.92 6.30 -6.83
CA LEU A 433 -15.37 6.93 -7.99
C LEU A 433 -14.99 5.98 -9.09
N ALA A 434 -14.29 4.88 -8.74
CA ALA A 434 -13.71 4.01 -9.71
C ALA A 434 -14.80 3.25 -10.44
N GLN A 435 -15.93 3.00 -9.78
CA GLN A 435 -16.91 2.13 -10.44
C GLN A 435 -17.63 2.86 -11.58
N THR A 436 -17.88 4.14 -11.34
CA THR A 436 -18.52 4.94 -12.34
C THR A 436 -17.53 5.20 -13.47
N GLU A 437 -16.27 5.39 -13.12
CA GLU A 437 -15.19 5.57 -14.10
C GLU A 437 -15.14 4.34 -14.99
N ALA A 438 -15.15 3.17 -14.38
CA ALA A 438 -15.08 1.89 -15.05
C ALA A 438 -16.22 1.64 -15.97
N LEU A 439 -17.43 1.89 -15.50
CA LEU A 439 -18.59 1.71 -16.30
C LEU A 439 -18.62 2.59 -17.55
N MET A 440 -18.13 3.85 -17.42
CA MET A 440 -18.03 4.75 -18.54
C MET A 440 -16.93 4.33 -19.53
N LYS A 441 -15.73 4.07 -19.03
CA LYS A 441 -14.56 4.01 -19.85
C LYS A 441 -14.31 2.63 -20.45
N GLY A 442 -14.75 1.60 -19.75
CA GLY A 442 -14.46 0.24 -20.10
C GLY A 442 -12.99 -0.04 -20.28
N LYS A 443 -12.67 -1.05 -21.07
CA LYS A 443 -11.30 -1.55 -21.30
C LYS A 443 -11.38 -2.28 -22.62
N THR A 444 -10.72 -1.73 -23.65
CA THR A 444 -10.81 -2.22 -25.00
C THR A 444 -10.03 -3.55 -25.14
N ASP A 445 -10.25 -4.22 -26.28
CA ASP A 445 -9.37 -5.37 -26.66
C ASP A 445 -7.87 -5.01 -26.60
N ALA A 446 -7.53 -3.93 -27.24
CA ALA A 446 -6.13 -3.44 -27.25
C ALA A 446 -5.61 -3.26 -25.84
N GLU A 447 -6.38 -2.60 -24.97
CA GLU A 447 -5.89 -2.37 -23.59
C GLU A 447 -5.73 -3.66 -22.82
N ALA A 448 -6.68 -4.59 -22.95
CA ALA A 448 -6.59 -5.82 -22.21
C ALA A 448 -5.46 -6.65 -22.75
N LYS A 449 -5.26 -6.57 -24.06
CA LYS A 449 -4.22 -7.42 -24.67
C LYS A 449 -2.88 -6.88 -24.17
N ALA A 450 -2.70 -5.57 -24.21
CA ALA A 450 -1.42 -4.96 -23.79
C ALA A 450 -1.09 -5.35 -22.36
N GLU A 451 -2.10 -5.41 -21.48
CA GLU A 451 -1.92 -5.91 -20.08
C GLU A 451 -1.50 -7.35 -20.02
N LEU A 452 -2.20 -8.19 -20.76
CA LEU A 452 -1.81 -9.59 -20.81
C LEU A 452 -0.37 -9.82 -21.36
N GLU A 453 0.05 -9.05 -22.33
CA GLU A 453 1.45 -9.16 -22.85
C GLU A 453 2.43 -8.74 -21.75
N LYS A 454 2.15 -7.59 -21.14
CA LYS A 454 3.08 -6.98 -20.18
C LYS A 454 3.17 -7.83 -18.94
N SER A 455 2.16 -8.64 -18.69
CA SER A 455 2.21 -9.67 -17.66
C SER A 455 2.98 -10.92 -18.06
N GLY A 456 3.39 -11.04 -19.32
CA GLY A 456 4.12 -12.22 -19.77
C GLY A 456 3.33 -13.48 -20.07
N MET A 457 2.07 -13.37 -20.45
CA MET A 457 1.31 -14.54 -20.88
C MET A 457 1.65 -14.87 -22.36
N ALA A 458 1.70 -16.17 -22.70
CA ALA A 458 2.03 -16.58 -24.07
C ALA A 458 0.87 -16.22 -25.04
N PRO A 459 1.14 -16.19 -26.36
CA PRO A 459 0.03 -15.77 -27.27
C PRO A 459 -1.26 -16.60 -27.24
N GLU A 460 -1.12 -17.92 -27.14
CA GLU A 460 -2.29 -18.80 -27.18
C GLU A 460 -3.14 -18.66 -25.94
N ALA A 461 -2.50 -18.54 -24.77
CA ALA A 461 -3.26 -18.40 -23.55
C ALA A 461 -3.98 -17.04 -23.60
N ILE A 462 -3.31 -16.02 -24.16
CA ILE A 462 -3.85 -14.67 -24.24
C ILE A 462 -5.10 -14.71 -25.12
N ALA A 463 -4.98 -15.31 -26.31
CA ALA A 463 -6.19 -15.52 -27.18
C ALA A 463 -7.35 -16.12 -26.44
N LYS A 464 -7.10 -17.10 -25.58
CA LYS A 464 -8.21 -17.84 -24.95
C LYS A 464 -8.96 -16.94 -23.99
N ILE A 465 -8.24 -16.13 -23.26
CA ILE A 465 -8.82 -15.42 -22.15
C ILE A 465 -9.28 -14.00 -22.58
N LEU A 466 -8.60 -13.43 -23.59
CA LEU A 466 -8.78 -12.03 -23.94
C LEU A 466 -10.26 -11.53 -24.01
N PRO A 467 -11.13 -12.24 -24.70
CA PRO A 467 -12.50 -11.64 -24.91
C PRO A 467 -13.20 -11.44 -23.60
N HIS A 468 -12.91 -12.31 -22.64
CA HIS A 468 -13.49 -12.25 -21.31
C HIS A 468 -13.01 -11.12 -20.44
N LYS A 469 -11.90 -10.49 -20.85
CA LYS A 469 -11.31 -9.38 -20.14
C LYS A 469 -11.69 -7.98 -20.71
N VAL A 470 -12.49 -7.94 -21.74
CA VAL A 470 -12.88 -6.71 -22.40
C VAL A 470 -14.12 -6.20 -21.71
N PHE A 471 -14.16 -4.89 -21.46
CA PHE A 471 -15.35 -4.21 -20.83
C PHE A 471 -15.81 -3.21 -21.89
N LYS A 472 -17.05 -3.33 -22.37
CA LYS A 472 -17.50 -2.50 -23.46
C LYS A 472 -17.70 -1.03 -23.00
N GLY A 473 -17.92 -0.83 -21.70
CA GLY A 473 -18.15 0.51 -21.14
C GLY A 473 -19.40 1.16 -21.70
N ASN A 474 -19.41 2.48 -21.82
CA ASN A 474 -20.51 3.28 -22.30
C ASN A 474 -21.77 3.06 -21.47
N ARG A 475 -21.59 2.71 -20.17
CA ARG A 475 -22.70 2.47 -19.29
C ARG A 475 -22.90 3.68 -18.38
N PRO A 476 -24.14 4.23 -18.36
CA PRO A 476 -24.33 5.58 -17.80
C PRO A 476 -24.55 5.52 -16.30
N THR A 477 -24.08 6.55 -15.62
CA THR A 477 -24.28 6.76 -14.25
C THR A 477 -24.49 8.23 -13.96
N ASN A 478 -25.21 8.49 -12.86
CA ASN A 478 -25.19 9.76 -12.15
C ASN A 478 -24.41 9.56 -10.89
N SER A 479 -23.66 10.60 -10.46
CA SER A 479 -23.01 10.59 -9.19
C SER A 479 -23.49 11.76 -8.40
N ILE A 480 -23.92 11.47 -7.18
CA ILE A 480 -24.41 12.48 -6.26
C ILE A 480 -23.57 12.52 -5.00
N VAL A 481 -23.02 13.69 -4.73
CA VAL A 481 -22.15 13.90 -3.61
C VAL A 481 -22.62 14.96 -2.66
N VAL A 482 -22.61 14.62 -1.38
CA VAL A 482 -22.86 15.62 -0.34
C VAL A 482 -21.66 15.73 0.56
N LYS A 483 -21.65 16.78 1.37
CA LYS A 483 -20.59 16.90 2.30
C LYS A 483 -20.70 15.78 3.37
N LYS A 484 -21.92 15.55 3.85
CA LYS A 484 -22.12 14.55 4.86
C LYS A 484 -23.61 14.25 4.78
N PHE A 485 -24.01 13.04 5.13
CA PHE A 485 -25.43 12.76 5.25
C PHE A 485 -25.92 13.18 6.64
N THR A 486 -26.71 14.24 6.64
CA THR A 486 -27.27 14.84 7.83
C THR A 486 -28.80 14.83 7.63
N PRO A 487 -29.58 15.19 8.69
CA PRO A 487 -31.01 15.26 8.47
C PRO A 487 -31.34 16.17 7.33
N PHE A 488 -30.66 17.31 7.22
CA PHE A 488 -30.93 18.21 6.12
C PHE A 488 -30.61 17.65 4.76
N THR A 489 -29.39 17.16 4.55
CA THR A 489 -29.07 16.64 3.20
C THR A 489 -29.88 15.39 2.82
N LEU A 490 -30.23 14.60 3.80
CA LEU A 490 -31.09 13.46 3.49
C LEU A 490 -32.50 13.91 3.05
N GLY A 491 -33.08 14.89 3.76
CA GLY A 491 -34.39 15.40 3.42
C GLY A 491 -34.38 16.00 2.02
N ALA A 492 -33.31 16.75 1.70
CA ALA A 492 -33.17 17.35 0.38
C ALA A 492 -33.14 16.24 -0.72
N LEU A 493 -32.42 15.15 -0.43
CA LEU A 493 -32.30 14.09 -1.42
C LEU A 493 -33.60 13.33 -1.62
N ILE A 494 -34.27 13.03 -0.50
CA ILE A 494 -35.55 12.33 -0.60
C ILE A 494 -36.53 13.15 -1.45
N ALA A 495 -36.71 14.42 -1.10
CA ALA A 495 -37.54 15.31 -1.86
C ALA A 495 -37.11 15.41 -3.34
N MET A 496 -35.80 15.41 -3.61
CA MET A 496 -35.36 15.48 -5.04
C MET A 496 -35.92 14.30 -5.86
N TYR A 497 -35.86 13.11 -5.26
CA TYR A 497 -36.43 11.94 -5.89
C TYR A 497 -37.94 11.97 -5.99
N GLU A 498 -38.57 12.48 -4.96
CA GLU A 498 -40.02 12.72 -5.04
C GLU A 498 -40.38 13.57 -6.28
N HIS A 499 -39.62 14.60 -6.54
CA HIS A 499 -39.93 15.47 -7.67
C HIS A 499 -39.47 14.92 -9.00
N LYS A 500 -38.41 14.12 -8.98
CA LYS A 500 -38.11 13.35 -10.21
C LYS A 500 -39.33 12.49 -10.66
N ILE A 501 -39.83 11.76 -9.71
CA ILE A 501 -40.95 10.83 -9.90
C ILE A 501 -42.15 11.60 -10.39
N PHE A 502 -42.46 12.74 -9.76
CA PHE A 502 -43.55 13.59 -10.17
C PHE A 502 -43.37 14.01 -11.65
N THR A 503 -42.18 14.48 -11.99
CA THR A 503 -41.93 15.01 -13.33
C THR A 503 -42.10 13.90 -14.40
N GLN A 504 -41.66 12.68 -14.12
CA GLN A 504 -41.83 11.54 -15.05
C GLN A 504 -43.30 11.23 -15.24
N GLY A 505 -44.06 11.29 -14.14
CA GLY A 505 -45.52 11.05 -14.19
C GLY A 505 -46.19 12.06 -15.08
N VAL A 506 -45.75 13.30 -15.00
CA VAL A 506 -46.34 14.36 -15.82
C VAL A 506 -46.02 14.10 -17.31
N ILE A 507 -44.79 13.72 -17.61
CA ILE A 507 -44.45 13.43 -19.00
C ILE A 507 -45.28 12.28 -19.58
N TRP A 508 -45.47 11.24 -18.78
CA TRP A 508 -46.25 10.06 -19.17
C TRP A 508 -47.74 10.24 -19.10
N ASP A 509 -48.19 11.39 -18.55
CA ASP A 509 -49.59 11.73 -18.30
C ASP A 509 -50.34 10.65 -17.55
N ILE A 510 -49.72 10.07 -16.54
CA ILE A 510 -50.34 9.14 -15.64
C ILE A 510 -50.61 9.81 -14.32
N ASN A 511 -51.25 9.09 -13.41
CA ASN A 511 -51.46 9.61 -12.02
C ASN A 511 -50.45 8.98 -11.10
N SER A 512 -49.43 9.78 -10.75
CA SER A 512 -48.38 9.33 -9.84
C SER A 512 -48.87 9.14 -8.37
N PHE A 513 -50.14 9.51 -8.06
CA PHE A 513 -50.60 9.68 -6.67
C PHE A 513 -51.75 8.77 -6.24
N ASP A 514 -52.16 7.84 -7.11
CA ASP A 514 -53.19 6.85 -6.72
C ASP A 514 -52.52 5.49 -6.68
N GLN A 515 -53.30 4.45 -6.41
CA GLN A 515 -52.79 3.11 -6.34
C GLN A 515 -53.92 2.07 -6.47
N TRP A 516 -54.65 2.17 -7.58
CA TRP A 516 -55.77 1.27 -7.86
C TRP A 516 -55.34 -0.22 -8.05
N GLY A 517 -54.06 -0.40 -8.31
CA GLY A 517 -53.53 -1.69 -8.65
C GLY A 517 -53.36 -2.62 -7.46
N VAL A 518 -53.59 -2.12 -6.24
CA VAL A 518 -53.52 -3.01 -5.08
C VAL A 518 -54.90 -3.65 -4.76
N GLU A 519 -56.00 -3.22 -5.40
CA GLU A 519 -57.34 -3.60 -5.03
C GLU A 519 -57.65 -5.10 -5.30
N LEU A 520 -57.28 -5.59 -6.47
CA LEU A 520 -57.61 -6.95 -6.88
C LEU A 520 -57.04 -8.03 -5.93
N GLY A 521 -55.75 -7.93 -5.61
CA GLY A 521 -55.19 -8.92 -4.70
C GLY A 521 -55.85 -8.84 -3.30
N LYS A 522 -56.26 -7.66 -2.87
CA LYS A 522 -56.89 -7.50 -1.58
C LYS A 522 -58.26 -8.21 -1.54
N GLN A 523 -59.04 -8.00 -2.60
CA GLN A 523 -60.30 -8.69 -2.75
C GLN A 523 -60.15 -10.16 -2.78
N LEU A 524 -59.21 -10.65 -3.55
CA LEU A 524 -59.10 -12.10 -3.67
C LEU A 524 -58.61 -12.75 -2.41
N ALA A 525 -57.78 -12.04 -1.63
CA ALA A 525 -57.31 -12.56 -0.34
C ALA A 525 -58.44 -12.66 0.66
N LYS A 526 -59.32 -11.65 0.68
CA LYS A 526 -60.49 -11.73 1.55
C LYS A 526 -61.31 -12.96 1.24
N ALA A 527 -61.43 -13.33 -0.04
CA ALA A 527 -62.27 -14.47 -0.48
C ALA A 527 -61.64 -15.77 -0.08
N ILE A 528 -60.31 -15.84 -0.06
CA ILE A 528 -59.60 -17.05 0.34
C ILE A 528 -59.53 -17.34 1.85
N GLU A 529 -59.46 -16.31 2.67
CA GLU A 529 -59.41 -16.46 4.13
C GLU A 529 -60.34 -17.53 4.66
N PRO A 530 -61.66 -17.43 4.34
CA PRO A 530 -62.55 -18.45 4.97
C PRO A 530 -62.31 -19.83 4.47
N GLU A 531 -61.75 -19.97 3.28
CA GLU A 531 -61.51 -21.28 2.72
C GLU A 531 -60.31 -22.01 3.36
N LEU A 532 -59.47 -21.27 4.06
CA LEU A 532 -58.33 -21.87 4.79
C LEU A 532 -58.63 -22.27 6.24
N GLN A 533 -59.89 -22.17 6.68
CA GLN A 533 -60.22 -22.46 8.04
C GLN A 533 -60.54 -23.88 8.33
N ASP A 534 -60.65 -24.74 7.33
CA ASP A 534 -60.79 -26.17 7.57
C ASP A 534 -60.08 -26.99 6.53
N GLY A 535 -60.32 -28.31 6.58
CA GLY A 535 -59.68 -29.28 5.70
C GLY A 535 -60.52 -29.65 4.47
N LYS A 536 -61.71 -29.04 4.31
CA LYS A 536 -62.53 -29.24 3.10
C LYS A 536 -61.81 -28.90 1.79
N LYS A 537 -62.03 -29.73 0.79
CA LYS A 537 -61.45 -29.58 -0.50
C LYS A 537 -62.05 -28.36 -1.19
N ILE A 538 -61.21 -27.47 -1.66
CA ILE A 538 -61.67 -26.21 -2.27
C ILE A 538 -61.65 -26.37 -3.82
N THR A 539 -62.72 -25.94 -4.51
CA THR A 539 -62.88 -26.04 -5.98
C THR A 539 -63.37 -24.74 -6.61
N SER A 540 -63.37 -23.66 -5.85
CA SER A 540 -63.99 -22.38 -6.25
C SER A 540 -63.17 -21.50 -7.21
N HIS A 541 -61.92 -21.87 -7.44
CA HIS A 541 -60.99 -21.03 -8.20
C HIS A 541 -60.55 -21.80 -9.41
N ASP A 542 -59.62 -21.19 -10.11
CA ASP A 542 -58.84 -21.87 -11.13
C ASP A 542 -58.13 -23.07 -10.52
N ALA A 543 -57.75 -23.99 -11.37
CA ALA A 543 -57.16 -25.22 -10.83
C ALA A 543 -55.81 -25.03 -10.06
N SER A 544 -55.01 -24.03 -10.43
CA SER A 544 -53.79 -23.75 -9.64
C SER A 544 -54.06 -23.26 -8.23
N THR A 545 -54.91 -22.25 -8.10
CA THR A 545 -55.24 -21.71 -6.77
C THR A 545 -55.86 -22.83 -5.94
N ASN A 546 -56.75 -23.61 -6.57
CA ASN A 546 -57.37 -24.69 -5.81
C ASN A 546 -56.31 -25.70 -5.34
N GLY A 547 -55.42 -26.03 -6.27
CA GLY A 547 -54.39 -27.01 -6.00
C GLY A 547 -53.39 -26.60 -4.95
N LEU A 548 -53.05 -25.31 -4.97
CA LEU A 548 -52.23 -24.77 -3.89
C LEU A 548 -52.93 -24.77 -2.51
N ILE A 549 -54.18 -24.35 -2.47
CA ILE A 549 -54.97 -24.36 -1.28
C ILE A 549 -55.03 -25.77 -0.71
N ASN A 550 -55.34 -26.78 -1.53
CA ASN A 550 -55.52 -28.17 -0.99
C ASN A 550 -54.17 -28.81 -0.49
N PHE A 551 -53.07 -28.41 -1.10
CA PHE A 551 -51.72 -28.81 -0.71
C PHE A 551 -51.38 -28.18 0.60
N LEU A 552 -51.73 -26.89 0.78
CA LEU A 552 -51.47 -26.29 2.04
C LEU A 552 -52.33 -26.97 3.16
N LYS A 553 -53.60 -27.26 2.86
CA LYS A 553 -54.47 -27.98 3.80
C LYS A 553 -53.92 -29.31 4.18
N GLU A 554 -53.37 -30.07 3.25
CA GLU A 554 -52.71 -31.34 3.63
C GLU A 554 -51.54 -31.14 4.63
N ASN A 555 -50.98 -29.94 4.68
CA ASN A 555 -49.73 -29.71 5.43
C ASN A 555 -49.92 -28.77 6.60
N PHE A 556 -51.16 -28.42 6.92
CA PHE A 556 -51.31 -27.53 8.05
C PHE A 556 -50.79 -28.11 9.36
N GLU B 2 -16.67 -28.67 -29.05
CA GLU B 2 -17.74 -28.55 -28.06
C GLU B 2 -18.13 -27.11 -27.72
N PRO B 3 -17.57 -26.08 -28.40
CA PRO B 3 -18.44 -24.91 -28.30
C PRO B 3 -19.71 -25.26 -29.02
N LYS B 4 -20.76 -24.58 -28.65
CA LYS B 4 -22.03 -24.82 -29.18
C LYS B 4 -22.23 -23.84 -30.28
N VAL B 5 -23.16 -24.16 -31.18
CA VAL B 5 -23.50 -23.19 -32.22
C VAL B 5 -24.04 -21.98 -31.48
N ASN B 6 -23.81 -20.81 -32.03
CA ASN B 6 -24.59 -19.66 -31.61
C ASN B 6 -26.07 -20.01 -31.32
N LEU B 7 -26.52 -19.58 -30.15
CA LEU B 7 -27.79 -20.03 -29.67
C LEU B 7 -28.94 -19.70 -30.59
N LYS B 8 -28.95 -18.50 -31.20
CA LYS B 8 -30.03 -18.16 -32.10
C LYS B 8 -30.02 -19.02 -33.35
N GLN B 9 -28.90 -19.69 -33.61
CA GLN B 9 -28.85 -20.64 -34.72
C GLN B 9 -29.23 -22.04 -34.31
N ASP B 10 -29.35 -22.33 -33.01
CA ASP B 10 -29.68 -23.70 -32.63
C ASP B 10 -31.06 -24.06 -33.16
N PRO B 11 -31.19 -25.23 -33.85
CA PRO B 11 -32.50 -25.56 -34.45
C PRO B 11 -33.66 -25.60 -33.44
N ALA B 12 -33.42 -26.04 -32.20
CA ALA B 12 -34.54 -26.03 -31.18
C ALA B 12 -34.90 -24.59 -30.80
N TYR B 13 -33.92 -23.75 -30.70
CA TYR B 13 -34.19 -22.29 -30.40
C TYR B 13 -34.93 -21.63 -31.57
N GLN B 14 -34.57 -21.98 -32.79
CA GLN B 14 -35.28 -21.51 -33.94
C GLN B 14 -36.74 -21.94 -33.92
N LYS B 15 -36.97 -23.21 -33.57
CA LYS B 15 -38.36 -23.71 -33.48
C LYS B 15 -39.14 -22.91 -32.46
N LEU B 16 -38.54 -22.61 -31.33
CA LEU B 16 -39.20 -21.76 -30.39
C LEU B 16 -39.44 -20.36 -30.93
N GLN B 17 -38.46 -19.81 -31.64
CA GLN B 17 -38.64 -18.47 -32.10
C GLN B 17 -39.85 -18.39 -33.05
N GLU B 18 -39.94 -19.37 -33.94
CA GLU B 18 -41.08 -19.43 -34.88
C GLU B 18 -42.45 -19.59 -34.16
N TYR B 19 -42.52 -20.47 -33.17
CA TYR B 19 -43.67 -20.60 -32.36
C TYR B 19 -43.99 -19.32 -31.60
N TYR B 20 -42.97 -18.64 -31.05
CA TYR B 20 -43.24 -17.36 -30.35
C TYR B 20 -43.79 -16.37 -31.34
N ASP B 21 -43.14 -16.31 -32.49
CA ASP B 21 -43.54 -15.30 -33.51
C ASP B 21 -45.03 -15.49 -33.92
N ASN B 22 -45.50 -16.71 -33.90
CA ASN B 22 -46.87 -17.06 -34.30
C ASN B 22 -47.89 -17.04 -33.19
N ASN B 23 -47.45 -17.10 -31.94
CA ASN B 23 -48.36 -17.36 -30.81
C ASN B 23 -48.21 -16.49 -29.59
N ALA B 24 -47.23 -15.63 -29.56
CA ALA B 24 -46.98 -14.85 -28.35
C ALA B 24 -48.19 -14.00 -27.94
N ASP B 25 -48.86 -13.42 -28.95
CA ASP B 25 -50.00 -12.53 -28.80
C ASP B 25 -51.28 -13.31 -28.37
N LYS B 26 -51.29 -14.64 -28.51
CA LYS B 26 -52.46 -15.51 -28.27
C LYS B 26 -52.41 -16.28 -26.97
N ILE B 27 -51.23 -16.52 -26.42
CA ILE B 27 -51.17 -17.31 -25.21
C ILE B 27 -51.70 -16.54 -23.99
N ASN B 28 -52.79 -17.01 -23.38
CA ASN B 28 -53.44 -16.34 -22.24
C ASN B 28 -53.60 -17.37 -21.19
N ILE B 29 -52.98 -17.13 -20.02
CA ILE B 29 -52.92 -18.17 -19.02
C ILE B 29 -54.36 -18.59 -18.57
N LEU B 30 -55.21 -17.59 -18.33
CA LEU B 30 -56.54 -17.91 -17.85
C LEU B 30 -57.31 -18.75 -18.81
N GLN B 31 -57.23 -18.40 -20.09
CA GLN B 31 -57.85 -19.18 -21.18
C GLN B 31 -57.36 -20.63 -21.09
N LEU B 32 -56.06 -20.80 -20.87
CA LEU B 32 -55.52 -22.17 -20.85
C LEU B 32 -56.08 -22.93 -19.67
N PHE B 33 -56.30 -22.27 -18.53
CA PHE B 33 -57.00 -22.94 -17.45
C PHE B 33 -58.45 -23.27 -17.84
N GLN B 34 -59.13 -22.32 -18.54
CA GLN B 34 -60.55 -22.49 -18.98
C GLN B 34 -60.56 -23.77 -19.78
N GLN B 35 -59.54 -24.02 -20.59
CA GLN B 35 -59.65 -25.08 -21.56
C GLN B 35 -59.04 -26.44 -21.16
N ASP B 36 -58.43 -26.48 -20.00
CA ASP B 36 -57.73 -27.70 -19.55
C ASP B 36 -57.91 -27.89 -18.04
N ALA B 37 -58.87 -28.74 -17.68
CA ALA B 37 -59.18 -28.95 -16.26
C ALA B 37 -57.99 -29.63 -15.48
N ASP B 38 -57.18 -30.37 -16.20
CA ASP B 38 -56.05 -31.04 -15.64
C ASP B 38 -54.75 -30.16 -15.63
N ARG B 39 -54.87 -28.86 -15.92
CA ARG B 39 -53.66 -28.00 -16.01
C ARG B 39 -52.77 -28.01 -14.76
N PHE B 40 -53.35 -27.92 -13.59
CA PHE B 40 -52.56 -27.87 -12.39
C PHE B 40 -51.83 -29.17 -12.26
N ASN B 41 -52.53 -30.27 -12.51
CA ASN B 41 -51.88 -31.57 -12.43
C ASN B 41 -50.74 -31.74 -13.44
N LYS B 42 -50.89 -31.22 -14.65
CA LYS B 42 -49.88 -31.38 -15.64
C LYS B 42 -48.62 -30.53 -15.36
N TYR B 43 -48.81 -29.30 -14.93
CA TYR B 43 -47.71 -28.33 -14.79
C TYR B 43 -47.49 -28.07 -13.31
N SER B 44 -47.45 -29.16 -12.52
CA SER B 44 -46.89 -29.08 -11.16
C SER B 44 -46.08 -30.27 -10.83
N LEU B 45 -45.16 -30.12 -9.91
CA LEU B 45 -44.29 -31.22 -9.45
C LEU B 45 -44.26 -31.28 -7.95
N ARG B 46 -44.53 -32.46 -7.36
CA ARG B 46 -44.39 -32.74 -5.92
C ARG B 46 -43.18 -33.59 -5.67
N ILE B 47 -42.27 -33.14 -4.81
CA ILE B 47 -41.07 -33.87 -4.56
C ILE B 47 -41.12 -34.25 -3.10
N PRO B 48 -41.30 -35.52 -2.81
CA PRO B 48 -41.31 -35.97 -1.40
C PRO B 48 -39.91 -36.02 -0.86
N THR B 49 -39.78 -35.56 0.37
CA THR B 49 -38.51 -35.62 1.15
C THR B 49 -38.61 -36.65 2.26
N PRO B 50 -37.46 -37.10 2.80
CA PRO B 50 -37.52 -38.18 3.80
C PRO B 50 -38.18 -37.77 5.09
N ASN B 51 -37.97 -36.54 5.49
CA ASN B 51 -38.46 -36.11 6.79
C ASN B 51 -39.06 -34.71 6.79
N ASP B 52 -39.18 -34.09 5.63
CA ASP B 52 -39.58 -32.63 5.67
C ASP B 52 -40.82 -32.32 4.87
N GLY B 53 -41.53 -33.38 4.50
CA GLY B 53 -42.74 -33.27 3.72
C GLY B 53 -42.39 -33.11 2.25
N GLU B 54 -43.41 -32.85 1.43
CA GLU B 54 -43.23 -32.61 0.02
C GLU B 54 -42.90 -31.16 -0.26
N ILE B 55 -42.07 -30.97 -1.30
CA ILE B 55 -41.91 -29.69 -1.93
C ILE B 55 -42.72 -29.64 -3.21
N LEU B 56 -43.53 -28.59 -3.30
CA LEU B 56 -44.43 -28.41 -4.45
C LEU B 56 -43.95 -27.23 -5.29
N LEU B 57 -43.63 -27.51 -6.57
CA LEU B 57 -43.44 -26.48 -7.51
C LEU B 57 -44.65 -26.49 -8.45
N ASP B 58 -45.46 -25.42 -8.36
CA ASP B 58 -46.55 -25.19 -9.26
C ASP B 58 -46.19 -24.17 -10.28
N TYR B 59 -45.95 -24.64 -11.50
CA TYR B 59 -45.58 -23.80 -12.59
C TYR B 59 -46.69 -23.68 -13.63
N SER B 60 -47.92 -23.92 -13.21
CA SER B 60 -49.03 -23.87 -14.13
C SER B 60 -49.48 -22.43 -14.49
N LYS B 61 -49.22 -21.43 -13.62
CA LYS B 61 -49.59 -20.08 -13.99
C LYS B 61 -48.54 -19.40 -14.85
N ASN B 62 -48.16 -20.06 -15.95
CA ASN B 62 -47.19 -19.61 -16.95
C ASN B 62 -47.73 -19.60 -18.35
N ARG B 63 -47.20 -18.73 -19.17
CA ARG B 63 -47.59 -18.63 -20.59
C ARG B 63 -47.03 -19.78 -21.40
N ILE B 64 -47.43 -20.99 -21.02
CA ILE B 64 -47.05 -22.20 -21.73
C ILE B 64 -48.24 -23.10 -21.98
N ASP B 65 -48.26 -23.69 -23.17
CA ASP B 65 -49.17 -24.79 -23.48
C ASP B 65 -48.33 -26.08 -23.73
N ASP B 66 -48.99 -27.15 -24.11
CA ASP B 66 -48.29 -28.37 -24.33
C ASP B 66 -47.22 -28.22 -25.42
N THR B 67 -47.51 -27.50 -26.49
CA THR B 67 -46.48 -27.26 -27.54
C THR B 67 -45.29 -26.45 -27.05
N THR B 68 -45.57 -25.38 -26.28
CA THR B 68 -44.49 -24.57 -25.73
C THR B 68 -43.57 -25.39 -24.84
N PHE B 69 -44.16 -26.18 -23.95
CA PHE B 69 -43.40 -26.98 -23.00
C PHE B 69 -42.53 -27.99 -23.77
N SER B 70 -43.09 -28.68 -24.75
CA SER B 70 -42.31 -29.61 -25.59
C SER B 70 -41.09 -28.95 -26.26
N LEU B 71 -41.32 -27.79 -26.83
CA LEU B 71 -40.29 -27.05 -27.56
C LEU B 71 -39.18 -26.56 -26.57
N LEU B 72 -39.59 -26.18 -25.38
CA LEU B 72 -38.57 -25.78 -24.36
C LEU B 72 -37.76 -26.99 -23.93
N LEU B 73 -38.43 -28.13 -23.64
CA LEU B 73 -37.66 -29.32 -23.36
C LEU B 73 -36.69 -29.69 -24.47
N ASN B 74 -37.08 -29.58 -25.74
CA ASN B 74 -36.14 -29.81 -26.86
C ASN B 74 -34.95 -28.90 -26.85
N LEU B 75 -35.13 -27.68 -26.32
CA LEU B 75 -33.98 -26.79 -26.23
C LEU B 75 -33.01 -27.30 -25.19
N ALA B 76 -33.49 -27.75 -24.05
CA ALA B 76 -32.56 -28.29 -23.03
C ALA B 76 -31.83 -29.51 -23.51
N LYS B 77 -32.53 -30.36 -24.24
CA LYS B 77 -31.81 -31.46 -25.00
C LYS B 77 -30.75 -30.96 -26.01
N SER B 78 -31.15 -29.99 -26.83
CA SER B 78 -30.29 -29.52 -27.94
C SER B 78 -29.02 -28.93 -27.33
N ARG B 79 -29.19 -28.26 -26.18
CA ARG B 79 -28.05 -27.57 -25.57
C ARG B 79 -27.28 -28.49 -24.64
N ASN B 80 -27.69 -29.74 -24.61
CA ASN B 80 -26.96 -30.71 -23.82
C ASN B 80 -26.81 -30.36 -22.32
N VAL B 81 -27.91 -29.99 -21.70
CA VAL B 81 -27.94 -29.76 -20.23
C VAL B 81 -27.54 -31.02 -19.38
N GLU B 82 -28.03 -32.20 -19.74
CA GLU B 82 -27.81 -33.42 -18.93
C GLU B 82 -26.33 -33.77 -18.98
N LYS B 83 -25.76 -33.77 -20.18
CA LYS B 83 -24.32 -34.01 -20.33
C LYS B 83 -23.46 -32.98 -19.54
N ALA B 84 -23.86 -31.71 -19.61
CA ALA B 84 -23.15 -30.64 -18.91
C ALA B 84 -23.23 -30.80 -17.42
N ARG B 85 -24.41 -31.14 -16.90
CA ARG B 85 -24.56 -31.53 -15.48
C ARG B 85 -23.65 -32.63 -15.08
N ASP B 86 -23.68 -33.72 -15.83
CA ASP B 86 -22.85 -34.84 -15.43
C ASP B 86 -21.38 -34.45 -15.39
N ALA B 87 -20.98 -33.60 -16.32
CA ALA B 87 -19.63 -33.10 -16.31
C ALA B 87 -19.28 -32.32 -15.01
N MET B 88 -20.17 -31.42 -14.63
CA MET B 88 -19.97 -30.69 -13.36
C MET B 88 -19.78 -31.65 -12.21
N PHE B 89 -20.73 -32.52 -12.04
CA PHE B 89 -20.75 -33.50 -10.91
C PHE B 89 -19.55 -34.47 -10.92
N ALA B 90 -19.01 -34.74 -12.11
CA ALA B 90 -17.80 -35.57 -12.23
C ALA B 90 -16.50 -34.85 -11.92
N GLY B 91 -16.54 -33.53 -11.70
CA GLY B 91 -15.27 -32.80 -11.46
C GLY B 91 -14.58 -32.33 -12.71
N GLU B 92 -15.21 -32.39 -13.88
CA GLU B 92 -14.56 -31.85 -15.11
C GLU B 92 -14.34 -30.35 -14.99
N LYS B 93 -13.36 -29.81 -15.74
CA LYS B 93 -12.91 -28.42 -15.49
C LYS B 93 -13.79 -27.44 -16.29
N ILE B 94 -15.04 -27.36 -15.86
CA ILE B 94 -16.03 -26.69 -16.73
C ILE B 94 -16.01 -25.18 -16.60
N ASN B 95 -15.27 -24.71 -15.60
CA ASN B 95 -15.00 -23.29 -15.43
C ASN B 95 -13.83 -23.08 -16.33
N PHE B 96 -14.16 -22.82 -17.58
CA PHE B 96 -13.20 -22.93 -18.62
C PHE B 96 -12.26 -21.74 -18.68
N THR B 97 -12.67 -20.55 -18.25
CA THR B 97 -11.74 -19.43 -18.32
C THR B 97 -10.63 -19.50 -17.27
N GLU B 98 -10.94 -20.12 -16.15
CA GLU B 98 -10.03 -20.23 -14.99
C GLU B 98 -9.41 -21.64 -14.95
N ASP B 99 -9.85 -22.48 -15.89
CA ASP B 99 -9.46 -23.89 -15.98
C ASP B 99 -9.55 -24.57 -14.59
N ARG B 100 -10.76 -24.57 -14.03
CA ARG B 100 -11.00 -25.15 -12.70
C ARG B 100 -12.24 -26.00 -12.71
N ALA B 101 -12.30 -26.95 -11.78
CA ALA B 101 -13.54 -27.70 -11.58
C ALA B 101 -14.53 -26.78 -10.87
N VAL B 102 -15.78 -27.25 -10.77
CA VAL B 102 -16.89 -26.51 -10.18
C VAL B 102 -17.65 -27.50 -9.32
N LEU B 103 -17.35 -27.45 -8.03
CA LEU B 103 -17.70 -28.57 -7.16
C LEU B 103 -18.28 -28.14 -5.83
N HIS B 104 -19.16 -27.13 -5.85
CA HIS B 104 -19.92 -26.88 -4.66
C HIS B 104 -20.78 -28.12 -4.34
N VAL B 105 -21.17 -28.93 -5.33
CA VAL B 105 -21.87 -30.15 -5.02
C VAL B 105 -21.07 -31.15 -4.17
N ALA B 106 -19.74 -31.08 -4.23
CA ALA B 106 -18.90 -31.94 -3.37
C ALA B 106 -18.92 -31.55 -1.90
N LEU B 107 -19.31 -30.29 -1.62
CA LEU B 107 -19.35 -29.79 -0.26
C LEU B 107 -20.44 -30.48 0.56
N ARG B 108 -21.47 -30.95 -0.16
CA ARG B 108 -22.63 -31.61 0.45
C ARG B 108 -22.79 -33.01 -0.09
N ASN B 109 -21.69 -33.66 -0.50
CA ASN B 109 -21.67 -35.05 -1.03
C ASN B 109 -21.88 -36.05 0.10
N ARG B 110 -23.12 -36.17 0.56
CA ARG B 110 -23.40 -36.82 1.86
C ARG B 110 -23.18 -38.31 1.68
N GLN B 111 -23.21 -38.78 0.44
CA GLN B 111 -22.99 -40.22 0.20
C GLN B 111 -21.54 -40.55 0.05
N ASN B 112 -20.66 -39.56 0.14
CA ASN B 112 -19.19 -39.78 0.06
C ASN B 112 -18.78 -40.48 -1.23
N ARG B 113 -19.48 -40.21 -2.33
CA ARG B 113 -19.10 -40.76 -3.61
C ARG B 113 -17.72 -40.19 -3.97
N PRO B 114 -16.87 -40.98 -4.67
CA PRO B 114 -15.55 -40.35 -4.99
C PRO B 114 -15.71 -39.26 -6.04
N ILE B 115 -15.02 -38.13 -5.85
CA ILE B 115 -15.04 -37.02 -6.81
C ILE B 115 -13.62 -36.53 -7.02
N MET B 116 -13.11 -36.67 -8.25
CA MET B 116 -11.68 -36.59 -8.51
C MET B 116 -11.27 -35.16 -8.95
N VAL B 117 -10.28 -34.63 -8.32
CA VAL B 117 -9.62 -33.40 -8.77
C VAL B 117 -8.14 -33.64 -8.67
N ASN B 118 -7.45 -33.36 -9.78
CA ASN B 118 -6.00 -33.59 -9.91
C ASN B 118 -5.54 -34.94 -9.38
N GLY B 119 -6.33 -35.96 -9.70
CA GLY B 119 -5.97 -37.33 -9.40
C GLY B 119 -6.20 -37.78 -7.97
N LYS B 120 -6.96 -36.99 -7.19
CA LYS B 120 -7.22 -37.30 -5.80
C LYS B 120 -8.73 -37.06 -5.51
N ASP B 121 -9.31 -37.89 -4.62
CA ASP B 121 -10.72 -37.79 -4.23
C ASP B 121 -10.80 -36.60 -3.29
N VAL B 122 -11.69 -35.69 -3.57
CA VAL B 122 -11.81 -34.56 -2.65
C VAL B 122 -12.65 -34.87 -1.41
N THR B 123 -13.40 -35.98 -1.41
CA THR B 123 -14.29 -36.32 -0.33
C THR B 123 -13.66 -36.32 1.09
N PRO B 124 -12.50 -37.00 1.29
CA PRO B 124 -11.83 -36.91 2.56
C PRO B 124 -11.48 -35.51 2.98
N ASP B 125 -11.11 -34.66 2.04
CA ASP B 125 -10.73 -33.29 2.37
C ASP B 125 -11.93 -32.53 2.90
N VAL B 126 -13.04 -32.70 2.19
CA VAL B 126 -14.29 -32.03 2.52
C VAL B 126 -14.74 -32.46 3.89
N ASN B 127 -14.69 -33.78 4.13
CA ASN B 127 -15.10 -34.34 5.40
C ASN B 127 -14.23 -34.00 6.56
N ALA B 128 -12.91 -33.82 6.35
CA ALA B 128 -11.99 -33.37 7.42
C ALA B 128 -12.36 -31.97 7.91
N VAL B 129 -12.66 -31.08 6.95
CA VAL B 129 -13.02 -29.72 7.32
C VAL B 129 -14.34 -29.76 8.10
N LEU B 130 -15.32 -30.52 7.61
CA LEU B 130 -16.59 -30.64 8.32
C LEU B 130 -16.40 -31.13 9.73
N ALA B 131 -15.52 -32.11 9.91
CA ALA B 131 -15.27 -32.65 11.27
C ALA B 131 -14.71 -31.56 12.24
N HIS B 132 -13.83 -30.79 11.67
CA HIS B 132 -13.19 -29.68 12.33
C HIS B 132 -14.19 -28.59 12.73
N MET B 133 -15.06 -28.22 11.78
CA MET B 133 -16.14 -27.27 12.05
C MET B 133 -17.05 -27.77 13.15
N LYS B 134 -17.36 -29.07 13.15
CA LYS B 134 -18.17 -29.64 14.19
C LYS B 134 -17.51 -29.54 15.58
N GLU B 135 -16.24 -29.90 15.67
CA GLU B 135 -15.51 -29.82 16.95
C GLU B 135 -15.43 -28.40 17.48
N PHE B 136 -15.01 -27.49 16.61
CA PHE B 136 -14.94 -26.08 16.98
C PHE B 136 -16.29 -25.49 17.39
N SER B 137 -17.33 -25.79 16.61
CA SER B 137 -18.66 -25.24 16.91
C SER B 137 -19.10 -25.73 18.28
N THR B 138 -18.92 -27.02 18.58
CA THR B 138 -19.40 -27.47 19.91
C THR B 138 -18.61 -26.78 21.06
N GLN B 139 -17.31 -26.56 20.84
CA GLN B 139 -16.41 -25.90 21.83
C GLN B 139 -16.87 -24.47 22.10
N VAL B 140 -17.20 -23.76 21.06
CA VAL B 140 -17.61 -22.36 21.24
C VAL B 140 -18.98 -22.31 21.89
N ILE B 141 -19.91 -23.05 21.31
CA ILE B 141 -21.30 -23.05 21.80
C ILE B 141 -21.40 -23.45 23.27
N SER B 142 -20.67 -24.49 23.64
CA SER B 142 -20.69 -25.00 25.02
C SER B 142 -20.09 -24.12 26.09
N GLY B 143 -19.26 -23.15 25.67
CA GLY B 143 -18.57 -22.34 26.64
C GLY B 143 -17.19 -22.91 26.95
N ALA B 144 -16.80 -24.05 26.36
CA ALA B 144 -15.52 -24.69 26.64
C ALA B 144 -14.36 -23.89 26.09
N TRP B 145 -14.53 -23.33 24.89
CA TRP B 145 -13.62 -22.37 24.28
C TRP B 145 -13.70 -21.00 25.04
N LYS B 146 -12.64 -20.70 25.80
CA LYS B 146 -12.60 -19.45 26.61
C LYS B 146 -11.88 -18.33 25.90
N GLY B 147 -12.36 -17.12 26.16
CA GLY B 147 -11.64 -15.92 25.83
C GLY B 147 -10.40 -15.70 26.65
N TYR B 148 -9.69 -14.60 26.37
CA TYR B 148 -8.41 -14.32 26.98
C TYR B 148 -8.48 -14.01 28.52
N THR B 149 -9.65 -13.75 29.07
CA THR B 149 -9.90 -13.66 30.49
C THR B 149 -10.64 -14.86 31.08
N GLY B 150 -10.75 -15.94 30.34
CA GLY B 150 -11.35 -17.17 30.83
C GLY B 150 -12.88 -17.28 30.79
N LYS B 151 -13.50 -16.40 30.00
CA LYS B 151 -14.96 -16.38 29.84
C LYS B 151 -15.41 -17.02 28.55
N PRO B 152 -16.64 -17.57 28.57
CA PRO B 152 -17.24 -18.08 27.34
C PRO B 152 -17.57 -16.98 26.33
N ILE B 153 -17.54 -17.39 25.08
CA ILE B 153 -17.88 -16.48 24.00
C ILE B 153 -19.35 -16.21 24.02
N THR B 154 -19.71 -14.95 23.74
CA THR B 154 -21.09 -14.51 23.63
C THR B 154 -21.52 -13.97 22.27
N ASP B 155 -20.53 -13.59 21.46
CA ASP B 155 -20.77 -12.93 20.17
C ASP B 155 -19.85 -13.47 19.11
N VAL B 156 -20.39 -13.68 17.92
CA VAL B 156 -19.60 -14.20 16.80
C VAL B 156 -19.73 -13.16 15.69
N ILE B 157 -18.58 -12.73 15.13
CA ILE B 157 -18.54 -11.63 14.13
C ILE B 157 -17.89 -12.23 12.91
N ASN B 158 -18.68 -12.44 11.87
CA ASN B 158 -18.16 -12.80 10.56
C ASN B 158 -17.70 -11.51 9.81
N ILE B 159 -16.48 -11.54 9.30
CA ILE B 159 -16.00 -10.43 8.46
C ILE B 159 -15.71 -11.03 7.11
N GLY B 160 -16.37 -10.50 6.09
CA GLY B 160 -16.17 -11.02 4.71
C GLY B 160 -16.94 -10.16 3.69
N ILE B 161 -16.60 -10.28 2.41
CA ILE B 161 -17.34 -9.63 1.31
C ILE B 161 -17.91 -10.61 0.37
N GLY B 162 -18.97 -10.21 -0.34
CA GLY B 162 -19.56 -11.03 -1.39
C GLY B 162 -20.00 -12.37 -0.82
N GLY B 163 -19.51 -13.40 -1.46
CA GLY B 163 -19.85 -14.77 -1.11
C GLY B 163 -19.40 -15.19 0.27
N SER B 164 -18.42 -14.49 0.86
CA SER B 164 -17.99 -14.74 2.21
C SER B 164 -18.90 -14.04 3.29
N ASP B 165 -19.94 -13.35 2.84
CA ASP B 165 -20.92 -12.67 3.72
C ASP B 165 -22.36 -13.05 3.49
N LEU B 166 -22.77 -12.99 2.23
CA LEU B 166 -24.22 -12.93 1.91
C LEU B 166 -24.90 -14.26 2.25
N GLY B 167 -24.26 -15.36 1.95
CA GLY B 167 -24.80 -16.66 2.27
C GLY B 167 -25.01 -16.92 3.76
N PRO B 168 -23.93 -16.81 4.52
CA PRO B 168 -24.09 -16.90 5.96
C PRO B 168 -25.11 -15.94 6.59
N LEU B 169 -25.14 -14.71 6.13
CA LEU B 169 -26.08 -13.73 6.64
C LEU B 169 -27.51 -14.17 6.31
N MET B 170 -27.71 -14.58 5.06
CA MET B 170 -29.07 -14.89 4.64
C MET B 170 -29.57 -16.16 5.31
N VAL B 171 -28.69 -17.12 5.49
CA VAL B 171 -29.07 -18.37 6.11
C VAL B 171 -29.27 -18.28 7.60
N THR B 172 -28.38 -17.58 8.32
CA THR B 172 -28.67 -17.27 9.70
C THR B 172 -29.98 -16.51 9.95
N GLU B 173 -30.33 -15.58 9.07
CA GLU B 173 -31.61 -14.87 9.20
C GLU B 173 -32.76 -15.84 8.94
N ALA B 174 -32.63 -16.70 7.92
CA ALA B 174 -33.72 -17.61 7.53
C ALA B 174 -33.95 -18.69 8.54
N LEU B 175 -32.88 -19.10 9.23
CA LEU B 175 -33.00 -20.19 10.19
C LEU B 175 -32.91 -19.71 11.64
N LYS B 176 -33.26 -18.45 11.87
CA LYS B 176 -33.18 -17.86 13.21
C LYS B 176 -33.95 -18.66 14.30
N PRO B 177 -35.07 -19.33 13.95
CA PRO B 177 -35.69 -20.09 15.02
C PRO B 177 -34.89 -21.27 15.50
N TYR B 178 -33.79 -21.62 14.81
CA TYR B 178 -32.99 -22.78 15.24
C TYR B 178 -31.76 -22.29 16.01
N ALA B 179 -31.68 -20.99 16.29
CA ALA B 179 -30.46 -20.44 16.87
C ALA B 179 -30.31 -20.86 18.33
N ASN B 180 -29.07 -20.99 18.77
CA ASN B 180 -28.75 -21.16 20.18
C ASN B 180 -28.63 -19.78 20.81
N HIS B 181 -27.90 -19.67 21.96
CA HIS B 181 -27.80 -18.43 22.72
C HIS B 181 -26.79 -17.42 22.03
N LEU B 182 -25.96 -17.83 21.04
CA LEU B 182 -24.90 -16.94 20.52
C LEU B 182 -25.53 -15.83 19.68
N LYS B 183 -24.99 -14.64 19.79
CA LYS B 183 -25.34 -13.53 18.91
C LYS B 183 -24.37 -13.51 17.75
N VAL B 184 -24.90 -13.37 16.52
CA VAL B 184 -24.08 -13.32 15.32
C VAL B 184 -24.19 -11.98 14.67
N HIS B 185 -23.06 -11.53 14.12
CA HIS B 185 -22.91 -10.22 13.54
C HIS B 185 -22.18 -10.37 12.21
N PHE B 186 -22.53 -9.52 11.25
CA PHE B 186 -21.93 -9.66 9.90
C PHE B 186 -21.41 -8.30 9.44
N VAL B 187 -20.09 -8.21 9.27
CA VAL B 187 -19.44 -7.01 8.81
C VAL B 187 -18.98 -7.35 7.41
N SER B 188 -19.29 -6.47 6.48
CA SER B 188 -18.96 -6.70 5.07
C SER B 188 -18.49 -5.42 4.37
N ASN B 189 -19.25 -4.35 4.53
CA ASN B 189 -18.93 -3.11 3.91
C ASN B 189 -17.54 -2.60 4.38
N ILE B 190 -16.77 -2.05 3.42
CA ILE B 190 -15.52 -1.33 3.79
C ILE B 190 -15.92 -0.05 4.52
N ASP B 191 -17.11 0.51 4.21
CA ASP B 191 -17.65 1.62 5.00
C ASP B 191 -17.50 1.38 6.50
N GLY B 192 -16.72 2.25 7.17
CA GLY B 192 -16.41 2.13 8.60
C GLY B 192 -17.62 2.03 9.52
N THR B 193 -18.74 2.56 9.07
CA THR B 193 -20.01 2.40 9.79
C THR B 193 -20.36 0.97 10.10
N HIS B 194 -20.10 0.08 9.16
CA HIS B 194 -20.51 -1.29 9.37
C HIS B 194 -19.77 -1.94 10.61
N LEU B 195 -18.45 -1.87 10.60
CA LEU B 195 -17.65 -2.40 11.71
C LEU B 195 -17.85 -1.67 13.02
N ALA B 196 -17.92 -0.34 12.94
CA ALA B 196 -18.03 0.48 14.11
C ALA B 196 -19.33 0.17 14.86
N GLU B 197 -20.41 -0.03 14.13
CA GLU B 197 -21.70 -0.19 14.79
C GLU B 197 -21.72 -1.61 15.45
N VAL B 198 -21.03 -2.58 14.87
CA VAL B 198 -20.85 -3.87 15.57
C VAL B 198 -19.94 -3.75 16.78
N LEU B 199 -18.79 -3.11 16.64
CA LEU B 199 -17.86 -3.08 17.77
C LEU B 199 -18.44 -2.44 19.05
N LYS B 200 -19.37 -1.47 18.84
CA LYS B 200 -20.03 -0.79 19.97
C LYS B 200 -20.78 -1.76 20.87
N ARG B 201 -21.24 -2.85 20.33
CA ARG B 201 -22.06 -3.83 21.05
C ARG B 201 -21.24 -4.92 21.68
N LEU B 202 -19.89 -4.88 21.56
CA LEU B 202 -19.08 -6.08 21.89
C LEU B 202 -18.29 -5.88 23.15
N ASN B 203 -17.96 -6.99 23.80
CA ASN B 203 -16.98 -7.02 24.88
C ASN B 203 -15.82 -7.80 24.26
N PRO B 204 -14.65 -7.18 24.23
CA PRO B 204 -13.49 -7.91 23.64
C PRO B 204 -13.21 -9.23 24.33
N GLU B 205 -13.51 -9.34 25.63
CA GLU B 205 -13.33 -10.59 26.34
C GLU B 205 -14.15 -11.75 25.91
N THR B 206 -15.25 -11.48 25.22
CA THR B 206 -16.24 -12.50 24.89
C THR B 206 -16.68 -12.53 23.40
N ALA B 207 -15.93 -11.82 22.57
CA ALA B 207 -16.19 -11.78 21.10
C ALA B 207 -15.27 -12.65 20.31
N LEU B 208 -15.82 -13.42 19.38
CA LEU B 208 -15.04 -14.20 18.48
C LEU B 208 -15.18 -13.71 17.05
N PHE B 209 -14.05 -13.37 16.38
CA PHE B 209 -14.05 -12.92 15.02
C PHE B 209 -13.69 -14.00 14.01
N ILE B 210 -14.50 -14.09 12.94
CA ILE B 210 -14.21 -15.07 11.90
C ILE B 210 -13.80 -14.31 10.64
N ILE B 211 -12.58 -14.47 10.11
CA ILE B 211 -12.13 -13.65 9.01
C ILE B 211 -12.20 -14.54 7.77
N ALA B 212 -13.20 -14.26 6.93
CA ALA B 212 -13.52 -15.10 5.76
C ALA B 212 -12.98 -14.54 4.49
N SER B 213 -11.93 -15.18 3.99
CA SER B 213 -11.28 -14.79 2.75
C SER B 213 -10.26 -15.86 2.27
N LYS B 214 -10.51 -16.41 1.11
CA LYS B 214 -9.61 -17.43 0.54
C LYS B 214 -8.14 -17.02 0.53
N THR B 215 -7.84 -15.84 -0.09
CA THR B 215 -6.43 -15.39 -0.29
C THR B 215 -5.92 -14.85 1.00
N PHE B 216 -6.85 -14.46 1.87
CA PHE B 216 -6.49 -13.67 2.99
C PHE B 216 -5.76 -12.35 2.59
N THR B 217 -6.02 -11.86 1.39
CA THR B 217 -5.51 -10.54 0.95
C THR B 217 -6.60 -9.58 0.52
N THR B 218 -7.86 -10.02 0.44
CA THR B 218 -8.98 -9.20 0.05
C THR B 218 -9.03 -7.88 0.78
N GLN B 219 -8.94 -6.78 0.04
CA GLN B 219 -8.65 -5.49 0.70
C GLN B 219 -9.67 -5.13 1.72
N GLU B 220 -10.95 -5.22 1.40
CA GLU B 220 -11.97 -4.73 2.34
C GLU B 220 -12.01 -5.64 3.58
N THR B 221 -11.94 -6.94 3.34
CA THR B 221 -12.02 -7.90 4.45
C THR B 221 -10.84 -7.75 5.40
N ILE B 222 -9.65 -7.62 4.81
CA ILE B 222 -8.45 -7.52 5.61
C ILE B 222 -8.39 -6.15 6.29
N THR B 223 -8.87 -5.10 5.65
CA THR B 223 -8.93 -3.78 6.35
C THR B 223 -9.90 -3.89 7.60
N ASN B 224 -11.13 -4.37 7.38
CA ASN B 224 -12.02 -4.63 8.47
C ASN B 224 -11.37 -5.51 9.58
N ALA B 225 -10.72 -6.58 9.13
CA ALA B 225 -10.11 -7.47 10.11
C ALA B 225 -9.04 -6.82 10.95
N THR B 226 -8.22 -6.03 10.29
CA THR B 226 -7.10 -5.38 11.00
C THR B 226 -7.61 -4.28 11.94
N SER B 227 -8.70 -3.61 11.52
CA SER B 227 -9.35 -2.67 12.45
C SER B 227 -9.97 -3.38 13.68
N ALA B 228 -10.56 -4.56 13.45
CA ALA B 228 -11.14 -5.29 14.56
C ALA B 228 -10.03 -5.72 15.54
N LYS B 229 -8.92 -6.15 14.97
CA LYS B 229 -7.73 -6.59 15.70
C LYS B 229 -7.14 -5.46 16.47
N THR B 230 -7.09 -4.27 15.88
CA THR B 230 -6.65 -3.15 16.60
C THR B 230 -7.50 -2.81 17.88
N TRP B 231 -8.82 -2.81 17.70
CA TRP B 231 -9.76 -2.66 18.81
C TRP B 231 -9.55 -3.67 19.92
N PHE B 232 -9.35 -4.90 19.48
CA PHE B 232 -9.19 -6.03 20.33
C PHE B 232 -7.94 -5.92 21.19
N LEU B 233 -6.84 -5.62 20.53
CA LEU B 233 -5.58 -5.51 21.22
C LEU B 233 -5.49 -4.29 22.08
N GLU B 234 -6.24 -3.25 21.78
CA GLU B 234 -6.28 -2.11 22.67
C GLU B 234 -6.70 -2.59 24.05
N ALA B 235 -7.59 -3.58 24.06
CA ALA B 235 -7.98 -4.14 25.30
C ALA B 235 -7.11 -5.26 25.80
N ALA B 236 -6.72 -6.20 24.95
CA ALA B 236 -6.07 -7.40 25.47
C ALA B 236 -4.58 -7.21 25.70
N LYS B 237 -3.95 -6.38 24.86
CA LYS B 237 -2.53 -5.99 24.98
C LYS B 237 -1.60 -7.19 24.98
N ASP B 238 -1.90 -8.24 24.25
CA ASP B 238 -1.11 -9.48 24.33
C ASP B 238 -1.33 -10.14 23.03
N PRO B 239 -0.26 -10.24 22.22
CA PRO B 239 -0.43 -10.91 20.94
C PRO B 239 -0.98 -12.35 21.00
N ALA B 240 -0.75 -13.03 22.12
CA ALA B 240 -1.18 -14.40 22.28
C ALA B 240 -2.68 -14.48 22.36
N ALA B 241 -3.34 -13.37 22.79
CA ALA B 241 -4.81 -13.38 23.02
C ALA B 241 -5.50 -13.47 21.66
N VAL B 242 -4.85 -13.03 20.61
CA VAL B 242 -5.45 -13.05 19.29
C VAL B 242 -5.95 -14.41 18.89
N SER B 243 -5.17 -15.46 19.18
CA SER B 243 -5.53 -16.79 18.73
C SER B 243 -6.80 -17.29 19.47
N LYS B 244 -7.20 -16.69 20.62
CA LYS B 244 -8.43 -17.13 21.26
C LYS B 244 -9.67 -16.43 20.68
N HIS B 245 -9.45 -15.41 19.87
CA HIS B 245 -10.54 -14.55 19.43
C HIS B 245 -10.67 -14.34 17.96
N PHE B 246 -9.70 -14.80 17.15
CA PHE B 246 -9.78 -14.66 15.70
C PHE B 246 -9.52 -16.02 15.07
N VAL B 247 -10.41 -16.42 14.18
CA VAL B 247 -10.21 -17.64 13.35
C VAL B 247 -10.34 -17.22 11.86
N ALA B 248 -9.95 -18.12 10.95
CA ALA B 248 -9.90 -17.76 9.52
C ALA B 248 -10.53 -18.85 8.70
N LEU B 249 -11.30 -18.42 7.69
CA LEU B 249 -11.84 -19.28 6.64
C LEU B 249 -11.05 -18.92 5.39
N SER B 250 -10.09 -19.77 5.05
CA SER B 250 -8.99 -19.39 4.17
C SER B 250 -8.05 -20.56 3.90
N THR B 251 -7.18 -20.42 2.93
CA THR B 251 -6.11 -21.46 2.66
C THR B 251 -4.71 -20.85 2.65
N ASN B 252 -4.60 -19.56 2.91
CA ASN B 252 -3.30 -19.00 3.04
C ASN B 252 -2.78 -19.01 4.49
N GLY B 253 -2.17 -20.12 4.88
CA GLY B 253 -1.74 -20.31 6.24
C GLY B 253 -0.64 -19.31 6.58
N GLU B 254 0.14 -18.91 5.55
CA GLU B 254 1.23 -17.95 5.77
C GLU B 254 0.64 -16.61 6.33
N LYS B 255 -0.30 -16.08 5.60
CA LYS B 255 -0.92 -14.79 5.94
C LYS B 255 -1.82 -14.84 7.15
N VAL B 256 -2.46 -16.01 7.37
CA VAL B 256 -3.30 -16.17 8.55
C VAL B 256 -2.45 -16.14 9.80
N THR B 257 -1.36 -16.89 9.73
CA THR B 257 -0.54 -17.05 10.90
C THR B 257 0.20 -15.72 11.15
N ALA B 258 0.58 -15.02 10.09
CA ALA B 258 1.21 -13.71 10.27
C ALA B 258 0.25 -12.66 10.88
N PHE B 259 -1.08 -12.87 10.72
CA PHE B 259 -2.07 -11.99 11.31
C PHE B 259 -2.17 -12.25 12.79
N GLY B 260 -1.78 -13.45 13.23
CA GLY B 260 -1.87 -13.80 14.65
C GLY B 260 -2.83 -14.92 14.96
N ILE B 261 -3.41 -15.47 13.89
CA ILE B 261 -4.32 -16.60 14.06
C ILE B 261 -3.52 -17.89 14.05
N ASP B 262 -3.84 -18.83 14.90
CA ASP B 262 -3.20 -20.13 14.87
C ASP B 262 -3.69 -20.94 13.65
N PRO B 263 -2.77 -21.51 12.88
CA PRO B 263 -3.22 -22.24 11.73
C PRO B 263 -4.11 -23.43 12.12
N LYS B 264 -4.12 -23.88 13.39
CA LYS B 264 -5.06 -24.88 13.82
C LYS B 264 -6.46 -24.39 13.67
N ASN B 265 -6.64 -23.08 13.80
CA ASN B 265 -7.96 -22.46 13.59
C ASN B 265 -8.17 -21.81 12.21
N MET B 266 -7.58 -22.43 11.18
CA MET B 266 -7.84 -22.06 9.78
C MET B 266 -8.69 -23.19 9.18
N PHE B 267 -9.86 -22.84 8.66
CA PHE B 267 -10.83 -23.76 8.06
C PHE B 267 -10.79 -23.56 6.56
N GLY B 268 -10.28 -24.56 5.85
CA GLY B 268 -9.97 -24.39 4.45
C GLY B 268 -11.09 -24.75 3.50
N PHE B 269 -10.99 -24.18 2.30
CA PHE B 269 -11.82 -24.60 1.21
C PHE B 269 -10.96 -24.52 -0.04
N TRP B 270 -11.55 -24.70 -1.21
CA TRP B 270 -10.77 -25.05 -2.42
C TRP B 270 -11.17 -24.17 -3.55
N ASP B 271 -10.30 -24.14 -4.56
CA ASP B 271 -10.52 -23.16 -5.64
C ASP B 271 -11.76 -23.52 -6.49
N TRP B 272 -12.22 -24.78 -6.43
CA TRP B 272 -13.42 -25.19 -7.11
C TRP B 272 -14.69 -24.85 -6.32
N VAL B 273 -14.54 -24.11 -5.20
CA VAL B 273 -15.64 -23.53 -4.51
C VAL B 273 -15.79 -22.06 -4.87
N GLY B 274 -16.72 -21.74 -5.74
CA GLY B 274 -17.05 -20.33 -6.02
C GLY B 274 -17.53 -19.54 -4.81
N GLY B 275 -17.10 -18.30 -4.62
CA GLY B 275 -17.58 -17.52 -3.46
C GLY B 275 -19.09 -17.58 -3.34
N ARG B 276 -19.77 -17.28 -4.43
CA ARG B 276 -21.27 -17.23 -4.44
C ARG B 276 -21.95 -18.64 -4.32
N TYR B 277 -21.13 -19.68 -4.22
CA TYR B 277 -21.59 -21.03 -3.93
C TYR B 277 -20.86 -21.63 -2.72
N SER B 278 -20.44 -20.79 -1.78
CA SER B 278 -19.51 -21.27 -0.78
C SER B 278 -20.06 -21.49 0.59
N LEU B 279 -21.35 -21.14 0.83
CA LEU B 279 -21.88 -21.22 2.20
C LEU B 279 -21.89 -22.64 2.74
N TRP B 280 -21.79 -23.61 1.82
CA TRP B 280 -21.81 -25.04 2.15
C TRP B 280 -20.46 -25.56 2.68
N SER B 281 -19.44 -24.76 2.52
CA SER B 281 -18.05 -25.05 2.87
C SER B 281 -17.73 -24.47 4.23
N ALA B 282 -16.41 -24.36 4.52
CA ALA B 282 -15.93 -23.69 5.72
C ALA B 282 -16.59 -22.32 5.89
N ILE B 283 -16.96 -21.70 4.76
CA ILE B 283 -17.56 -20.35 4.80
C ILE B 283 -18.79 -20.36 5.64
N GLY B 284 -19.46 -21.52 5.72
CA GLY B 284 -20.63 -21.62 6.58
C GLY B 284 -20.38 -21.73 8.10
N LEU B 285 -19.12 -21.53 8.56
CA LEU B 285 -18.86 -21.73 9.98
C LEU B 285 -19.75 -20.85 10.89
N SER B 286 -20.02 -19.60 10.52
CA SER B 286 -20.93 -18.76 11.28
C SER B 286 -22.37 -19.37 11.39
N ILE B 287 -22.81 -20.10 10.38
CA ILE B 287 -24.08 -20.76 10.43
C ILE B 287 -24.00 -21.89 11.44
N SER B 288 -23.00 -22.75 11.30
CA SER B 288 -22.76 -23.86 12.23
C SER B 288 -22.71 -23.37 13.70
N LEU B 289 -22.02 -22.29 13.93
CA LEU B 289 -21.98 -21.70 15.24
C LEU B 289 -23.35 -21.20 15.77
N TYR B 290 -24.15 -20.56 14.92
CA TYR B 290 -25.38 -19.97 15.34
C TYR B 290 -26.52 -20.93 15.58
N ILE B 291 -26.62 -21.95 14.76
CA ILE B 291 -27.73 -22.89 14.85
C ILE B 291 -27.23 -24.30 15.15
N GLY B 292 -25.93 -24.48 15.39
CA GLY B 292 -25.34 -25.81 15.71
C GLY B 292 -25.04 -26.68 14.52
N PHE B 293 -24.00 -27.52 14.67
CA PHE B 293 -23.46 -28.26 13.56
C PHE B 293 -24.49 -29.22 13.00
N GLU B 294 -25.31 -29.77 13.90
CA GLU B 294 -26.30 -30.75 13.49
C GLU B 294 -27.29 -30.13 12.48
N ASN B 295 -27.62 -28.90 12.73
CA ASN B 295 -28.50 -28.16 11.83
C ASN B 295 -27.80 -27.78 10.48
N PHE B 296 -26.53 -27.44 10.58
CA PHE B 296 -25.76 -27.19 9.39
C PHE B 296 -25.75 -28.48 8.53
N GLU B 297 -25.57 -29.64 9.12
CA GLU B 297 -25.60 -30.88 8.33
C GLU B 297 -26.98 -31.08 7.65
N LYS B 298 -28.06 -30.67 8.30
CA LYS B 298 -29.37 -30.85 7.70
C LYS B 298 -29.53 -29.93 6.50
N LEU B 299 -28.98 -28.72 6.60
CA LEU B 299 -28.88 -27.84 5.46
C LEU B 299 -28.15 -28.53 4.30
N LEU B 300 -26.98 -29.10 4.62
CA LEU B 300 -26.24 -29.89 3.60
C LEU B 300 -27.04 -31.05 3.06
N ASP B 301 -27.76 -31.75 3.93
CA ASP B 301 -28.58 -32.87 3.49
C ASP B 301 -29.66 -32.39 2.47
N GLY B 302 -30.22 -31.23 2.72
CA GLY B 302 -31.29 -30.70 1.84
C GLY B 302 -30.72 -30.37 0.45
N ALA B 303 -29.55 -29.75 0.44
CA ALA B 303 -28.91 -29.48 -0.85
C ALA B 303 -28.56 -30.80 -1.57
N ASN B 304 -28.02 -31.79 -0.83
CA ASN B 304 -27.69 -33.07 -1.46
C ASN B 304 -28.92 -33.76 -2.07
N PHE B 305 -30.05 -33.62 -1.37
CA PHE B 305 -31.30 -34.20 -1.80
C PHE B 305 -31.72 -33.56 -3.14
N MET B 306 -31.61 -32.22 -3.23
CA MET B 306 -31.87 -31.51 -4.48
C MET B 306 -30.83 -31.84 -5.55
N ASP B 307 -29.55 -32.04 -5.17
CA ASP B 307 -28.53 -32.41 -6.16
C ASP B 307 -28.93 -33.76 -6.81
N ASN B 308 -29.35 -34.68 -5.98
CA ASN B 308 -29.82 -36.01 -6.47
C ASN B 308 -31.02 -35.92 -7.37
N HIS B 309 -31.98 -35.07 -7.02
CA HIS B 309 -33.12 -34.80 -7.89
C HIS B 309 -32.70 -34.26 -9.24
N PHE B 310 -31.76 -33.30 -9.26
CA PHE B 310 -31.31 -32.70 -10.49
C PHE B 310 -30.63 -33.72 -11.39
N CYS B 311 -29.98 -34.67 -10.75
CA CYS B 311 -29.25 -35.75 -11.47
C CYS B 311 -30.15 -36.83 -12.01
N THR B 312 -31.22 -37.16 -11.28
CA THR B 312 -32.02 -38.35 -11.59
C THR B 312 -33.34 -38.09 -12.31
N ALA B 313 -33.90 -36.89 -12.15
CA ALA B 313 -35.22 -36.60 -12.70
C ALA B 313 -35.09 -36.31 -14.19
N PRO B 314 -35.95 -36.97 -14.97
CA PRO B 314 -36.01 -36.68 -16.37
C PRO B 314 -36.43 -35.22 -16.59
N LEU B 315 -36.04 -34.62 -17.71
CA LEU B 315 -36.16 -33.15 -17.87
C LEU B 315 -37.56 -32.61 -17.55
N GLU B 316 -38.57 -33.35 -18.01
CA GLU B 316 -39.94 -32.94 -17.88
C GLU B 316 -40.50 -32.94 -16.45
N LYS B 317 -39.72 -33.47 -15.49
CA LYS B 317 -40.06 -33.48 -14.10
C LYS B 317 -38.86 -33.09 -13.23
N ASN B 318 -38.03 -32.20 -13.74
CA ASN B 318 -36.79 -31.78 -13.12
C ASN B 318 -36.93 -30.31 -12.81
N ALA B 319 -37.13 -30.01 -11.51
CA ALA B 319 -37.46 -28.62 -11.12
C ALA B 319 -36.44 -27.58 -11.57
N PRO B 320 -35.13 -27.80 -11.31
CA PRO B 320 -34.22 -26.75 -11.81
C PRO B 320 -34.30 -26.48 -13.31
N VAL B 321 -34.44 -27.54 -14.09
CA VAL B 321 -34.51 -27.37 -15.53
C VAL B 321 -35.74 -26.64 -15.98
N ILE B 322 -36.87 -26.97 -15.40
CA ILE B 322 -38.14 -26.32 -15.64
C ILE B 322 -38.08 -24.83 -15.34
N LEU B 323 -37.55 -24.48 -14.18
CA LEU B 323 -37.42 -23.05 -13.80
C LEU B 323 -36.46 -22.33 -14.77
N ALA B 324 -35.34 -22.97 -15.12
CA ALA B 324 -34.40 -22.42 -16.09
C ALA B 324 -35.08 -22.15 -17.46
N LEU B 325 -35.86 -23.15 -17.96
CA LEU B 325 -36.49 -23.03 -19.26
C LEU B 325 -37.59 -21.96 -19.28
N LEU B 326 -38.30 -21.78 -18.16
CA LEU B 326 -39.32 -20.70 -18.09
C LEU B 326 -38.59 -19.39 -18.18
N GLY B 327 -37.50 -19.29 -17.44
CA GLY B 327 -36.78 -18.02 -17.48
C GLY B 327 -36.19 -17.64 -18.85
N VAL B 328 -35.73 -18.64 -19.62
CA VAL B 328 -35.30 -18.39 -20.99
C VAL B 328 -36.49 -18.02 -21.89
N TRP B 329 -37.62 -18.65 -21.68
CA TRP B 329 -38.82 -18.25 -22.41
C TRP B 329 -39.12 -16.80 -22.19
N TYR B 330 -39.19 -16.39 -20.92
CA TYR B 330 -39.58 -14.99 -20.71
C TYR B 330 -38.49 -14.03 -21.10
N GLY B 331 -37.27 -14.43 -20.81
CA GLY B 331 -36.11 -13.51 -21.07
C GLY B 331 -35.72 -13.36 -22.54
N ASN B 332 -35.55 -14.50 -23.19
CA ASN B 332 -35.02 -14.52 -24.54
C ASN B 332 -36.07 -14.36 -25.59
N PHE B 333 -37.30 -14.73 -25.26
CA PHE B 333 -38.40 -14.60 -26.24
C PHE B 333 -39.32 -13.42 -25.99
N TYR B 334 -39.87 -13.30 -24.77
CA TYR B 334 -40.68 -12.12 -24.42
C TYR B 334 -39.87 -10.89 -24.12
N GLY B 335 -38.57 -11.05 -23.90
CA GLY B 335 -37.66 -9.94 -23.61
C GLY B 335 -37.74 -9.33 -22.20
N ALA B 336 -38.34 -10.02 -21.28
CA ALA B 336 -38.39 -9.49 -19.92
C ALA B 336 -36.96 -9.39 -19.38
N GLU B 337 -36.62 -8.23 -18.80
CA GLU B 337 -35.25 -7.98 -18.21
C GLU B 337 -35.06 -8.46 -16.78
N THR B 338 -36.14 -8.72 -16.06
CA THR B 338 -36.05 -9.01 -14.61
C THR B 338 -36.81 -10.26 -14.18
N HIS B 339 -36.48 -10.74 -12.97
CA HIS B 339 -37.09 -11.87 -12.39
C HIS B 339 -37.20 -11.58 -10.89
N ALA B 340 -38.39 -11.71 -10.31
CA ALA B 340 -38.59 -11.36 -8.92
C ALA B 340 -38.73 -12.60 -8.06
N LEU B 341 -38.11 -12.59 -6.88
CA LEU B 341 -38.19 -13.66 -5.84
C LEU B 341 -38.90 -13.08 -4.64
N LEU B 342 -40.05 -13.71 -4.30
CA LEU B 342 -41.01 -13.11 -3.34
C LEU B 342 -41.39 -14.18 -2.31
N PRO B 343 -40.51 -14.45 -1.33
CA PRO B 343 -40.81 -15.36 -0.24
C PRO B 343 -41.79 -14.76 0.74
N TYR B 344 -42.90 -15.47 1.03
CA TYR B 344 -43.86 -14.96 2.00
C TYR B 344 -43.41 -15.45 3.36
N ASP B 345 -42.30 -14.83 3.83
CA ASP B 345 -41.61 -15.28 5.01
C ASP B 345 -40.57 -14.26 5.39
N GLN B 346 -40.80 -13.61 6.52
CA GLN B 346 -39.98 -12.54 7.05
C GLN B 346 -38.56 -13.05 7.37
N TYR B 347 -38.44 -14.31 7.86
CA TYR B 347 -37.08 -14.87 8.07
C TYR B 347 -36.27 -14.87 6.79
N LEU B 348 -36.90 -15.12 5.65
CA LEU B 348 -36.26 -15.15 4.38
C LEU B 348 -36.13 -13.77 3.73
N HIS B 349 -36.06 -12.71 4.53
CA HIS B 349 -35.98 -11.37 3.97
C HIS B 349 -34.73 -11.08 3.19
N ARG B 350 -33.69 -11.92 3.27
CA ARG B 350 -32.52 -11.71 2.50
C ARG B 350 -32.32 -12.74 1.39
N PHE B 351 -33.32 -13.55 1.12
CA PHE B 351 -33.25 -14.56 0.10
C PHE B 351 -33.06 -14.00 -1.28
N ALA B 352 -33.85 -13.01 -1.65
CA ALA B 352 -33.70 -12.37 -2.93
C ALA B 352 -32.34 -11.72 -3.10
N ALA B 353 -31.87 -11.03 -2.01
CA ALA B 353 -30.58 -10.44 -2.00
C ALA B 353 -29.45 -11.46 -2.30
N TYR B 354 -29.59 -12.66 -1.69
CA TYR B 354 -28.63 -13.64 -1.92
C TYR B 354 -28.53 -14.12 -3.40
N PHE B 355 -29.69 -14.25 -4.02
CA PHE B 355 -29.78 -14.74 -5.41
C PHE B 355 -29.52 -13.66 -6.42
N GLN B 356 -29.60 -12.40 -5.99
CA GLN B 356 -29.00 -11.31 -6.74
C GLN B 356 -27.57 -11.58 -7.08
N GLN B 357 -26.74 -11.99 -6.09
CA GLN B 357 -25.44 -12.39 -6.38
C GLN B 357 -25.38 -13.70 -7.11
N GLY B 358 -26.01 -14.73 -6.56
CA GLY B 358 -25.77 -16.12 -7.14
C GLY B 358 -26.19 -16.15 -8.57
N ASP B 359 -27.28 -15.48 -8.91
CA ASP B 359 -27.73 -15.45 -10.31
C ASP B 359 -27.00 -14.40 -11.13
N MET B 360 -27.00 -13.16 -10.68
CA MET B 360 -26.47 -12.12 -11.51
C MET B 360 -24.96 -12.17 -11.64
N GLU B 361 -24.24 -12.57 -10.62
CA GLU B 361 -22.76 -12.59 -10.78
C GLU B 361 -22.38 -13.83 -11.65
N SER B 362 -23.22 -14.88 -11.62
CA SER B 362 -22.98 -16.09 -12.44
C SER B 362 -23.26 -15.77 -13.92
N ASN B 363 -24.46 -15.27 -14.19
CA ASN B 363 -24.97 -15.21 -15.54
C ASN B 363 -25.01 -13.84 -16.17
N GLY B 364 -24.45 -12.83 -15.46
CA GLY B 364 -24.23 -11.55 -16.05
C GLY B 364 -22.99 -11.52 -16.87
N LYS B 365 -23.10 -12.15 -18.05
CA LYS B 365 -21.98 -12.50 -18.92
C LYS B 365 -22.33 -12.24 -20.40
N TYR B 366 -21.35 -11.92 -21.24
CA TYR B 366 -21.62 -11.62 -22.62
C TYR B 366 -20.70 -12.36 -23.61
N VAL B 367 -19.81 -13.22 -23.09
CA VAL B 367 -18.81 -13.92 -23.93
C VAL B 367 -19.05 -15.41 -23.77
N THR B 368 -19.18 -16.11 -24.90
CA THR B 368 -19.43 -17.50 -24.95
C THR B 368 -18.17 -18.33 -24.73
N ARG B 369 -18.36 -19.62 -24.55
CA ARG B 369 -17.28 -20.59 -24.45
C ARG B 369 -16.25 -20.48 -25.56
N SER B 370 -16.68 -20.18 -26.80
CA SER B 370 -15.73 -19.97 -27.90
C SER B 370 -15.11 -18.57 -27.92
N GLY B 371 -15.45 -17.66 -27.00
CA GLY B 371 -14.87 -16.35 -27.07
C GLY B 371 -15.68 -15.36 -27.84
N ALA B 372 -16.87 -15.72 -28.30
CA ALA B 372 -17.66 -14.80 -29.14
C ALA B 372 -18.57 -13.94 -28.30
N THR B 373 -18.84 -12.72 -28.71
CA THR B 373 -19.87 -11.92 -27.98
C THR B 373 -21.30 -12.41 -28.31
N VAL B 374 -22.09 -12.65 -27.30
CA VAL B 374 -23.50 -12.99 -27.49
C VAL B 374 -24.27 -11.90 -28.27
N ASP B 375 -25.29 -12.32 -29.03
CA ASP B 375 -26.24 -11.41 -29.65
C ASP B 375 -27.66 -11.74 -29.18
N TYR B 376 -27.75 -12.21 -27.94
CA TYR B 376 -29.01 -12.59 -27.27
C TYR B 376 -28.82 -12.25 -25.78
N SER B 377 -29.91 -12.16 -25.02
CA SER B 377 -29.84 -11.77 -23.62
C SER B 377 -29.39 -12.93 -22.76
N THR B 378 -28.69 -12.59 -21.69
CA THR B 378 -28.29 -13.60 -20.72
C THR B 378 -29.05 -13.28 -19.41
N GLY B 379 -28.36 -13.28 -18.28
CA GLY B 379 -28.94 -13.13 -16.96
C GLY B 379 -29.80 -11.88 -16.81
N PRO B 380 -30.91 -12.04 -16.12
CA PRO B 380 -31.81 -10.94 -15.75
C PRO B 380 -31.38 -10.28 -14.49
N VAL B 381 -31.97 -9.11 -14.27
CA VAL B 381 -31.83 -8.46 -12.99
C VAL B 381 -32.76 -9.20 -12.04
N VAL B 382 -32.17 -9.73 -10.98
CA VAL B 382 -32.90 -10.40 -9.93
C VAL B 382 -33.17 -9.41 -8.74
N TRP B 383 -34.39 -9.50 -8.19
CA TRP B 383 -34.79 -8.55 -7.18
C TRP B 383 -35.98 -9.11 -6.41
N GLY B 384 -36.33 -8.44 -5.32
CA GLY B 384 -37.56 -8.81 -4.57
C GLY B 384 -37.44 -8.41 -3.11
N GLU B 385 -38.56 -8.50 -2.39
CA GLU B 385 -38.71 -8.35 -0.98
C GLU B 385 -39.69 -9.42 -0.48
N PRO B 386 -39.58 -9.86 0.77
CA PRO B 386 -40.60 -10.86 1.24
C PRO B 386 -41.99 -10.26 1.20
N GLY B 387 -42.97 -11.15 1.01
CA GLY B 387 -44.36 -10.86 1.28
C GLY B 387 -44.63 -10.81 2.76
N THR B 388 -45.55 -9.94 3.23
CA THR B 388 -46.38 -9.07 2.44
C THR B 388 -45.70 -7.70 2.29
N ASN B 389 -44.47 -7.54 2.76
CA ASN B 389 -43.79 -6.18 2.63
C ASN B 389 -43.72 -5.67 1.18
N GLY B 390 -43.27 -6.55 0.31
CA GLY B 390 -43.15 -6.27 -1.14
C GLY B 390 -44.43 -5.89 -1.74
N GLN B 391 -45.44 -6.63 -1.33
CA GLN B 391 -46.81 -6.35 -1.69
C GLN B 391 -47.28 -4.90 -1.52
N HIS B 392 -46.89 -4.29 -0.38
CA HIS B 392 -47.26 -2.91 -0.08
C HIS B 392 -46.26 -1.87 -0.61
N ALA B 393 -45.22 -2.33 -1.30
CA ALA B 393 -44.23 -1.44 -1.89
C ALA B 393 -44.38 -1.28 -3.39
N PHE B 394 -44.26 -2.38 -4.15
CA PHE B 394 -44.16 -2.32 -5.58
C PHE B 394 -45.12 -3.16 -6.39
N TYR B 395 -46.00 -3.91 -5.73
CA TYR B 395 -46.91 -4.71 -6.57
C TYR B 395 -47.86 -3.88 -7.44
N GLN B 396 -48.13 -2.61 -7.14
CA GLN B 396 -48.83 -1.74 -8.04
C GLN B 396 -48.30 -1.85 -9.45
N LEU B 397 -46.97 -1.84 -9.56
CA LEU B 397 -46.32 -1.90 -10.86
C LEU B 397 -46.37 -3.27 -11.47
N VAL B 398 -46.26 -4.30 -10.66
CA VAL B 398 -46.30 -5.64 -11.20
C VAL B 398 -47.70 -5.90 -11.78
N HIS B 399 -48.72 -5.35 -11.15
CA HIS B 399 -50.11 -5.56 -11.62
C HIS B 399 -50.50 -4.69 -12.80
N GLN B 400 -50.09 -3.39 -12.73
CA GLN B 400 -50.61 -2.37 -13.63
C GLN B 400 -49.57 -1.53 -14.32
N GLY B 401 -48.27 -1.90 -14.23
CA GLY B 401 -47.29 -1.18 -15.00
C GLY B 401 -47.27 -1.75 -16.40
N THR B 402 -46.24 -1.36 -17.12
CA THR B 402 -46.11 -1.70 -18.54
C THR B 402 -45.14 -2.85 -18.75
N ARG B 403 -44.75 -3.54 -17.67
CA ARG B 403 -43.66 -4.48 -17.71
C ARG B 403 -44.10 -5.94 -17.40
N LEU B 404 -43.56 -6.86 -18.20
CA LEU B 404 -43.61 -8.32 -17.88
C LEU B 404 -42.52 -8.63 -16.84
N ILE B 405 -42.93 -9.14 -15.64
CA ILE B 405 -42.02 -9.47 -14.51
C ILE B 405 -42.40 -10.85 -13.94
N PRO B 406 -41.82 -11.91 -14.50
CA PRO B 406 -42.05 -13.22 -13.91
C PRO B 406 -41.63 -13.19 -12.45
N CYS B 407 -42.45 -13.79 -11.59
CA CYS B 407 -42.22 -13.82 -10.15
C CYS B 407 -42.30 -15.30 -9.62
N ASP B 408 -41.38 -15.67 -8.77
CA ASP B 408 -41.47 -16.84 -7.93
C ASP B 408 -41.96 -16.39 -6.53
N PHE B 409 -43.17 -16.85 -6.16
CA PHE B 409 -43.80 -16.73 -4.83
C PHE B 409 -43.49 -17.98 -4.06
N LEU B 410 -43.05 -17.85 -2.82
CA LEU B 410 -42.73 -19.06 -2.02
C LEU B 410 -43.41 -18.92 -0.68
N ALA B 411 -43.89 -20.04 -0.12
CA ALA B 411 -44.48 -19.98 1.24
C ALA B 411 -44.41 -21.32 1.91
N PRO B 412 -44.45 -21.31 3.23
CA PRO B 412 -44.55 -22.53 4.01
C PRO B 412 -45.99 -22.76 4.53
N ALA B 413 -46.37 -24.01 4.68
CA ALA B 413 -47.67 -24.33 5.21
C ALA B 413 -47.72 -24.03 6.71
N GLN B 414 -46.58 -24.10 7.40
CA GLN B 414 -46.49 -23.88 8.81
C GLN B 414 -45.55 -22.76 9.12
N THR B 415 -45.92 -21.98 10.12
CA THR B 415 -44.96 -20.94 10.62
C THR B 415 -44.26 -21.45 11.86
N HIS B 416 -43.08 -20.94 12.09
CA HIS B 416 -42.39 -21.09 13.37
C HIS B 416 -42.96 -20.17 14.49
N ASN B 417 -43.80 -19.20 14.13
CA ASN B 417 -44.32 -18.23 15.06
C ASN B 417 -45.85 -18.16 15.00
N PRO B 418 -46.53 -19.21 15.44
CA PRO B 418 -48.00 -19.31 15.21
C PRO B 418 -48.76 -18.48 16.26
N ILE B 419 -48.37 -17.22 16.38
CA ILE B 419 -48.99 -16.34 17.31
C ILE B 419 -50.49 -16.10 16.99
N ALA B 420 -51.20 -15.70 18.02
CA ALA B 420 -52.61 -15.42 17.95
C ALA B 420 -53.36 -16.58 17.34
N ASN B 421 -52.96 -17.78 17.77
CA ASN B 421 -53.59 -18.97 17.33
C ASN B 421 -53.56 -19.30 15.86
N GLY B 422 -52.47 -18.89 15.20
CA GLY B 422 -52.28 -19.11 13.78
C GLY B 422 -52.92 -18.04 12.92
N ALA B 423 -53.53 -17.03 13.54
CA ALA B 423 -54.29 -16.11 12.74
C ALA B 423 -53.46 -15.29 11.71
N HIS B 424 -52.24 -14.92 12.10
CA HIS B 424 -51.39 -14.18 11.14
C HIS B 424 -51.03 -15.06 9.97
N HIS B 425 -50.81 -16.35 10.20
CA HIS B 425 -50.26 -17.16 9.11
C HIS B 425 -51.38 -17.44 8.09
N LYS B 426 -52.62 -17.53 8.57
CA LYS B 426 -53.76 -17.69 7.66
C LYS B 426 -53.87 -16.51 6.69
N ILE B 427 -53.73 -15.29 7.23
CA ILE B 427 -53.77 -14.08 6.42
C ILE B 427 -52.58 -14.05 5.44
N LEU B 428 -51.42 -14.35 5.97
CA LEU B 428 -50.19 -14.41 5.15
C LEU B 428 -50.40 -15.32 3.93
N LEU B 429 -50.91 -16.52 4.19
CA LEU B 429 -51.13 -17.48 3.13
C LEU B 429 -52.20 -17.00 2.13
N ALA B 430 -53.26 -16.40 2.67
CA ALA B 430 -54.32 -15.92 1.78
C ALA B 430 -53.77 -14.92 0.73
N ASN B 431 -52.82 -14.11 1.16
CA ASN B 431 -52.19 -13.12 0.32
C ASN B 431 -51.24 -13.79 -0.69
N PHE B 432 -50.45 -14.75 -0.22
CA PHE B 432 -49.55 -15.55 -1.09
C PHE B 432 -50.36 -16.13 -2.23
N LEU B 433 -51.55 -16.69 -1.91
CA LEU B 433 -52.42 -17.35 -2.95
C LEU B 433 -53.13 -16.37 -3.88
N ALA B 434 -53.67 -15.34 -3.26
CA ALA B 434 -54.46 -14.32 -3.99
C ALA B 434 -53.64 -13.50 -4.95
N GLN B 435 -52.39 -13.26 -4.57
CA GLN B 435 -51.58 -12.43 -5.47
C GLN B 435 -51.29 -13.11 -6.80
N THR B 436 -51.00 -14.40 -6.79
CA THR B 436 -50.71 -15.05 -8.04
C THR B 436 -52.02 -15.28 -8.88
N GLU B 437 -53.08 -15.58 -8.13
CA GLU B 437 -54.42 -15.67 -8.73
C GLU B 437 -54.72 -14.35 -9.46
N ALA B 438 -54.50 -13.23 -8.79
CA ALA B 438 -54.76 -11.92 -9.39
C ALA B 438 -53.93 -11.66 -10.60
N LEU B 439 -52.63 -11.90 -10.50
CA LEU B 439 -51.73 -11.67 -11.62
C LEU B 439 -52.10 -12.43 -12.87
N MET B 440 -52.57 -13.67 -12.65
CA MET B 440 -53.06 -14.49 -13.74
C MET B 440 -54.43 -14.02 -14.34
N LYS B 441 -55.42 -13.84 -13.47
CA LYS B 441 -56.86 -13.63 -13.85
C LYS B 441 -57.11 -12.20 -14.32
N GLY B 442 -56.44 -11.25 -13.70
CA GLY B 442 -56.75 -9.86 -13.87
C GLY B 442 -58.23 -9.55 -13.62
N LYS B 443 -58.72 -8.52 -14.29
CA LYS B 443 -60.09 -8.00 -14.07
C LYS B 443 -60.48 -7.16 -15.29
N THR B 444 -61.46 -7.62 -16.09
CA THR B 444 -61.77 -6.98 -17.34
C THR B 444 -62.62 -5.73 -17.08
N ASP B 445 -62.83 -4.95 -18.15
CA ASP B 445 -63.74 -3.81 -18.05
C ASP B 445 -65.12 -4.26 -17.48
N ALA B 446 -65.64 -5.41 -17.94
CA ALA B 446 -66.94 -5.89 -17.49
C ALA B 446 -66.95 -6.25 -16.02
N GLU B 447 -65.90 -6.99 -15.62
CA GLU B 447 -65.79 -7.34 -14.17
C GLU B 447 -65.72 -6.10 -13.33
N ALA B 448 -64.88 -5.14 -13.70
CA ALA B 448 -64.76 -3.90 -12.95
C ALA B 448 -66.03 -3.09 -12.89
N LYS B 449 -66.69 -2.99 -14.03
CA LYS B 449 -67.92 -2.25 -14.13
C LYS B 449 -69.04 -2.88 -13.28
N ALA B 450 -69.12 -4.21 -13.31
CA ALA B 450 -70.14 -4.88 -12.46
C ALA B 450 -69.93 -4.59 -10.96
N GLU B 451 -68.69 -4.49 -10.52
CA GLU B 451 -68.44 -4.15 -9.08
C GLU B 451 -68.87 -2.73 -8.77
N LEU B 452 -68.47 -1.83 -9.65
CA LEU B 452 -68.78 -0.40 -9.52
C LEU B 452 -70.31 -0.14 -9.50
N GLU B 453 -71.04 -0.88 -10.33
CA GLU B 453 -72.46 -0.84 -10.32
C GLU B 453 -73.03 -1.21 -8.98
N LYS B 454 -72.43 -2.19 -8.32
CA LYS B 454 -72.90 -2.64 -7.04
C LYS B 454 -72.54 -1.71 -5.88
N SER B 455 -71.62 -0.77 -6.06
CA SER B 455 -71.41 0.26 -5.05
C SER B 455 -72.39 1.31 -5.51
N GLY B 456 -72.81 2.20 -4.66
CA GLY B 456 -73.78 3.19 -5.12
C GLY B 456 -73.01 4.19 -5.94
N MET B 457 -72.51 3.77 -7.11
CA MET B 457 -71.76 4.72 -7.95
C MET B 457 -72.60 5.27 -9.12
N ALA B 458 -72.92 6.57 -8.99
CA ALA B 458 -73.45 7.40 -10.08
C ALA B 458 -72.80 6.92 -11.37
N PRO B 459 -73.59 6.57 -12.40
CA PRO B 459 -72.93 6.12 -13.64
C PRO B 459 -71.82 7.05 -14.17
N GLU B 460 -71.94 8.38 -13.99
CA GLU B 460 -70.92 9.35 -14.43
C GLU B 460 -69.57 8.99 -13.80
N ALA B 461 -69.60 8.76 -12.49
CA ALA B 461 -68.37 8.49 -11.77
C ALA B 461 -67.81 7.07 -12.11
N ILE B 462 -68.68 6.09 -12.25
CA ILE B 462 -68.25 4.79 -12.80
C ILE B 462 -67.44 4.97 -14.10
N ALA B 463 -68.00 5.69 -15.06
CA ALA B 463 -67.32 5.87 -16.36
C ALA B 463 -65.94 6.49 -16.25
N LYS B 464 -65.81 7.49 -15.37
CA LYS B 464 -64.52 8.19 -15.31
C LYS B 464 -63.48 7.27 -14.63
N ILE B 465 -63.85 6.46 -13.60
CA ILE B 465 -62.85 5.66 -12.85
C ILE B 465 -62.58 4.32 -13.60
N LEU B 466 -63.56 3.81 -14.39
CA LEU B 466 -63.41 2.47 -14.96
C LEU B 466 -62.01 1.98 -15.50
N PRO B 467 -61.43 2.68 -16.46
CA PRO B 467 -60.19 2.15 -17.08
C PRO B 467 -59.07 1.98 -16.04
N HIS B 468 -59.10 2.81 -14.98
CA HIS B 468 -58.10 2.70 -13.91
C HIS B 468 -58.25 1.47 -13.07
N LYS B 469 -59.46 0.84 -13.13
CA LYS B 469 -59.77 -0.34 -12.29
C LYS B 469 -59.56 -1.70 -12.98
N VAL B 470 -59.20 -1.67 -14.25
CA VAL B 470 -58.95 -2.83 -15.07
C VAL B 470 -57.55 -3.38 -14.88
N PHE B 471 -57.50 -4.69 -14.79
CA PHE B 471 -56.23 -5.38 -14.69
C PHE B 471 -56.08 -6.28 -15.86
N LYS B 472 -54.95 -6.16 -16.54
CA LYS B 472 -54.79 -6.94 -17.75
C LYS B 472 -54.60 -8.40 -17.41
N GLY B 473 -54.02 -8.74 -16.27
CA GLY B 473 -53.81 -10.17 -16.00
C GLY B 473 -52.79 -10.78 -16.97
N ASN B 474 -52.85 -12.09 -17.10
CA ASN B 474 -51.93 -12.85 -17.95
C ASN B 474 -50.47 -12.71 -17.49
N ARG B 475 -50.25 -12.35 -16.24
CA ARG B 475 -48.89 -12.10 -15.69
C ARG B 475 -48.45 -13.38 -14.93
N PRO B 476 -47.28 -13.95 -15.33
CA PRO B 476 -46.96 -15.31 -14.90
C PRO B 476 -46.26 -15.37 -13.58
N THR B 477 -46.45 -16.49 -12.91
CA THR B 477 -45.81 -16.78 -11.64
C THR B 477 -45.50 -18.27 -11.53
N ASN B 478 -44.50 -18.58 -10.71
CA ASN B 478 -44.33 -19.87 -10.10
C ASN B 478 -44.69 -19.75 -8.61
N SER B 479 -45.33 -20.79 -8.09
CA SER B 479 -45.61 -20.94 -6.73
C SER B 479 -44.94 -22.19 -6.16
N ILE B 480 -44.11 -21.94 -5.15
CA ILE B 480 -43.36 -22.97 -4.46
C ILE B 480 -43.83 -23.04 -3.01
N VAL B 481 -44.27 -24.21 -2.56
CA VAL B 481 -44.75 -24.40 -1.20
C VAL B 481 -43.97 -25.53 -0.56
N VAL B 482 -43.60 -25.29 0.68
CA VAL B 482 -42.97 -26.30 1.53
C VAL B 482 -43.85 -26.47 2.74
N LYS B 483 -43.63 -27.55 3.46
CA LYS B 483 -44.38 -27.78 4.71
C LYS B 483 -43.97 -26.70 5.73
N LYS B 484 -42.66 -26.51 5.81
CA LYS B 484 -42.06 -25.57 6.73
C LYS B 484 -40.66 -25.27 6.20
N PHE B 485 -40.21 -24.04 6.39
CA PHE B 485 -38.80 -23.70 6.16
C PHE B 485 -37.92 -24.16 7.30
N THR B 486 -37.19 -25.23 7.04
CA THR B 486 -36.32 -25.91 7.99
C THR B 486 -34.90 -25.89 7.33
N PRO B 487 -33.90 -26.35 8.05
CA PRO B 487 -32.60 -26.36 7.40
C PRO B 487 -32.59 -27.17 6.14
N PHE B 488 -33.21 -28.31 6.19
CA PHE B 488 -33.31 -29.16 5.02
C PHE B 488 -34.04 -28.54 3.85
N THR B 489 -35.25 -28.01 4.10
CA THR B 489 -35.99 -27.43 2.99
C THR B 489 -35.32 -26.18 2.45
N LEU B 490 -34.68 -25.41 3.33
CA LEU B 490 -33.91 -24.31 2.84
C LEU B 490 -32.76 -24.76 1.92
N GLY B 491 -31.98 -25.74 2.39
CA GLY B 491 -30.86 -26.26 1.62
C GLY B 491 -31.33 -26.76 0.25
N ALA B 492 -32.47 -27.48 0.25
CA ALA B 492 -33.00 -27.99 -1.02
C ALA B 492 -33.33 -26.82 -1.99
N LEU B 493 -33.94 -25.76 -1.46
CA LEU B 493 -34.35 -24.63 -2.30
C LEU B 493 -33.15 -23.84 -2.81
N ILE B 494 -32.16 -23.60 -1.97
CA ILE B 494 -30.96 -22.93 -2.41
C ILE B 494 -30.31 -23.70 -3.61
N ALA B 495 -30.10 -25.00 -3.41
CA ALA B 495 -29.50 -25.86 -4.44
C ALA B 495 -30.33 -25.82 -5.70
N MET B 496 -31.65 -25.68 -5.56
CA MET B 496 -32.50 -25.75 -6.70
C MET B 496 -32.24 -24.56 -7.60
N TYR B 497 -32.15 -23.38 -6.97
CA TYR B 497 -31.85 -22.22 -7.71
C TYR B 497 -30.38 -22.25 -8.26
N GLU B 498 -29.44 -22.79 -7.46
CA GLU B 498 -28.10 -23.02 -8.01
C GLU B 498 -28.19 -23.76 -9.36
N HIS B 499 -28.99 -24.80 -9.39
CA HIS B 499 -29.06 -25.62 -10.62
C HIS B 499 -29.88 -25.00 -11.75
N LYS B 500 -30.86 -24.16 -11.41
CA LYS B 500 -31.49 -23.29 -12.39
C LYS B 500 -30.48 -22.42 -13.14
N ILE B 501 -29.62 -21.78 -12.35
CA ILE B 501 -28.63 -20.84 -12.82
C ILE B 501 -27.66 -21.53 -13.71
N PHE B 502 -27.27 -22.74 -13.26
CA PHE B 502 -26.34 -23.53 -14.02
C PHE B 502 -26.96 -23.92 -15.39
N THR B 503 -28.20 -24.39 -15.37
CA THR B 503 -28.82 -24.82 -16.59
C THR B 503 -28.98 -23.66 -17.57
N GLN B 504 -29.36 -22.50 -17.09
CA GLN B 504 -29.40 -21.35 -17.97
C GLN B 504 -28.03 -20.99 -18.61
N GLY B 505 -26.99 -21.00 -17.80
CA GLY B 505 -25.63 -20.82 -18.28
C GLY B 505 -25.17 -21.75 -19.39
N VAL B 506 -25.56 -22.99 -19.25
CA VAL B 506 -25.39 -24.01 -20.28
C VAL B 506 -26.09 -23.66 -21.56
N ILE B 507 -27.35 -23.30 -21.44
CA ILE B 507 -28.12 -22.92 -22.64
C ILE B 507 -27.53 -21.74 -23.36
N TRP B 508 -27.13 -20.72 -22.60
CA TRP B 508 -26.52 -19.49 -23.11
C TRP B 508 -25.06 -19.65 -23.57
N ASP B 509 -24.46 -20.77 -23.22
CA ASP B 509 -23.07 -21.13 -23.54
C ASP B 509 -22.08 -20.11 -22.96
N ILE B 510 -22.36 -19.65 -21.73
CA ILE B 510 -21.56 -18.69 -21.01
C ILE B 510 -20.86 -19.40 -19.82
N ASN B 511 -19.91 -18.73 -19.13
CA ASN B 511 -19.33 -19.36 -17.93
C ASN B 511 -20.04 -18.87 -16.70
N SER B 512 -20.85 -19.74 -16.07
CA SER B 512 -21.55 -19.30 -14.87
C SER B 512 -20.62 -19.13 -13.66
N PHE B 513 -19.33 -19.49 -13.79
CA PHE B 513 -18.50 -19.71 -12.62
C PHE B 513 -17.30 -18.81 -12.44
N ASP B 514 -17.12 -17.85 -13.35
CA ASP B 514 -15.97 -16.91 -13.28
C ASP B 514 -16.60 -15.55 -12.98
N GLN B 515 -15.78 -14.53 -12.91
CA GLN B 515 -16.22 -13.20 -12.58
C GLN B 515 -15.14 -12.20 -12.91
N TRP B 516 -14.81 -12.16 -14.21
CA TRP B 516 -13.76 -11.32 -14.71
C TRP B 516 -14.22 -9.90 -14.64
N GLY B 517 -15.53 -9.69 -14.57
CA GLY B 517 -16.04 -8.31 -14.50
C GLY B 517 -15.65 -7.48 -13.29
N VAL B 518 -15.06 -8.08 -12.27
CA VAL B 518 -14.62 -7.35 -11.05
C VAL B 518 -13.40 -6.49 -11.31
N GLU B 519 -12.57 -6.88 -12.31
CA GLU B 519 -11.16 -6.42 -12.31
C GLU B 519 -10.94 -4.96 -12.62
N LEU B 520 -11.70 -4.40 -13.56
CA LEU B 520 -11.48 -3.03 -14.01
C LEU B 520 -11.71 -2.04 -12.82
N GLY B 521 -12.81 -2.22 -12.14
CA GLY B 521 -13.12 -1.39 -11.01
C GLY B 521 -12.08 -1.51 -9.93
N LYS B 522 -11.58 -2.72 -9.68
CA LYS B 522 -10.57 -2.85 -8.63
C LYS B 522 -9.29 -2.14 -8.98
N GLN B 523 -8.91 -2.20 -10.26
CA GLN B 523 -7.70 -1.54 -10.67
C GLN B 523 -7.85 0.00 -10.65
N LEU B 524 -9.02 0.48 -11.04
CA LEU B 524 -9.21 1.93 -11.10
C LEU B 524 -9.28 2.50 -9.65
N ALA B 525 -9.83 1.75 -8.72
CA ALA B 525 -9.88 2.20 -7.30
C ALA B 525 -8.50 2.29 -6.74
N LYS B 526 -7.70 1.28 -7.00
CA LYS B 526 -6.26 1.33 -6.50
C LYS B 526 -5.58 2.57 -7.00
N ALA B 527 -5.83 2.97 -8.25
CA ALA B 527 -5.20 4.20 -8.77
C ALA B 527 -5.67 5.45 -8.09
N ILE B 528 -6.96 5.50 -7.72
CA ILE B 528 -7.52 6.66 -7.14
C ILE B 528 -7.06 6.85 -5.68
N GLU B 529 -6.85 5.76 -4.96
CA GLU B 529 -6.47 5.85 -3.52
C GLU B 529 -5.42 6.87 -3.11
N PRO B 530 -4.24 6.82 -3.76
CA PRO B 530 -3.26 7.88 -3.47
C PRO B 530 -3.70 9.29 -3.79
N GLU B 531 -4.60 9.42 -4.78
CA GLU B 531 -5.05 10.74 -5.18
C GLU B 531 -6.01 11.41 -4.17
N LEU B 532 -6.70 10.63 -3.35
CA LEU B 532 -7.54 11.16 -2.32
C LEU B 532 -6.75 11.73 -1.16
N GLN B 533 -5.50 11.29 -0.96
CA GLN B 533 -4.70 11.63 0.16
C GLN B 533 -3.89 12.86 -0.11
N ASP B 534 -3.43 13.02 -1.37
CA ASP B 534 -2.40 14.01 -1.74
C ASP B 534 -3.04 15.41 -1.77
N GLY B 535 -2.23 16.42 -1.94
CA GLY B 535 -2.78 17.76 -1.81
C GLY B 535 -3.38 18.30 -3.10
N LYS B 536 -3.02 17.70 -4.22
CA LYS B 536 -3.20 18.38 -5.48
C LYS B 536 -4.60 18.30 -6.11
N LYS B 537 -4.86 19.27 -6.96
CA LYS B 537 -5.97 19.23 -7.86
C LYS B 537 -5.74 18.06 -8.79
N ILE B 538 -6.71 17.17 -8.96
CA ILE B 538 -6.46 15.99 -9.77
C ILE B 538 -6.96 16.21 -11.17
N THR B 539 -6.14 15.77 -12.12
CA THR B 539 -6.38 15.97 -13.58
C THR B 539 -6.08 14.72 -14.40
N SER B 540 -5.79 13.63 -13.76
CA SER B 540 -5.36 12.46 -14.48
C SER B 540 -6.44 11.60 -15.13
N HIS B 541 -7.69 11.93 -14.92
CA HIS B 541 -8.80 11.09 -15.39
C HIS B 541 -9.63 11.85 -16.41
N ASP B 542 -10.70 11.23 -16.91
CA ASP B 542 -11.82 11.99 -17.51
C ASP B 542 -12.33 13.14 -16.64
N ALA B 543 -12.92 14.16 -17.25
CA ALA B 543 -13.39 15.33 -16.51
C ALA B 543 -14.33 15.02 -15.39
N SER B 544 -15.16 13.97 -15.51
CA SER B 544 -16.13 13.70 -14.42
C SER B 544 -15.41 13.16 -13.19
N THR B 545 -14.61 12.14 -13.39
CA THR B 545 -13.87 11.58 -12.30
C THR B 545 -12.98 12.61 -11.63
N ASN B 546 -12.39 13.51 -12.45
CA ASN B 546 -11.57 14.57 -11.83
C ASN B 546 -12.44 15.49 -11.00
N GLY B 547 -13.54 15.93 -11.58
CA GLY B 547 -14.49 16.82 -10.97
C GLY B 547 -15.02 16.27 -9.64
N LEU B 548 -15.34 15.00 -9.62
CA LEU B 548 -15.81 14.36 -8.41
C LEU B 548 -14.72 14.30 -7.34
N ILE B 549 -13.54 13.91 -7.78
CA ILE B 549 -12.37 13.92 -6.84
C ILE B 549 -12.18 15.23 -6.22
N ASN B 550 -12.11 16.27 -7.04
CA ASN B 550 -11.81 17.62 -6.54
C ASN B 550 -12.89 18.22 -5.67
N PHE B 551 -14.15 17.85 -5.94
CA PHE B 551 -15.25 18.22 -5.02
C PHE B 551 -15.18 17.51 -3.66
N LEU B 552 -14.93 16.25 -3.65
CA LEU B 552 -14.67 15.52 -2.42
C LEU B 552 -13.54 16.13 -1.62
N LYS B 553 -12.43 16.44 -2.31
CA LYS B 553 -11.25 16.99 -1.66
C LYS B 553 -11.55 18.31 -1.07
N GLU B 554 -12.40 19.10 -1.70
CA GLU B 554 -12.75 20.36 -1.08
C GLU B 554 -13.67 20.27 0.15
N ASN B 555 -14.22 19.10 0.40
CA ASN B 555 -15.14 18.85 1.49
C ASN B 555 -14.61 17.93 2.54
N PHE B 556 -13.36 17.54 2.38
CA PHE B 556 -12.71 16.81 3.39
C PHE B 556 -12.44 17.79 4.54
N PRO C 3 52.49 18.90 -27.02
CA PRO C 3 52.27 19.19 -25.58
C PRO C 3 51.20 20.23 -25.31
N LYS C 4 50.40 20.00 -24.28
CA LYS C 4 49.22 20.84 -24.06
C LYS C 4 49.58 22.08 -23.31
N VAL C 5 48.99 23.19 -23.76
CA VAL C 5 49.06 24.37 -22.91
C VAL C 5 48.44 24.15 -21.52
N ASN C 6 48.84 25.00 -20.58
CA ASN C 6 48.26 25.00 -19.25
C ASN C 6 46.78 25.07 -19.46
N LEU C 7 46.01 24.27 -18.71
CA LEU C 7 44.56 24.17 -18.97
C LEU C 7 43.79 25.52 -18.88
N LYS C 8 44.12 26.37 -17.93
CA LYS C 8 43.42 27.66 -17.79
C LYS C 8 43.70 28.54 -19.00
N GLN C 9 44.76 28.24 -19.75
CA GLN C 9 45.04 28.98 -21.01
C GLN C 9 44.49 28.31 -22.24
N ASP C 10 43.85 27.15 -22.09
CA ASP C 10 43.32 26.49 -23.28
C ASP C 10 42.09 27.31 -23.79
N PRO C 11 41.99 27.54 -25.10
CA PRO C 11 40.89 28.42 -25.53
C PRO C 11 39.51 27.84 -25.27
N ALA C 12 39.36 26.48 -25.29
CA ALA C 12 38.05 25.90 -24.99
C ALA C 12 37.73 26.04 -23.49
N TYR C 13 38.76 25.91 -22.64
CA TYR C 13 38.58 26.11 -21.21
C TYR C 13 38.12 27.55 -20.95
N GLN C 14 38.74 28.49 -21.66
CA GLN C 14 38.45 29.94 -21.48
C GLN C 14 37.04 30.24 -21.89
N LYS C 15 36.56 29.60 -22.95
CA LYS C 15 35.22 29.84 -23.38
C LYS C 15 34.24 29.26 -22.30
N LEU C 16 34.57 28.13 -21.69
CA LEU C 16 33.77 27.59 -20.59
C LEU C 16 33.78 28.54 -19.41
N GLN C 17 34.95 29.13 -19.06
CA GLN C 17 35.01 30.07 -17.94
C GLN C 17 34.06 31.26 -18.19
N GLU C 18 34.10 31.75 -19.41
CA GLU C 18 33.31 32.95 -19.76
C GLU C 18 31.82 32.62 -19.61
N TYR C 19 31.43 31.47 -20.15
CA TYR C 19 30.06 31.02 -20.08
C TYR C 19 29.63 30.82 -18.62
N TYR C 20 30.49 30.20 -17.84
CA TYR C 20 30.24 30.00 -16.45
C TYR C 20 30.07 31.34 -15.69
N ASP C 21 30.98 32.26 -15.95
CA ASP C 21 30.94 33.50 -15.25
C ASP C 21 29.63 34.23 -15.62
N ASN C 22 29.17 34.10 -16.87
CA ASN C 22 27.89 34.73 -17.23
C ASN C 22 26.64 33.92 -16.85
N ASN C 23 26.76 32.63 -16.54
CA ASN C 23 25.52 31.76 -16.39
C ASN C 23 25.36 30.87 -15.18
N ALA C 24 26.40 30.73 -14.34
CA ALA C 24 26.37 29.83 -13.14
C ALA C 24 25.18 30.09 -12.22
N ASP C 25 24.80 31.35 -12.15
CA ASP C 25 23.75 31.81 -11.26
C ASP C 25 22.38 31.59 -11.91
N LYS C 26 22.32 31.26 -13.19
CA LYS C 26 21.07 31.09 -13.90
C LYS C 26 20.68 29.65 -14.25
N ILE C 27 21.65 28.76 -14.35
CA ILE C 27 21.35 27.43 -14.80
C ILE C 27 20.58 26.70 -13.68
N ASN C 28 19.39 26.20 -14.01
CA ASN C 28 18.53 25.60 -13.00
C ASN C 28 17.86 24.37 -13.60
N ILE C 29 18.09 23.23 -12.99
CA ILE C 29 17.77 21.98 -13.70
C ILE C 29 16.27 21.84 -13.85
N LEU C 30 15.52 22.08 -12.81
CA LEU C 30 14.04 22.01 -12.96
C LEU C 30 13.56 22.87 -14.12
N GLN C 31 14.04 24.10 -14.18
CA GLN C 31 13.59 24.99 -15.26
C GLN C 31 13.94 24.36 -16.61
N LEU C 32 15.12 23.75 -16.72
CA LEU C 32 15.49 23.15 -18.00
C LEU C 32 14.49 22.11 -18.36
N PHE C 33 14.15 21.26 -17.39
CA PHE C 33 13.16 20.21 -17.68
C PHE C 33 11.78 20.76 -18.10
N GLN C 34 11.32 21.82 -17.44
CA GLN C 34 10.00 22.40 -17.66
C GLN C 34 9.96 22.96 -19.09
N GLN C 35 11.09 23.50 -19.56
CA GLN C 35 11.19 24.10 -20.89
C GLN C 35 11.55 23.19 -22.05
N ASP C 36 11.98 21.95 -21.76
CA ASP C 36 12.35 21.00 -22.82
C ASP C 36 11.85 19.57 -22.49
N ALA C 37 10.75 19.17 -23.10
CA ALA C 37 10.24 17.81 -22.87
C ALA C 37 11.11 16.70 -23.50
N ASP C 38 12.01 17.08 -24.37
CA ASP C 38 12.90 16.14 -24.99
C ASP C 38 14.22 15.98 -24.20
N ARG C 39 14.29 16.53 -22.98
CA ARG C 39 15.58 16.62 -22.30
C ARG C 39 16.18 15.26 -21.93
N PHE C 40 15.34 14.36 -21.49
CA PHE C 40 15.79 13.00 -21.21
C PHE C 40 16.27 12.26 -22.46
N ASN C 41 15.58 12.37 -23.58
CA ASN C 41 16.11 11.74 -24.82
C ASN C 41 17.41 12.36 -25.24
N LYS C 42 17.53 13.67 -25.09
CA LYS C 42 18.73 14.38 -25.55
C LYS C 42 19.95 14.02 -24.69
N TYR C 43 19.78 13.99 -23.36
CA TYR C 43 20.90 13.78 -22.44
C TYR C 43 20.81 12.46 -21.74
N SER C 44 20.53 11.40 -22.50
CA SER C 44 20.71 10.08 -22.01
C SER C 44 21.35 9.19 -23.11
N LEU C 45 21.93 8.07 -22.70
CA LEU C 45 22.62 7.22 -23.65
C LEU C 45 22.31 5.78 -23.29
N ARG C 46 21.69 5.03 -24.23
CA ARG C 46 21.44 3.58 -24.09
C ARG C 46 22.51 2.86 -24.85
N ILE C 47 23.19 1.95 -24.20
CA ILE C 47 24.22 1.15 -24.80
C ILE C 47 23.79 -0.31 -24.78
N PRO C 48 23.36 -0.84 -25.94
CA PRO C 48 22.88 -2.19 -25.94
C PRO C 48 24.07 -3.13 -25.77
N THR C 49 23.91 -4.18 -24.99
CA THR C 49 24.96 -5.16 -24.86
C THR C 49 24.59 -6.46 -25.61
N PRO C 50 25.57 -7.33 -25.79
CA PRO C 50 25.17 -8.52 -26.54
C PRO C 50 24.17 -9.46 -25.81
N ASN C 51 24.38 -9.71 -24.51
CA ASN C 51 23.58 -10.70 -23.77
C ASN C 51 22.99 -10.16 -22.47
N ASP C 52 23.22 -8.90 -22.14
CA ASP C 52 22.87 -8.45 -20.78
C ASP C 52 21.99 -7.27 -20.80
N GLY C 53 21.34 -7.00 -21.91
CA GLY C 53 20.41 -5.90 -22.02
C GLY C 53 21.10 -4.56 -22.23
N GLU C 54 20.32 -3.49 -22.21
CA GLU C 54 20.88 -2.16 -22.33
C GLU C 54 21.44 -1.61 -20.99
N ILE C 55 22.53 -0.86 -21.11
CA ILE C 55 22.99 -0.01 -20.03
C ILE C 55 22.51 1.40 -20.33
N LEU C 56 21.80 2.02 -19.36
CA LEU C 56 21.32 3.40 -19.55
C LEU C 56 22.15 4.33 -18.71
N LEU C 57 22.73 5.36 -19.35
CA LEU C 57 23.28 6.50 -18.63
C LEU C 57 22.41 7.70 -18.87
N ASP C 58 21.69 8.10 -17.84
CA ASP C 58 20.87 9.29 -17.93
C ASP C 58 21.67 10.38 -17.24
N TYR C 59 22.12 11.37 -18.03
CA TYR C 59 22.85 12.50 -17.46
C TYR C 59 22.03 13.76 -17.60
N SER C 60 20.70 13.61 -17.63
CA SER C 60 19.88 14.77 -17.93
C SER C 60 19.64 15.67 -16.70
N LYS C 61 19.72 15.13 -15.48
CA LYS C 61 19.62 15.96 -14.24
C LYS C 61 20.98 16.58 -13.86
N ASN C 62 21.53 17.31 -14.82
CA ASN C 62 22.74 18.00 -14.66
C ASN C 62 22.55 19.48 -15.04
N ARG C 63 23.44 20.31 -14.48
CA ARG C 63 23.41 21.71 -14.74
C ARG C 63 24.03 22.06 -16.13
N ILE C 64 23.42 21.54 -17.22
CA ILE C 64 23.85 21.79 -18.56
C ILE C 64 22.65 22.08 -19.51
N ASP C 65 22.83 23.00 -20.43
CA ASP C 65 21.91 23.17 -21.57
C ASP C 65 22.73 22.88 -22.84
N ASP C 66 22.21 23.25 -24.01
CA ASP C 66 22.91 22.79 -25.22
C ASP C 66 24.26 23.55 -25.42
N THR C 67 24.29 24.80 -24.97
CA THR C 67 25.54 25.59 -25.08
C THR C 67 26.60 25.04 -24.15
N THR C 68 26.19 24.73 -22.91
CA THR C 68 27.12 24.07 -21.99
C THR C 68 27.69 22.77 -22.56
N PHE C 69 26.82 21.88 -23.03
CA PHE C 69 27.26 20.63 -23.55
C PHE C 69 28.22 20.81 -24.74
N SER C 70 27.89 21.73 -25.66
CA SER C 70 28.75 22.04 -26.79
C SER C 70 30.14 22.46 -26.37
N LEU C 71 30.17 23.43 -25.46
CA LEU C 71 31.42 23.92 -24.84
C LEU C 71 32.24 22.80 -24.16
N LEU C 72 31.58 21.89 -23.45
CA LEU C 72 32.28 20.78 -22.80
C LEU C 72 32.89 19.85 -23.84
N LEU C 73 32.11 19.52 -24.89
CA LEU C 73 32.62 18.69 -25.99
C LEU C 73 33.84 19.34 -26.66
N ASN C 74 33.83 20.66 -26.80
CA ASN C 74 34.98 21.37 -27.46
C ASN C 74 36.17 21.30 -26.59
N LEU C 75 35.97 21.24 -25.25
CA LEU C 75 37.11 21.03 -24.35
C LEU C 75 37.77 19.64 -24.55
N ALA C 76 36.97 18.60 -24.64
CA ALA C 76 37.51 17.27 -24.93
C ALA C 76 38.28 17.22 -26.25
N LYS C 77 37.80 17.92 -27.28
CA LYS C 77 38.53 18.04 -28.56
C LYS C 77 39.85 18.78 -28.39
N SER C 78 39.80 19.92 -27.70
CA SER C 78 40.94 20.79 -27.55
C SER C 78 42.04 20.10 -26.81
N ARG C 79 41.66 19.22 -25.87
CA ARG C 79 42.65 18.51 -25.05
C ARG C 79 43.07 17.16 -25.64
N ASN C 80 42.63 16.88 -26.87
CA ASN C 80 43.01 15.68 -27.63
C ASN C 80 42.74 14.38 -26.95
N VAL C 81 41.55 14.32 -26.36
CA VAL C 81 41.13 13.10 -25.66
C VAL C 81 41.22 11.85 -26.59
N GLU C 82 40.73 12.01 -27.82
CA GLU C 82 40.67 10.86 -28.72
C GLU C 82 42.07 10.36 -29.07
N LYS C 83 42.96 11.29 -29.46
CA LYS C 83 44.33 10.86 -29.81
C LYS C 83 45.03 10.23 -28.55
N ALA C 84 44.80 10.84 -27.39
CA ALA C 84 45.30 10.31 -26.15
C ALA C 84 44.83 8.86 -25.93
N ARG C 85 43.53 8.62 -26.10
CA ARG C 85 43.00 7.27 -25.98
C ARG C 85 43.70 6.29 -26.92
N ASP C 86 43.88 6.71 -28.14
CA ASP C 86 44.46 5.84 -29.19
C ASP C 86 45.90 5.47 -28.80
N ALA C 87 46.66 6.43 -28.30
CA ALA C 87 47.98 6.20 -27.83
C ALA C 87 48.01 5.15 -26.69
N MET C 88 47.08 5.27 -25.70
CA MET C 88 47.01 4.25 -24.65
C MET C 88 46.77 2.87 -25.26
N PHE C 89 45.76 2.78 -26.13
CA PHE C 89 45.44 1.48 -26.69
C PHE C 89 46.47 0.89 -27.62
N ALA C 90 47.30 1.73 -28.22
CA ALA C 90 48.41 1.27 -29.03
C ALA C 90 49.63 0.87 -28.24
N GLY C 91 49.64 1.02 -26.92
CA GLY C 91 50.79 0.65 -26.15
C GLY C 91 51.87 1.67 -26.13
N GLU C 92 51.58 2.90 -26.48
CA GLU C 92 52.54 3.97 -26.35
C GLU C 92 52.83 4.22 -24.86
N LYS C 93 54.04 4.74 -24.56
CA LYS C 93 54.48 4.97 -23.19
C LYS C 93 53.92 6.26 -22.61
N ILE C 94 52.61 6.21 -22.37
CA ILE C 94 51.90 7.41 -21.91
C ILE C 94 52.07 7.63 -20.39
N ASN C 95 52.56 6.64 -19.64
CA ASN C 95 52.94 6.87 -18.22
C ASN C 95 54.31 7.51 -18.30
N PHE C 96 54.29 8.86 -18.36
CA PHE C 96 55.39 9.64 -18.90
C PHE C 96 56.45 9.85 -17.78
N THR C 97 56.07 9.73 -16.51
CA THR C 97 57.08 9.88 -15.50
C THR C 97 57.85 8.60 -15.24
N GLU C 98 57.23 7.43 -15.44
CA GLU C 98 57.94 6.15 -15.30
C GLU C 98 58.38 5.54 -16.66
N ASP C 99 57.96 6.17 -17.75
CA ASP C 99 58.25 5.85 -19.14
C ASP C 99 57.80 4.42 -19.43
N ARG C 100 56.49 4.23 -19.23
CA ARG C 100 55.93 2.89 -19.36
C ARG C 100 54.62 3.02 -20.11
N ALA C 101 54.29 1.91 -20.77
CA ALA C 101 52.99 1.76 -21.34
C ALA C 101 51.90 1.67 -20.22
N VAL C 102 50.64 1.74 -20.63
CA VAL C 102 49.53 1.70 -19.75
C VAL C 102 48.47 0.80 -20.40
N LEU C 103 48.44 -0.49 -20.01
CA LEU C 103 47.81 -1.51 -20.80
C LEU C 103 46.92 -2.46 -20.00
N HIS C 104 46.22 -1.93 -19.01
CA HIS C 104 45.11 -2.72 -18.48
C HIS C 104 44.10 -3.11 -19.57
N VAL C 105 43.91 -2.35 -20.60
CA VAL C 105 43.03 -2.77 -21.68
C VAL C 105 43.55 -4.05 -22.38
N ALA C 106 44.87 -4.34 -22.33
CA ALA C 106 45.34 -5.54 -23.02
C ALA C 106 44.94 -6.78 -22.24
N LEU C 107 44.73 -6.60 -20.95
CA LEU C 107 44.39 -7.69 -20.06
C LEU C 107 43.07 -8.32 -20.48
N ARG C 108 42.20 -7.51 -21.04
CA ARG C 108 40.85 -7.93 -21.45
C ARG C 108 40.67 -7.76 -23.02
N ASN C 109 41.75 -7.94 -23.75
CA ASN C 109 41.81 -7.87 -25.24
C ASN C 109 41.25 -9.11 -25.83
N ARG C 110 39.93 -9.20 -25.79
CA ARG C 110 39.26 -10.43 -26.19
C ARG C 110 39.43 -10.70 -27.68
N GLN C 111 39.64 -9.64 -28.45
CA GLN C 111 39.92 -9.76 -29.92
C GLN C 111 41.28 -10.31 -30.19
N ASN C 112 42.17 -10.32 -29.19
CA ASN C 112 43.55 -10.78 -29.44
C ASN C 112 44.25 -9.99 -30.55
N ARG C 113 43.97 -8.70 -30.64
CA ARG C 113 44.71 -7.92 -31.54
C ARG C 113 46.13 -7.72 -31.01
N PRO C 114 47.10 -7.54 -31.92
CA PRO C 114 48.47 -7.40 -31.48
C PRO C 114 48.66 -6.03 -30.81
N ILE C 115 49.33 -6.02 -29.65
CA ILE C 115 49.60 -4.83 -28.94
C ILE C 115 51.10 -4.88 -28.57
N MET C 116 51.94 -3.96 -29.12
CA MET C 116 53.39 -4.12 -29.04
C MET C 116 53.94 -3.32 -27.89
N VAL C 117 54.75 -3.98 -27.05
CA VAL C 117 55.56 -3.30 -26.05
C VAL C 117 57.02 -3.74 -26.31
N ASN C 118 57.91 -2.74 -26.47
CA ASN C 118 59.34 -2.99 -26.73
C ASN C 118 59.46 -3.95 -27.88
N GLY C 119 58.67 -3.68 -28.91
CA GLY C 119 58.74 -4.41 -30.18
C GLY C 119 58.07 -5.76 -30.19
N LYS C 120 57.44 -6.17 -29.09
CA LYS C 120 56.93 -7.50 -28.97
C LYS C 120 55.42 -7.52 -28.56
N ASP C 121 54.64 -8.38 -29.18
CA ASP C 121 53.20 -8.47 -28.86
C ASP C 121 52.96 -9.00 -27.45
N VAL C 122 52.23 -8.24 -26.64
CA VAL C 122 51.94 -8.66 -25.27
C VAL C 122 50.80 -9.70 -25.19
N THR C 123 50.02 -9.85 -26.27
CA THR C 123 48.79 -10.64 -26.25
C THR C 123 49.08 -12.11 -25.95
N PRO C 124 50.11 -12.69 -26.59
CA PRO C 124 50.40 -14.07 -26.17
C PRO C 124 50.76 -14.25 -24.70
N ASP C 125 51.38 -13.25 -24.11
CA ASP C 125 51.75 -13.36 -22.67
C ASP C 125 50.51 -13.25 -21.75
N VAL C 126 49.56 -12.34 -22.13
CA VAL C 126 48.32 -12.09 -21.36
C VAL C 126 47.59 -13.41 -21.42
N ASN C 127 47.47 -13.95 -22.66
CA ASN C 127 46.73 -15.23 -22.84
C ASN C 127 47.27 -16.44 -22.11
N ALA C 128 48.58 -16.52 -22.00
CA ALA C 128 49.24 -17.65 -21.34
C ALA C 128 49.03 -17.58 -19.85
N VAL C 129 49.02 -16.38 -19.29
CA VAL C 129 48.60 -16.26 -17.88
C VAL C 129 47.08 -16.57 -17.65
N LEU C 130 46.21 -16.10 -18.56
CA LEU C 130 44.81 -16.47 -18.43
C LEU C 130 44.65 -17.97 -18.48
N ALA C 131 45.35 -18.66 -19.39
CA ALA C 131 45.24 -20.13 -19.51
C ALA C 131 45.69 -20.85 -18.24
N HIS C 132 46.75 -20.32 -17.64
CA HIS C 132 47.28 -20.83 -16.37
C HIS C 132 46.28 -20.60 -15.20
N MET C 133 45.68 -19.38 -15.14
CA MET C 133 44.58 -19.14 -14.20
C MET C 133 43.41 -20.08 -14.37
N LYS C 134 43.03 -20.35 -15.63
CA LYS C 134 41.93 -21.26 -15.92
C LYS C 134 42.23 -22.66 -15.40
N GLU C 135 43.43 -23.15 -15.74
CA GLU C 135 43.85 -24.49 -15.32
C GLU C 135 43.86 -24.60 -13.79
N PHE C 136 44.51 -23.68 -13.11
CA PHE C 136 44.59 -23.72 -11.64
C PHE C 136 43.21 -23.62 -11.01
N SER C 137 42.36 -22.78 -11.58
CA SER C 137 41.02 -22.56 -11.02
C SER C 137 40.25 -23.85 -11.08
N THR C 138 40.35 -24.54 -12.18
CA THR C 138 39.76 -25.85 -12.34
C THR C 138 40.33 -26.85 -11.35
N GLN C 139 41.65 -26.87 -11.25
CA GLN C 139 42.24 -27.81 -10.25
C GLN C 139 41.70 -27.58 -8.83
N VAL C 140 41.64 -26.31 -8.40
CA VAL C 140 41.22 -26.05 -7.07
C VAL C 140 39.73 -26.32 -6.88
N ILE C 141 38.91 -25.71 -7.72
CA ILE C 141 37.47 -25.80 -7.61
C ILE C 141 37.00 -27.31 -7.73
N SER C 142 37.57 -28.05 -8.66
CA SER C 142 37.16 -29.40 -8.87
C SER C 142 37.63 -30.31 -7.75
N GLY C 143 38.44 -29.80 -6.81
CA GLY C 143 39.10 -30.67 -5.81
C GLY C 143 40.29 -31.55 -6.20
N ALA C 144 40.84 -31.43 -7.43
CA ALA C 144 42.00 -32.16 -7.85
C ALA C 144 43.19 -31.73 -7.01
N TRP C 145 43.23 -30.44 -6.71
CA TRP C 145 44.30 -29.86 -5.88
C TRP C 145 44.10 -30.19 -4.37
N LYS C 146 45.00 -30.98 -3.76
CA LYS C 146 44.81 -31.41 -2.40
C LYS C 146 45.71 -30.65 -1.47
N GLY C 147 45.23 -30.48 -0.23
CA GLY C 147 46.03 -29.96 0.87
C GLY C 147 47.01 -31.03 1.34
N TYR C 148 47.68 -30.77 2.44
CA TYR C 148 48.80 -31.61 2.82
C TYR C 148 48.32 -32.88 3.53
N THR C 149 47.04 -32.99 3.81
CA THR C 149 46.44 -34.23 4.31
C THR C 149 45.54 -34.90 3.33
N GLY C 150 45.61 -34.47 2.09
CA GLY C 150 44.90 -35.13 0.96
C GLY C 150 43.45 -34.68 0.79
N LYS C 151 43.08 -33.52 1.40
CA LYS C 151 41.72 -32.97 1.30
C LYS C 151 41.61 -31.83 0.30
N PRO C 152 40.46 -31.73 -0.35
CA PRO C 152 40.24 -30.59 -1.24
C PRO C 152 40.13 -29.26 -0.45
N ILE C 153 40.45 -28.18 -1.14
CA ILE C 153 40.42 -26.86 -0.57
C ILE C 153 39.00 -26.42 -0.29
N THR C 154 38.79 -25.67 0.81
CA THR C 154 37.51 -25.11 1.09
C THR C 154 37.48 -23.58 1.22
N ASP C 155 38.62 -23.03 1.60
CA ASP C 155 38.83 -21.62 1.85
C ASP C 155 39.99 -21.05 1.05
N VAL C 156 39.77 -19.88 0.46
CA VAL C 156 40.76 -19.16 -0.29
C VAL C 156 41.02 -17.81 0.38
N ILE C 157 42.30 -17.51 0.62
CA ILE C 157 42.62 -16.30 1.42
C ILE C 157 43.59 -15.46 0.60
N ASN C 158 43.14 -14.28 0.19
CA ASN C 158 43.94 -13.35 -0.58
C ASN C 158 44.68 -12.43 0.36
N ILE C 159 46.00 -12.25 0.15
CA ILE C 159 46.75 -11.40 1.01
C ILE C 159 47.42 -10.39 0.11
N GLY C 160 47.14 -9.12 0.38
CA GLY C 160 47.71 -8.06 -0.43
C GLY C 160 47.23 -6.67 0.03
N ILE C 161 47.90 -5.64 -0.47
CA ILE C 161 47.51 -4.25 -0.15
C ILE C 161 47.09 -3.51 -1.44
N GLY C 162 46.38 -2.39 -1.25
CA GLY C 162 46.00 -1.50 -2.31
C GLY C 162 45.32 -2.26 -3.42
N GLY C 163 45.87 -2.14 -4.61
CA GLY C 163 45.27 -2.72 -5.80
C GLY C 163 45.31 -4.22 -5.81
N SER C 164 46.12 -4.78 -4.94
CA SER C 164 46.18 -6.24 -4.83
C SER C 164 45.07 -6.78 -3.94
N ASP C 165 44.29 -5.87 -3.32
CA ASP C 165 43.23 -6.28 -2.39
C ASP C 165 41.84 -5.75 -2.82
N LEU C 166 41.74 -4.45 -3.08
CA LEU C 166 40.45 -3.81 -3.17
C LEU C 166 39.59 -4.29 -4.30
N GLY C 167 40.19 -4.53 -5.46
CA GLY C 167 39.44 -5.02 -6.65
C GLY C 167 38.90 -6.43 -6.45
N PRO C 168 39.75 -7.35 -6.09
CA PRO C 168 39.24 -8.70 -5.85
C PRO C 168 38.21 -8.70 -4.74
N LEU C 169 38.41 -7.91 -3.70
CA LEU C 169 37.38 -7.86 -2.61
C LEU C 169 36.07 -7.28 -3.17
N MET C 170 36.12 -6.10 -3.75
CA MET C 170 34.88 -5.51 -4.30
C MET C 170 34.11 -6.36 -5.28
N VAL C 171 34.81 -7.09 -6.15
CA VAL C 171 34.17 -7.84 -7.23
C VAL C 171 33.61 -9.13 -6.68
N THR C 172 34.35 -9.78 -5.79
CA THR C 172 33.80 -10.97 -5.15
C THR C 172 32.52 -10.63 -4.33
N GLU C 173 32.54 -9.51 -3.57
CA GLU C 173 31.33 -9.11 -2.86
C GLU C 173 30.22 -8.78 -3.87
N ALA C 174 30.53 -8.12 -4.97
CA ALA C 174 29.50 -7.71 -5.93
C ALA C 174 28.87 -8.91 -6.67
N LEU C 175 29.63 -9.98 -6.79
CA LEU C 175 29.24 -11.11 -7.63
C LEU C 175 29.02 -12.35 -6.80
N LYS C 176 28.68 -12.15 -5.51
CA LYS C 176 28.44 -13.27 -4.63
C LYS C 176 27.36 -14.26 -5.15
N PRO C 177 26.34 -13.79 -5.87
CA PRO C 177 25.44 -14.80 -6.43
C PRO C 177 26.01 -15.85 -7.39
N TYR C 178 27.19 -15.57 -7.95
CA TYR C 178 27.84 -16.43 -8.90
C TYR C 178 28.88 -17.36 -8.25
N ALA C 179 28.98 -17.35 -6.94
CA ALA C 179 29.99 -18.11 -6.23
C ALA C 179 29.75 -19.57 -6.34
N ASN C 180 30.83 -20.32 -6.33
CA ASN C 180 30.74 -21.77 -6.15
C ASN C 180 30.77 -22.10 -4.67
N HIS C 181 31.24 -23.28 -4.28
CA HIS C 181 31.23 -23.67 -2.86
C HIS C 181 32.39 -23.07 -2.06
N LEU C 182 33.37 -22.42 -2.75
CA LEU C 182 34.55 -21.97 -2.02
C LEU C 182 34.15 -20.72 -1.18
N LYS C 183 34.76 -20.55 -0.02
CA LYS C 183 34.70 -19.32 0.76
C LYS C 183 35.99 -18.56 0.52
N VAL C 184 35.84 -17.24 0.37
CA VAL C 184 36.97 -16.42 0.11
C VAL C 184 37.08 -15.38 1.21
N HIS C 185 38.33 -15.04 1.55
CA HIS C 185 38.71 -14.12 2.62
C HIS C 185 39.77 -13.18 2.08
N PHE C 186 39.84 -11.97 2.65
CA PHE C 186 40.77 -10.96 2.23
C PHE C 186 41.45 -10.35 3.42
N VAL C 187 42.79 -10.40 3.36
CA VAL C 187 43.65 -9.82 4.44
C VAL C 187 44.45 -8.76 3.69
N SER C 188 44.44 -7.54 4.20
CA SER C 188 45.18 -6.38 3.63
C SER C 188 45.92 -5.53 4.65
N ASN C 189 45.25 -5.23 5.76
CA ASN C 189 45.81 -4.35 6.76
C ASN C 189 47.04 -4.97 7.40
N ILE C 190 48.06 -4.16 7.68
CA ILE C 190 49.17 -4.69 8.46
C ILE C 190 48.74 -5.02 9.89
N ASP C 191 47.74 -4.30 10.36
CA ASP C 191 47.19 -4.47 11.68
C ASP C 191 46.90 -5.96 11.85
N GLY C 192 47.46 -6.58 12.86
CA GLY C 192 47.45 -8.04 12.97
C GLY C 192 46.02 -8.51 13.23
N THR C 193 45.14 -7.60 13.65
CA THR C 193 43.68 -7.98 13.75
C THR C 193 43.15 -8.56 12.49
N HIS C 194 43.52 -7.99 11.35
CA HIS C 194 43.01 -8.44 10.08
C HIS C 194 43.30 -9.92 9.79
N LEU C 195 44.57 -10.31 9.76
CA LEU C 195 44.95 -11.70 9.62
C LEU C 195 44.39 -12.59 10.73
N ALA C 196 44.48 -12.13 11.96
CA ALA C 196 44.15 -12.98 13.12
C ALA C 196 42.64 -13.37 13.04
N GLU C 197 41.80 -12.44 12.61
CA GLU C 197 40.34 -12.76 12.54
C GLU C 197 40.04 -13.76 11.41
N VAL C 198 40.84 -13.77 10.34
CA VAL C 198 40.66 -14.76 9.26
C VAL C 198 41.19 -16.12 9.73
N LEU C 199 42.39 -16.14 10.34
CA LEU C 199 43.04 -17.43 10.69
C LEU C 199 42.16 -18.23 11.63
N LYS C 200 41.42 -17.54 12.52
CA LYS C 200 40.62 -18.28 13.47
C LYS C 200 39.41 -18.99 12.76
N ARG C 201 39.10 -18.64 11.51
CA ARG C 201 37.97 -19.17 10.77
C ARG C 201 38.42 -20.40 9.93
N LEU C 202 39.73 -20.67 9.88
CA LEU C 202 40.26 -21.66 8.99
C LEU C 202 40.66 -23.01 9.57
N ASN C 203 40.71 -23.99 8.68
CA ASN C 203 41.40 -25.26 8.88
C ASN C 203 42.64 -25.28 8.01
N PRO C 204 43.84 -25.38 8.59
CA PRO C 204 45.06 -25.36 7.81
C PRO C 204 45.09 -26.45 6.73
N GLU C 205 44.39 -27.59 6.96
CA GLU C 205 44.37 -28.65 5.98
C GLU C 205 43.66 -28.33 4.71
N THR C 206 42.80 -27.28 4.72
CA THR C 206 41.93 -27.01 3.59
C THR C 206 41.94 -25.53 3.11
N ALA C 207 42.95 -24.80 3.59
CA ALA C 207 43.13 -23.37 3.30
C ALA C 207 44.21 -23.11 2.29
N LEU C 208 43.87 -22.26 1.29
CA LEU C 208 44.76 -21.87 0.25
C LEU C 208 44.97 -20.36 0.28
N PHE C 209 46.23 -19.96 0.47
CA PHE C 209 46.63 -18.56 0.53
C PHE C 209 47.17 -18.13 -0.81
N ILE C 210 46.76 -16.93 -1.19
CA ILE C 210 47.20 -16.27 -2.42
C ILE C 210 47.96 -15.04 -1.98
N ILE C 211 49.27 -15.02 -2.23
CA ILE C 211 50.07 -13.91 -1.86
C ILE C 211 50.25 -13.02 -3.09
N ALA C 212 49.73 -11.81 -3.00
CA ALA C 212 49.59 -10.92 -4.15
C ALA C 212 50.51 -9.69 -4.02
N SER C 213 51.65 -9.70 -4.71
CA SER C 213 52.68 -8.68 -4.61
C SER C 213 53.65 -8.87 -5.80
N LYS C 214 53.72 -7.84 -6.61
CA LYS C 214 54.53 -7.94 -7.83
C LYS C 214 55.97 -8.17 -7.48
N THR C 215 56.51 -7.34 -6.58
CA THR C 215 57.92 -7.48 -6.08
C THR C 215 58.15 -8.67 -5.16
N PHE C 216 57.09 -9.13 -4.53
CA PHE C 216 57.17 -10.11 -3.45
C PHE C 216 58.08 -9.65 -2.28
N THR C 217 58.28 -8.32 -2.17
CA THR C 217 58.93 -7.72 -0.98
C THR C 217 58.07 -6.69 -0.26
N THR C 218 56.88 -6.41 -0.75
CA THR C 218 55.96 -5.46 -0.10
C THR C 218 55.84 -5.73 1.39
N GLN C 219 56.16 -4.74 2.23
CA GLN C 219 56.35 -4.97 3.69
C GLN C 219 55.10 -5.53 4.35
N GLU C 220 53.96 -4.86 4.10
CA GLU C 220 52.74 -5.33 4.79
C GLU C 220 52.33 -6.70 4.32
N THR C 221 52.36 -6.93 3.00
CA THR C 221 51.87 -8.18 2.41
C THR C 221 52.78 -9.37 2.79
N ILE C 222 54.10 -9.13 2.78
CA ILE C 222 55.04 -10.17 3.15
C ILE C 222 55.04 -10.40 4.64
N THR C 223 54.75 -9.40 5.48
CA THR C 223 54.64 -9.68 6.92
C THR C 223 53.41 -10.54 7.20
N ASN C 224 52.29 -10.19 6.55
CA ASN C 224 51.07 -10.97 6.67
C ASN C 224 51.30 -12.39 6.15
N ALA C 225 51.96 -12.53 4.98
CA ALA C 225 52.23 -13.84 4.38
C ALA C 225 53.10 -14.71 5.27
N THR C 226 54.09 -14.09 5.91
CA THR C 226 54.97 -14.90 6.76
C THR C 226 54.29 -15.27 8.05
N SER C 227 53.40 -14.39 8.55
CA SER C 227 52.57 -14.72 9.71
C SER C 227 51.60 -15.85 9.40
N ALA C 228 50.97 -15.80 8.23
CA ALA C 228 50.15 -16.91 7.80
C ALA C 228 50.95 -18.25 7.71
N LYS C 229 52.14 -18.16 7.14
CA LYS C 229 52.96 -19.35 6.98
C LYS C 229 53.34 -19.93 8.30
N THR C 230 53.72 -19.06 9.25
CA THR C 230 54.07 -19.56 10.59
C THR C 230 52.90 -20.29 11.24
N TRP C 231 51.69 -19.71 11.18
CA TRP C 231 50.43 -20.35 11.63
C TRP C 231 50.23 -21.70 10.95
N PHE C 232 50.42 -21.75 9.64
CA PHE C 232 50.18 -22.95 8.86
C PHE C 232 51.18 -24.07 9.28
N LEU C 233 52.45 -23.71 9.40
CA LEU C 233 53.47 -24.70 9.80
C LEU C 233 53.32 -25.13 11.27
N GLU C 234 52.71 -24.31 12.16
CA GLU C 234 52.42 -24.84 13.53
C GLU C 234 51.60 -26.12 13.48
N ALA C 235 50.72 -26.20 12.50
CA ALA C 235 49.92 -27.37 12.24
C ALA C 235 50.59 -28.39 11.33
N ALA C 236 51.04 -27.96 10.14
CA ALA C 236 51.59 -28.91 9.19
C ALA C 236 53.00 -29.43 9.54
N LYS C 237 53.84 -28.66 10.21
CA LYS C 237 55.23 -28.99 10.60
C LYS C 237 56.21 -28.95 9.44
N ASP C 238 55.90 -29.60 8.36
CA ASP C 238 56.82 -29.86 7.30
C ASP C 238 56.84 -28.74 6.28
N PRO C 239 58.02 -28.15 6.09
CA PRO C 239 58.10 -27.00 5.18
C PRO C 239 57.73 -27.28 3.72
N ALA C 240 57.86 -28.54 3.26
CA ALA C 240 57.40 -28.92 1.93
C ALA C 240 55.88 -28.74 1.72
N ALA C 241 55.11 -28.72 2.80
CA ALA C 241 53.64 -28.65 2.72
C ALA C 241 53.22 -27.23 2.30
N VAL C 242 54.16 -26.28 2.42
CA VAL C 242 53.84 -24.87 2.07
C VAL C 242 53.38 -24.79 0.60
N SER C 243 53.98 -25.62 -0.25
CA SER C 243 53.82 -25.49 -1.66
C SER C 243 52.43 -25.97 -2.03
N LYS C 244 51.75 -26.66 -1.16
CA LYS C 244 50.36 -27.01 -1.40
C LYS C 244 49.32 -25.98 -0.92
N HIS C 245 49.73 -25.00 -0.16
CA HIS C 245 48.77 -24.14 0.49
C HIS C 245 49.05 -22.70 0.23
N PHE C 246 50.11 -22.40 -0.52
CA PHE C 246 50.46 -20.99 -0.85
C PHE C 246 50.85 -20.89 -2.33
N VAL C 247 50.28 -19.86 -2.99
CA VAL C 247 50.62 -19.48 -4.37
C VAL C 247 50.85 -17.97 -4.42
N ALA C 248 51.46 -17.45 -5.51
CA ALA C 248 51.85 -16.06 -5.62
C ALA C 248 51.35 -15.44 -6.91
N LEU C 249 50.99 -14.17 -6.77
CA LEU C 249 50.65 -13.30 -7.87
C LEU C 249 51.76 -12.29 -7.89
N SER C 250 52.74 -12.60 -8.75
CA SER C 250 54.08 -11.99 -8.63
C SER C 250 54.86 -12.24 -9.92
N THR C 251 55.98 -11.53 -10.04
CA THR C 251 56.98 -11.85 -11.01
C THR C 251 58.34 -12.18 -10.37
N ASN C 252 58.49 -12.07 -9.06
CA ASN C 252 59.77 -12.30 -8.43
C ASN C 252 59.92 -13.77 -8.09
N GLY C 253 60.34 -14.53 -9.09
CA GLY C 253 60.45 -15.99 -8.97
C GLY C 253 61.42 -16.40 -7.87
N GLU C 254 62.53 -15.71 -7.74
CA GLU C 254 63.44 -16.11 -6.66
C GLU C 254 62.83 -15.96 -5.25
N LYS C 255 62.23 -14.82 -4.96
CA LYS C 255 61.64 -14.59 -3.65
C LYS C 255 60.41 -15.46 -3.39
N VAL C 256 59.60 -15.72 -4.43
CA VAL C 256 58.50 -16.62 -4.30
C VAL C 256 58.97 -18.03 -3.94
N THR C 257 60.02 -18.49 -4.62
CA THR C 257 60.49 -19.82 -4.38
C THR C 257 61.13 -19.88 -3.00
N ALA C 258 61.87 -18.86 -2.60
CA ALA C 258 62.41 -18.77 -1.20
C ALA C 258 61.39 -18.91 -0.12
N PHE C 259 60.19 -18.38 -0.37
CA PHE C 259 59.16 -18.37 0.65
C PHE C 259 58.62 -19.78 0.78
N GLY C 260 58.83 -20.62 -0.23
CA GLY C 260 58.34 -21.98 -0.19
C GLY C 260 57.27 -22.39 -1.19
N ILE C 261 56.90 -21.46 -2.08
CA ILE C 261 55.88 -21.66 -3.07
C ILE C 261 56.60 -22.27 -4.28
N ASP C 262 55.97 -23.23 -4.92
CA ASP C 262 56.47 -23.80 -6.16
C ASP C 262 56.35 -22.74 -7.25
N PRO C 263 57.43 -22.43 -7.98
CA PRO C 263 57.36 -21.33 -8.94
C PRO C 263 56.46 -21.62 -10.13
N LYS C 264 56.05 -22.89 -10.30
CA LYS C 264 54.98 -23.20 -11.26
C LYS C 264 53.66 -22.53 -10.89
N ASN C 265 53.52 -22.18 -9.60
CA ASN C 265 52.26 -21.54 -9.09
C ASN C 265 52.44 -20.06 -8.83
N MET C 266 53.33 -19.48 -9.61
CA MET C 266 53.49 -18.03 -9.65
C MET C 266 52.76 -17.54 -10.91
N PHE C 267 51.81 -16.60 -10.70
CA PHE C 267 51.00 -16.02 -11.73
C PHE C 267 51.45 -14.57 -12.00
N GLY C 268 52.01 -14.32 -13.17
CA GLY C 268 52.68 -13.04 -13.44
C GLY C 268 51.79 -11.99 -14.10
N PHE C 269 52.28 -10.78 -14.06
CA PHE C 269 51.65 -9.61 -14.70
C PHE C 269 52.86 -8.66 -14.99
N TRP C 270 52.61 -7.43 -15.51
CA TRP C 270 53.64 -6.65 -16.17
C TRP C 270 53.57 -5.24 -15.61
N ASP C 271 54.68 -4.52 -15.80
CA ASP C 271 54.80 -3.18 -15.30
C ASP C 271 53.82 -2.19 -15.90
N TRP C 272 53.19 -2.53 -17.04
CA TRP C 272 52.12 -1.69 -17.65
C TRP C 272 50.75 -1.94 -17.03
N VAL C 273 50.70 -2.80 -16.02
CA VAL C 273 49.47 -3.01 -15.21
C VAL C 273 49.66 -2.31 -13.87
N GLY C 274 48.96 -1.20 -13.69
CA GLY C 274 48.92 -0.54 -12.43
C GLY C 274 48.11 -1.28 -11.43
N GLY C 275 48.54 -1.24 -10.15
CA GLY C 275 47.83 -1.94 -9.09
C GLY C 275 46.33 -1.67 -9.13
N ARG C 276 46.00 -0.37 -9.24
CA ARG C 276 44.62 0.05 -9.17
C ARG C 276 43.84 -0.24 -10.45
N TYR C 277 44.48 -0.89 -11.43
CA TYR C 277 43.84 -1.36 -12.66
C TYR C 277 44.16 -2.86 -12.89
N SER C 278 44.49 -3.60 -11.82
CA SER C 278 45.08 -4.92 -11.91
C SER C 278 44.12 -6.07 -11.70
N LEU C 279 42.86 -5.83 -11.33
CA LEU C 279 42.00 -6.99 -11.03
C LEU C 279 41.74 -7.87 -12.28
N TRP C 280 41.95 -7.27 -13.46
CA TRP C 280 41.76 -7.96 -14.76
C TRP C 280 42.87 -8.96 -15.08
N SER C 281 43.95 -8.84 -14.32
CA SER C 281 45.22 -9.61 -14.53
C SER C 281 45.21 -10.83 -13.65
N ALA C 282 46.39 -11.47 -13.52
CA ALA C 282 46.60 -12.47 -12.46
C ALA C 282 46.08 -12.07 -11.05
N ILE C 283 46.10 -10.78 -10.73
CA ILE C 283 45.62 -10.30 -9.49
C ILE C 283 44.14 -10.70 -9.25
N GLY C 284 43.40 -10.95 -10.30
CA GLY C 284 42.00 -11.40 -10.19
C GLY C 284 41.85 -12.91 -9.91
N LEU C 285 42.94 -13.59 -9.55
CA LEU C 285 42.87 -15.05 -9.36
C LEU C 285 41.81 -15.43 -8.31
N SER C 286 41.74 -14.70 -7.20
CA SER C 286 40.78 -15.02 -6.15
C SER C 286 39.32 -14.84 -6.68
N ILE C 287 39.14 -13.93 -7.64
CA ILE C 287 37.82 -13.81 -8.31
C ILE C 287 37.51 -15.08 -9.10
N SER C 288 38.44 -15.47 -9.94
CA SER C 288 38.31 -16.67 -10.78
C SER C 288 38.05 -17.91 -9.96
N LEU C 289 38.71 -17.99 -8.82
CA LEU C 289 38.48 -19.15 -7.92
C LEU C 289 37.08 -19.16 -7.32
N TYR C 290 36.60 -17.95 -6.96
CA TYR C 290 35.35 -17.83 -6.23
C TYR C 290 34.13 -17.94 -7.08
N ILE C 291 34.17 -17.38 -8.29
CA ILE C 291 33.01 -17.48 -9.23
C ILE C 291 33.28 -18.31 -10.45
N GLY C 292 34.49 -18.85 -10.58
CA GLY C 292 34.75 -19.71 -11.75
C GLY C 292 35.46 -18.90 -12.82
N PHE C 293 36.35 -19.54 -13.57
CA PHE C 293 37.05 -18.84 -14.63
C PHE C 293 36.08 -18.33 -15.73
N GLU C 294 35.07 -19.09 -16.07
CA GLU C 294 34.12 -18.71 -17.10
C GLU C 294 33.45 -17.37 -16.73
N ASN C 295 33.07 -17.23 -15.46
CA ASN C 295 32.51 -15.97 -14.98
C ASN C 295 33.55 -14.83 -14.96
N PHE C 296 34.80 -15.19 -14.64
CA PHE C 296 35.91 -14.22 -14.76
C PHE C 296 36.05 -13.76 -16.17
N GLU C 297 35.92 -14.67 -17.13
CA GLU C 297 35.95 -14.25 -18.56
C GLU C 297 34.83 -13.30 -18.89
N LYS C 298 33.62 -13.55 -18.35
CA LYS C 298 32.51 -12.62 -18.66
C LYS C 298 32.77 -11.21 -18.09
N LEU C 299 33.42 -11.12 -16.95
CA LEU C 299 33.85 -9.84 -16.40
C LEU C 299 34.82 -9.12 -17.41
N LEU C 300 35.80 -9.87 -17.92
CA LEU C 300 36.69 -9.33 -18.93
C LEU C 300 35.95 -8.94 -20.17
N ASP C 301 34.94 -9.74 -20.56
CA ASP C 301 34.20 -9.47 -21.78
C ASP C 301 33.42 -8.15 -21.62
N GLY C 302 32.91 -7.85 -20.42
CA GLY C 302 32.15 -6.65 -20.25
C GLY C 302 33.09 -5.47 -20.24
N ALA C 303 34.27 -5.61 -19.62
CA ALA C 303 35.26 -4.51 -19.70
C ALA C 303 35.66 -4.21 -21.14
N ASN C 304 35.90 -5.25 -21.90
CA ASN C 304 36.32 -5.10 -23.31
C ASN C 304 35.21 -4.50 -24.13
N PHE C 305 33.97 -4.83 -23.85
CA PHE C 305 32.86 -4.21 -24.51
C PHE C 305 32.88 -2.69 -24.30
N MET C 306 33.12 -2.29 -23.05
CA MET C 306 33.17 -0.84 -22.70
C MET C 306 34.39 -0.18 -23.33
N ASP C 307 35.51 -0.88 -23.28
CA ASP C 307 36.67 -0.46 -24.07
C ASP C 307 36.35 -0.15 -25.50
N ASN C 308 35.71 -1.09 -26.19
CA ASN C 308 35.31 -0.87 -27.58
C ASN C 308 34.34 0.29 -27.77
N HIS C 309 33.41 0.49 -26.85
CA HIS C 309 32.53 1.64 -26.83
C HIS C 309 33.33 2.96 -26.73
N PHE C 310 34.22 3.02 -25.75
CA PHE C 310 35.11 4.20 -25.56
C PHE C 310 35.92 4.51 -26.82
N CYS C 311 36.40 3.48 -27.54
CA CYS C 311 37.13 3.65 -28.79
C CYS C 311 36.32 4.09 -29.99
N THR C 312 35.11 3.59 -30.12
CA THR C 312 34.33 3.80 -31.36
C THR C 312 33.26 4.90 -31.23
N ALA C 313 32.74 5.14 -30.04
CA ALA C 313 31.69 6.13 -29.89
C ALA C 313 32.17 7.56 -30.11
N PRO C 314 31.43 8.32 -30.98
CA PRO C 314 31.73 9.77 -31.01
C PRO C 314 31.59 10.44 -29.64
N LEU C 315 32.34 11.51 -29.42
CA LEU C 315 32.37 12.16 -28.11
C LEU C 315 31.01 12.37 -27.52
N GLU C 316 30.10 12.90 -28.35
CA GLU C 316 28.79 13.24 -27.88
C GLU C 316 27.89 12.06 -27.44
N LYS C 317 28.35 10.82 -27.69
CA LYS C 317 27.61 9.60 -27.37
C LYS C 317 28.56 8.58 -26.74
N ASN C 318 29.58 9.13 -26.06
CA ASN C 318 30.64 8.35 -25.41
C ASN C 318 30.61 8.43 -23.89
N ALA C 319 30.13 7.39 -23.24
CA ALA C 319 29.76 7.47 -21.82
C ALA C 319 30.93 7.97 -20.95
N PRO C 320 32.13 7.32 -21.04
CA PRO C 320 33.19 7.74 -20.15
C PRO C 320 33.55 9.24 -20.39
N VAL C 321 33.50 9.67 -21.64
CA VAL C 321 33.82 11.11 -21.94
C VAL C 321 32.79 12.05 -21.30
N ILE C 322 31.53 11.69 -21.48
CA ILE C 322 30.48 12.53 -20.92
C ILE C 322 30.62 12.61 -19.39
N LEU C 323 30.84 11.47 -18.75
CA LEU C 323 31.02 11.46 -17.28
C LEU C 323 32.19 12.38 -16.87
N ALA C 324 33.31 12.22 -17.57
CA ALA C 324 34.53 13.01 -17.38
C ALA C 324 34.29 14.51 -17.50
N LEU C 325 33.56 14.91 -18.54
CA LEU C 325 33.21 16.36 -18.78
C LEU C 325 32.40 16.95 -17.73
N LEU C 326 31.41 16.18 -17.31
CA LEU C 326 30.51 16.64 -16.23
C LEU C 326 31.29 16.88 -14.93
N GLY C 327 32.22 15.95 -14.64
CA GLY C 327 33.09 16.05 -13.50
C GLY C 327 33.98 17.25 -13.53
N VAL C 328 34.54 17.54 -14.69
CA VAL C 328 35.29 18.77 -14.89
C VAL C 328 34.45 20.03 -14.69
N TRP C 329 33.23 20.02 -15.22
CA TRP C 329 32.29 21.12 -15.07
C TRP C 329 32.07 21.44 -13.60
N TYR C 330 31.66 20.44 -12.82
CA TYR C 330 31.43 20.75 -11.42
C TYR C 330 32.68 21.01 -10.64
N GLY C 331 33.79 20.33 -10.98
CA GLY C 331 34.97 20.40 -10.16
C GLY C 331 35.77 21.68 -10.49
N ASN C 332 35.98 21.93 -11.76
CA ASN C 332 36.80 23.05 -12.17
C ASN C 332 36.11 24.40 -12.30
N PHE C 333 34.79 24.37 -12.50
CA PHE C 333 34.05 25.63 -12.69
C PHE C 333 33.18 25.93 -11.50
N TYR C 334 32.33 24.98 -11.03
CA TYR C 334 31.59 25.20 -9.77
C TYR C 334 32.41 25.04 -8.55
N GLY C 335 33.61 24.49 -8.65
CA GLY C 335 34.52 24.29 -7.45
C GLY C 335 34.14 23.12 -6.50
N ALA C 336 33.27 22.19 -6.90
CA ALA C 336 32.87 21.06 -5.99
C ALA C 336 34.11 20.20 -5.73
N GLU C 337 34.36 19.83 -4.47
CA GLU C 337 35.55 19.09 -4.14
C GLU C 337 35.32 17.57 -4.20
N THR C 338 34.07 17.16 -4.20
CA THR C 338 33.76 15.75 -4.08
C THR C 338 32.86 15.23 -5.16
N HIS C 339 32.83 13.89 -5.21
CA HIS C 339 31.93 13.16 -6.12
C HIS C 339 31.50 11.87 -5.36
N ALA C 340 30.18 11.64 -5.29
CA ALA C 340 29.61 10.47 -4.57
C ALA C 340 29.16 9.39 -5.53
N LEU C 341 29.48 8.15 -5.16
CA LEU C 341 29.05 7.00 -5.89
C LEU C 341 28.09 6.21 -5.01
N LEU C 342 26.86 6.01 -5.50
CA LEU C 342 25.75 5.55 -4.69
C LEU C 342 25.01 4.41 -5.37
N PRO C 343 25.57 3.21 -5.27
CA PRO C 343 24.88 2.06 -5.91
C PRO C 343 23.74 1.60 -5.02
N TYR C 344 22.54 1.49 -5.59
CA TYR C 344 21.38 0.97 -4.88
C TYR C 344 21.41 -0.57 -4.94
N ASP C 345 22.37 -1.13 -4.22
CA ASP C 345 22.75 -2.54 -4.36
C ASP C 345 23.73 -2.87 -3.27
N GLN C 346 23.25 -3.65 -2.34
CA GLN C 346 24.05 -4.12 -1.21
C GLN C 346 25.29 -4.95 -1.58
N TYR C 347 25.17 -5.78 -2.61
CA TYR C 347 26.35 -6.51 -3.05
C TYR C 347 27.53 -5.60 -3.47
N LEU C 348 27.16 -4.44 -4.00
CA LEU C 348 28.08 -3.37 -4.43
C LEU C 348 28.50 -2.45 -3.32
N HIS C 349 28.44 -2.96 -2.10
CA HIS C 349 28.82 -2.15 -0.93
C HIS C 349 30.24 -1.62 -0.93
N ARG C 350 31.16 -2.25 -1.65
CA ARG C 350 32.53 -1.78 -1.68
C ARG C 350 32.96 -1.09 -3.01
N PHE C 351 31.97 -0.82 -3.84
CA PHE C 351 32.19 -0.13 -5.12
C PHE C 351 32.77 1.25 -4.92
N ALA C 352 32.17 2.06 -4.04
CA ALA C 352 32.66 3.40 -3.83
C ALA C 352 34.07 3.40 -3.32
N ALA C 353 34.37 2.46 -2.39
CA ALA C 353 35.72 2.38 -1.84
C ALA C 353 36.73 1.96 -2.91
N TYR C 354 36.35 1.07 -3.82
CA TYR C 354 37.25 0.74 -4.93
C TYR C 354 37.70 1.96 -5.78
N PHE C 355 36.73 2.78 -6.15
CA PHE C 355 37.00 3.97 -6.92
C PHE C 355 37.55 5.08 -6.13
N GLN C 356 37.52 5.01 -4.80
CA GLN C 356 38.41 5.90 -4.09
C GLN C 356 39.79 5.70 -4.47
N GLN C 357 40.30 4.44 -4.54
CA GLN C 357 41.64 4.21 -5.02
C GLN C 357 41.70 4.55 -6.48
N GLY C 358 40.82 3.94 -7.30
CA GLY C 358 40.92 4.06 -8.75
C GLY C 358 40.98 5.52 -9.20
N ASP C 359 40.12 6.33 -8.61
CA ASP C 359 40.04 7.74 -9.06
C ASP C 359 41.12 8.56 -8.33
N MET C 360 41.16 8.48 -7.00
CA MET C 360 41.97 9.37 -6.21
C MET C 360 43.47 9.11 -6.30
N GLU C 361 43.85 7.84 -6.37
CA GLU C 361 45.25 7.56 -6.54
C GLU C 361 45.71 7.91 -7.95
N SER C 362 44.79 7.82 -8.92
CA SER C 362 45.08 8.23 -10.32
C SER C 362 45.22 9.74 -10.47
N ASN C 363 44.22 10.47 -10.04
CA ASN C 363 44.11 11.85 -10.39
C ASN C 363 44.33 12.83 -9.27
N GLY C 364 44.73 12.32 -8.08
CA GLY C 364 45.25 13.11 -6.98
C GLY C 364 46.67 13.60 -7.25
N LYS C 365 46.77 14.50 -8.21
CA LYS C 365 48.05 14.92 -8.78
C LYS C 365 48.11 16.43 -8.99
N TYR C 366 49.31 17.00 -9.04
CA TYR C 366 49.42 18.47 -9.20
C TYR C 366 50.55 18.98 -10.14
N VAL C 367 51.18 18.03 -10.85
CA VAL C 367 52.26 18.35 -11.79
C VAL C 367 51.86 17.87 -13.18
N THR C 368 51.99 18.75 -14.16
CA THR C 368 51.59 18.46 -15.50
C THR C 368 52.74 17.79 -16.24
N ARG C 369 52.48 17.36 -17.45
CA ARG C 369 53.51 16.75 -18.26
C ARG C 369 54.63 17.71 -18.57
N SER C 370 54.35 19.01 -18.58
CA SER C 370 55.39 20.04 -18.81
C SER C 370 56.22 20.27 -17.53
N GLY C 371 55.90 19.60 -16.43
CA GLY C 371 56.62 19.81 -15.18
C GLY C 371 56.08 20.99 -14.40
N ALA C 372 55.06 21.68 -14.92
CA ALA C 372 54.47 22.84 -14.17
C ALA C 372 53.57 22.39 -13.05
N THR C 373 53.44 23.21 -12.00
CA THR C 373 52.46 22.88 -10.94
C THR C 373 51.12 23.43 -11.42
N VAL C 374 50.06 22.66 -11.22
CA VAL C 374 48.75 23.06 -11.70
C VAL C 374 48.24 24.26 -10.93
N ASP C 375 47.47 25.12 -11.61
CA ASP C 375 46.80 26.27 -10.96
C ASP C 375 45.28 26.14 -11.08
N TYR C 376 44.85 24.89 -11.11
CA TYR C 376 43.45 24.50 -11.29
C TYR C 376 43.30 23.18 -10.52
N SER C 377 42.05 22.85 -10.16
CA SER C 377 41.68 21.61 -9.43
C SER C 377 41.88 20.40 -10.27
N THR C 378 42.32 19.30 -9.63
CA THR C 378 42.34 18.00 -10.30
C THR C 378 41.40 17.04 -9.60
N GLY C 379 41.80 15.82 -9.24
CA GLY C 379 40.80 14.81 -8.91
C GLY C 379 40.04 15.19 -7.64
N PRO C 380 38.74 14.83 -7.59
CA PRO C 380 37.95 15.05 -6.39
C PRO C 380 38.11 13.97 -5.33
N VAL C 381 37.60 14.28 -4.13
CA VAL C 381 37.41 13.27 -3.11
C VAL C 381 36.20 12.44 -3.54
N VAL C 382 36.42 11.16 -3.72
CA VAL C 382 35.35 10.20 -4.06
C VAL C 382 34.94 9.43 -2.83
N TRP C 383 33.63 9.24 -2.68
CA TRP C 383 33.05 8.64 -1.48
C TRP C 383 31.67 8.12 -1.77
N GLY C 384 31.08 7.42 -0.79
CA GLY C 384 29.71 6.92 -0.89
C GLY C 384 29.50 5.65 -0.12
N GLU C 385 28.22 5.28 -0.02
CA GLU C 385 27.74 4.01 0.54
C GLU C 385 26.57 3.62 -0.34
N PRO C 386 26.30 2.33 -0.43
CA PRO C 386 25.10 1.87 -1.18
C PRO C 386 23.80 2.39 -0.61
N GLY C 387 22.89 2.67 -1.51
CA GLY C 387 21.49 2.93 -1.18
C GLY C 387 20.76 1.66 -0.75
N THR C 388 19.84 1.68 0.22
CA THR C 388 19.39 2.88 0.91
C THR C 388 20.24 3.29 2.12
N ASN C 389 21.27 2.55 2.44
CA ASN C 389 22.09 2.81 3.67
C ASN C 389 22.61 4.26 3.71
N GLY C 390 23.23 4.72 2.63
CA GLY C 390 23.79 6.13 2.66
C GLY C 390 22.68 7.11 2.76
N GLN C 391 21.56 6.74 2.17
CA GLN C 391 20.41 7.61 2.14
C GLN C 391 19.99 7.95 3.52
N HIS C 392 20.07 6.98 4.44
CA HIS C 392 19.74 7.20 5.85
C HIS C 392 20.88 7.69 6.73
N ALA C 393 22.07 7.85 6.15
CA ALA C 393 23.21 8.38 6.90
C ALA C 393 23.43 9.85 6.60
N PHE C 394 23.62 10.19 5.35
CA PHE C 394 24.18 11.49 5.03
C PHE C 394 23.45 12.27 3.98
N TYR C 395 22.33 11.78 3.48
CA TYR C 395 21.61 12.53 2.48
C TYR C 395 20.99 13.82 2.98
N GLN C 396 20.75 13.97 4.29
CA GLN C 396 20.37 15.29 4.84
C GLN C 396 21.27 16.39 4.29
N LEU C 397 22.58 16.13 4.31
CA LEU C 397 23.56 17.15 3.89
C LEU C 397 23.52 17.34 2.37
N VAL C 398 23.35 16.27 1.61
CA VAL C 398 23.30 16.40 0.17
C VAL C 398 22.14 17.34 -0.20
N HIS C 399 20.98 17.15 0.47
CA HIS C 399 19.75 17.89 0.17
C HIS C 399 19.73 19.32 0.69
N GLN C 400 20.23 19.50 1.93
CA GLN C 400 19.99 20.76 2.70
C GLN C 400 21.25 21.34 3.36
N GLY C 401 22.41 20.84 2.98
CA GLY C 401 23.70 21.41 3.36
C GLY C 401 24.08 22.61 2.52
N THR C 402 25.35 23.07 2.63
CA THR C 402 25.82 24.19 1.85
C THR C 402 26.72 23.73 0.69
N ARG C 403 26.70 22.42 0.35
CA ARG C 403 27.70 21.80 -0.54
C ARG C 403 27.04 21.27 -1.82
N LEU C 404 27.72 21.50 -2.95
CA LEU C 404 27.43 20.95 -4.26
C LEU C 404 28.16 19.59 -4.34
N ILE C 405 27.41 18.53 -4.42
CA ILE C 405 27.90 17.22 -4.39
C ILE C 405 27.31 16.40 -5.53
N PRO C 406 27.94 16.42 -6.69
CA PRO C 406 27.43 15.58 -7.75
C PRO C 406 27.42 14.13 -7.30
N CYS C 407 26.37 13.39 -7.66
CA CYS C 407 26.23 12.00 -7.27
C CYS C 407 25.87 11.13 -8.50
N ASP C 408 26.46 9.96 -8.59
CA ASP C 408 26.08 8.90 -9.51
C ASP C 408 25.28 7.89 -8.73
N PHE C 409 24.02 7.77 -9.09
CA PHE C 409 23.10 6.80 -8.57
C PHE C 409 23.12 5.62 -9.59
N LEU C 410 23.19 4.41 -9.09
CA LEU C 410 23.20 3.20 -9.91
C LEU C 410 22.16 2.20 -9.37
N ALA C 411 21.53 1.45 -10.28
CA ALA C 411 20.56 0.45 -9.86
C ALA C 411 20.34 -0.58 -10.98
N PRO C 412 19.96 -1.80 -10.60
CA PRO C 412 19.59 -2.84 -11.54
C PRO C 412 18.05 -2.97 -11.58
N ALA C 413 17.51 -3.28 -12.75
CA ALA C 413 16.10 -3.58 -12.85
C ALA C 413 15.68 -4.83 -12.10
N GLN C 414 16.58 -5.77 -11.96
CA GLN C 414 16.36 -7.08 -11.40
C GLN C 414 17.34 -7.34 -10.26
N THR C 415 16.81 -8.03 -9.28
CA THR C 415 17.53 -8.43 -8.09
C THR C 415 17.87 -9.89 -8.17
N HIS C 416 19.04 -10.23 -7.63
CA HIS C 416 19.32 -11.68 -7.41
C HIS C 416 18.58 -12.27 -6.23
N ASN C 417 17.97 -11.41 -5.43
CA ASN C 417 17.28 -11.88 -4.19
C ASN C 417 15.88 -11.35 -4.09
N PRO C 418 14.95 -11.86 -4.91
CA PRO C 418 13.57 -11.34 -4.97
C PRO C 418 12.70 -11.82 -3.82
N ILE C 419 13.15 -11.65 -2.61
CA ILE C 419 12.39 -12.11 -1.47
C ILE C 419 11.06 -11.39 -1.32
N ALA C 420 10.11 -12.05 -0.67
CA ALA C 420 8.78 -11.42 -0.47
C ALA C 420 8.11 -11.03 -1.80
N ASN C 421 8.15 -11.96 -2.76
CA ASN C 421 7.63 -11.70 -4.09
C ASN C 421 8.04 -10.36 -4.75
N GLY C 422 9.32 -9.99 -4.60
CA GLY C 422 9.90 -8.80 -5.22
C GLY C 422 9.62 -7.49 -4.51
N ALA C 423 8.95 -7.56 -3.37
CA ALA C 423 8.46 -6.32 -2.74
C ALA C 423 9.60 -5.38 -2.28
N HIS C 424 10.67 -5.99 -1.82
CA HIS C 424 11.83 -5.19 -1.38
C HIS C 424 12.45 -4.46 -2.54
N HIS C 425 12.57 -5.10 -3.71
CA HIS C 425 13.28 -4.50 -4.83
C HIS C 425 12.48 -3.32 -5.36
N LYS C 426 11.17 -3.46 -5.35
CA LYS C 426 10.35 -2.36 -5.78
C LYS C 426 10.55 -1.13 -4.92
N ILE C 427 10.59 -1.31 -3.62
CA ILE C 427 10.80 -0.20 -2.70
C ILE C 427 12.22 0.39 -2.92
N LEU C 428 13.19 -0.51 -3.09
CA LEU C 428 14.56 -0.07 -3.36
C LEU C 428 14.57 0.90 -4.60
N LEU C 429 13.93 0.46 -5.68
CA LEU C 429 13.92 1.23 -6.91
C LEU C 429 13.15 2.54 -6.75
N ALA C 430 12.04 2.46 -6.01
CA ALA C 430 11.34 3.72 -5.73
C ALA C 430 12.22 4.77 -5.07
N ASN C 431 13.08 4.31 -4.17
CA ASN C 431 13.95 5.25 -3.45
C ASN C 431 15.06 5.76 -4.42
N PHE C 432 15.64 4.86 -5.22
CA PHE C 432 16.66 5.20 -6.24
C PHE C 432 16.14 6.36 -7.16
N LEU C 433 14.90 6.21 -7.59
CA LEU C 433 14.29 7.18 -8.48
C LEU C 433 13.91 8.51 -7.77
N ALA C 434 13.34 8.35 -6.58
CA ALA C 434 12.78 9.49 -5.83
C ALA C 434 13.87 10.46 -5.36
N GLN C 435 15.06 9.91 -5.01
CA GLN C 435 16.12 10.72 -4.48
C GLN C 435 16.68 11.66 -5.52
N THR C 436 16.93 11.16 -6.72
CA THR C 436 17.42 12.05 -7.83
C THR C 436 16.35 13.06 -8.20
N GLU C 437 15.11 12.56 -8.24
CA GLU C 437 13.99 13.46 -8.53
C GLU C 437 13.99 14.59 -7.48
N ALA C 438 14.06 14.26 -6.21
CA ALA C 438 14.05 15.23 -5.08
C ALA C 438 15.24 16.25 -5.22
N LEU C 439 16.45 15.73 -5.45
CA LEU C 439 17.64 16.59 -5.53
C LEU C 439 17.54 17.62 -6.65
N MET C 440 16.95 17.19 -7.77
CA MET C 440 16.66 18.08 -8.90
C MET C 440 15.53 19.11 -8.61
N LYS C 441 14.35 18.62 -8.18
CA LYS C 441 13.18 19.47 -8.09
C LYS C 441 13.06 20.32 -6.88
N GLY C 442 13.58 19.83 -5.76
CA GLY C 442 13.45 20.57 -4.49
C GLY C 442 11.99 20.72 -4.09
N LYS C 443 11.72 21.70 -3.22
CA LYS C 443 10.36 22.00 -2.70
C LYS C 443 10.41 23.49 -2.25
N THR C 444 9.62 24.36 -2.90
CA THR C 444 9.65 25.76 -2.62
C THR C 444 8.91 26.13 -1.36
N ASP C 445 9.14 27.37 -0.93
CA ASP C 445 8.39 27.99 0.15
C ASP C 445 6.86 27.77 -0.03
N ALA C 446 6.38 28.08 -1.23
CA ALA C 446 4.97 27.91 -1.58
C ALA C 446 4.49 26.48 -1.44
N GLU C 447 5.27 25.55 -1.98
CA GLU C 447 4.87 24.15 -1.97
C GLU C 447 4.78 23.60 -0.57
N ALA C 448 5.76 23.95 0.26
CA ALA C 448 5.84 23.40 1.61
C ALA C 448 4.75 23.99 2.45
N LYS C 449 4.44 25.25 2.19
CA LYS C 449 3.39 25.91 2.97
C LYS C 449 2.02 25.32 2.64
N ALA C 450 1.74 25.12 1.36
CA ALA C 450 0.48 24.48 0.97
C ALA C 450 0.39 23.09 1.66
N GLU C 451 1.46 22.28 1.64
CA GLU C 451 1.40 20.98 2.34
C GLU C 451 1.11 21.10 3.81
N LEU C 452 1.77 22.05 4.49
CA LEU C 452 1.58 22.20 5.91
C LEU C 452 0.15 22.70 6.26
N GLU C 453 -0.40 23.61 5.47
CA GLU C 453 -1.84 23.99 5.61
C GLU C 453 -2.71 22.73 5.46
N LYS C 454 -2.52 22.00 4.37
CA LYS C 454 -3.33 20.78 4.12
C LYS C 454 -3.26 19.74 5.24
N SER C 455 -2.11 19.60 5.89
CA SER C 455 -1.96 18.69 7.04
C SER C 455 -2.71 19.17 8.29
N GLY C 456 -3.19 20.41 8.29
CA GLY C 456 -3.91 20.93 9.45
C GLY C 456 -3.03 21.45 10.56
N MET C 457 -1.77 21.79 10.27
CA MET C 457 -0.94 22.46 11.27
C MET C 457 -1.48 23.88 11.54
N ALA C 458 -1.42 24.31 12.78
CA ALA C 458 -1.71 25.72 13.16
C ALA C 458 -0.85 26.75 12.43
N PRO C 459 -1.42 27.89 12.04
CA PRO C 459 -0.60 28.78 11.21
C PRO C 459 0.66 29.32 11.92
N GLU C 460 0.63 29.50 13.23
CA GLU C 460 1.84 29.95 13.95
C GLU C 460 2.97 28.90 13.88
N ALA C 461 2.58 27.64 13.91
CA ALA C 461 3.51 26.51 13.85
C ALA C 461 4.08 26.40 12.43
N ILE C 462 3.23 26.63 11.45
CA ILE C 462 3.64 26.64 10.10
C ILE C 462 4.72 27.69 9.85
N ALA C 463 4.44 28.93 10.21
CA ALA C 463 5.37 30.03 10.00
C ALA C 463 6.73 29.75 10.61
N LYS C 464 6.76 29.08 11.77
CA LYS C 464 8.00 28.80 12.42
C LYS C 464 8.82 27.71 11.73
N ILE C 465 8.15 26.68 11.25
CA ILE C 465 8.88 25.56 10.66
C ILE C 465 9.18 25.78 9.21
N LEU C 466 8.35 26.57 8.54
CA LEU C 466 8.44 26.71 7.08
C LEU C 466 9.86 26.79 6.44
N PRO C 467 10.78 27.65 6.87
CA PRO C 467 12.03 27.71 6.10
C PRO C 467 12.87 26.42 6.20
N HIS C 468 12.66 25.68 7.27
CA HIS C 468 13.39 24.46 7.44
C HIS C 468 12.90 23.33 6.51
N LYS C 469 11.72 23.49 5.93
CA LYS C 469 11.09 22.49 5.05
C LYS C 469 11.37 22.78 3.56
N VAL C 470 12.06 23.88 3.26
CA VAL C 470 12.35 24.28 1.90
C VAL C 470 13.59 23.50 1.39
N PHE C 471 13.50 22.91 0.22
CA PHE C 471 14.64 22.25 -0.43
C PHE C 471 14.95 23.07 -1.69
N LYS C 472 16.20 23.55 -1.83
CA LYS C 472 16.57 24.43 -2.95
C LYS C 472 16.63 23.66 -4.26
N GLY C 473 16.83 22.36 -4.18
CA GLY C 473 16.98 21.61 -5.31
C GLY C 473 18.13 22.02 -6.18
N ASN C 474 17.98 21.73 -7.48
CA ASN C 474 19.03 22.10 -8.50
C ASN C 474 20.33 21.35 -8.21
N ARG C 475 20.22 20.22 -7.56
CA ARG C 475 21.38 19.41 -7.25
C ARG C 475 21.53 18.25 -8.24
N PRO C 476 22.67 18.22 -8.94
CA PRO C 476 22.82 17.30 -10.07
C PRO C 476 23.15 15.87 -9.73
N THR C 477 22.68 15.00 -10.61
CA THR C 477 22.95 13.59 -10.54
C THR C 477 23.02 12.98 -11.89
N ASN C 478 23.77 11.86 -11.93
CA ASN C 478 23.69 10.89 -13.02
C ASN C 478 22.93 9.66 -12.46
N SER C 479 22.12 9.07 -13.31
CA SER C 479 21.51 7.82 -13.01
C SER C 479 21.93 6.77 -14.03
N ILE C 480 22.42 5.66 -13.49
CA ILE C 480 22.95 4.53 -14.35
C ILE C 480 22.12 3.31 -14.03
N VAL C 481 21.46 2.71 -15.01
CA VAL C 481 20.60 1.55 -14.77
C VAL C 481 21.04 0.37 -15.64
N VAL C 482 21.18 -0.78 -15.03
CA VAL C 482 21.48 -1.97 -15.81
C VAL C 482 20.28 -2.91 -15.68
N LYS C 483 20.16 -3.90 -16.55
CA LYS C 483 19.11 -4.87 -16.35
C LYS C 483 19.34 -5.67 -15.06
N LYS C 484 20.56 -6.11 -14.85
CA LYS C 484 20.99 -6.84 -13.63
C LYS C 484 22.50 -6.71 -13.50
N PHE C 485 23.02 -6.77 -12.26
CA PHE C 485 24.44 -6.74 -12.04
C PHE C 485 24.93 -8.16 -12.22
N THR C 486 25.62 -8.38 -13.35
CA THR C 486 26.20 -9.67 -13.75
C THR C 486 27.71 -9.45 -13.97
N PRO C 487 28.50 -10.51 -14.14
CA PRO C 487 29.91 -10.30 -14.36
C PRO C 487 30.07 -9.33 -15.50
N PHE C 488 29.35 -9.54 -16.62
CA PHE C 488 29.52 -8.68 -17.76
C PHE C 488 29.19 -7.27 -17.42
N THR C 489 28.01 -7.00 -16.84
CA THR C 489 27.64 -5.57 -16.63
C THR C 489 28.57 -4.89 -15.63
N LEU C 490 29.00 -5.62 -14.63
CA LEU C 490 29.90 -5.08 -13.62
C LEU C 490 31.25 -4.75 -14.36
N GLY C 491 31.77 -5.67 -15.19
CA GLY C 491 32.99 -5.36 -15.88
C GLY C 491 32.85 -4.13 -16.77
N ALA C 492 31.72 -4.00 -17.45
CA ALA C 492 31.54 -2.82 -18.30
C ALA C 492 31.55 -1.52 -17.47
N LEU C 493 30.94 -1.56 -16.30
CA LEU C 493 30.79 -0.36 -15.47
C LEU C 493 32.15 0.03 -14.87
N ILE C 494 32.94 -0.95 -14.41
CA ILE C 494 34.26 -0.63 -13.86
C ILE C 494 35.10 0.04 -14.98
N ALA C 495 35.14 -0.58 -16.17
CA ALA C 495 35.93 -0.03 -17.27
C ALA C 495 35.44 1.39 -17.65
N MET C 496 34.16 1.60 -17.56
CA MET C 496 33.56 2.88 -17.84
C MET C 496 34.14 3.94 -16.94
N TYR C 497 34.24 3.64 -15.66
CA TYR C 497 34.81 4.64 -14.73
C TYR C 497 36.36 4.71 -14.92
N GLU C 498 37.00 3.58 -15.24
CA GLU C 498 38.43 3.65 -15.60
C GLU C 498 38.64 4.68 -16.71
N HIS C 499 37.80 4.64 -17.75
CA HIS C 499 37.97 5.57 -18.85
C HIS C 499 37.60 6.98 -18.55
N LYS C 500 36.63 7.15 -17.66
CA LYS C 500 36.29 8.50 -17.15
C LYS C 500 37.51 9.14 -16.52
N ILE C 501 38.14 8.39 -15.68
CA ILE C 501 39.38 8.84 -14.96
C ILE C 501 40.48 9.18 -15.93
N PHE C 502 40.67 8.32 -16.93
CA PHE C 502 41.67 8.54 -17.97
C PHE C 502 41.38 9.89 -18.65
N THR C 503 40.14 10.11 -18.99
CA THR C 503 39.75 11.26 -19.80
C THR C 503 39.99 12.51 -18.97
N GLN C 504 39.65 12.45 -17.67
CA GLN C 504 39.87 13.62 -16.80
C GLN C 504 41.38 13.96 -16.69
N GLY C 505 42.17 12.93 -16.53
CA GLY C 505 43.61 13.15 -16.44
C GLY C 505 44.22 13.76 -17.70
N VAL C 506 43.73 13.35 -18.86
CA VAL C 506 44.18 13.95 -20.13
C VAL C 506 43.80 15.42 -20.14
N ILE C 507 42.55 15.73 -19.77
CA ILE C 507 42.10 17.15 -19.72
C ILE C 507 43.03 17.97 -18.81
N TRP C 508 43.33 17.43 -17.61
CA TRP C 508 44.18 18.09 -16.61
C TRP C 508 45.67 18.00 -16.94
N ASP C 509 46.02 17.28 -17.99
CA ASP C 509 47.39 17.01 -18.41
C ASP C 509 48.33 16.45 -17.30
N ILE C 510 47.78 15.58 -16.46
CA ILE C 510 48.48 14.93 -15.39
C ILE C 510 48.68 13.50 -15.76
N ASN C 511 49.49 12.80 -14.96
CA ASN C 511 49.74 11.40 -15.10
C ASN C 511 48.81 10.58 -14.23
N SER C 512 47.79 9.99 -14.87
CA SER C 512 46.84 9.20 -14.10
C SER C 512 47.44 7.90 -13.61
N PHE C 513 48.64 7.59 -14.08
CA PHE C 513 49.18 6.22 -13.92
C PHE C 513 50.42 6.00 -13.07
N ASP C 514 50.91 7.03 -12.39
CA ASP C 514 52.03 6.94 -11.48
C ASP C 514 51.48 7.19 -10.08
N GLN C 515 52.36 7.16 -9.09
CA GLN C 515 51.95 7.38 -7.71
C GLN C 515 53.17 7.71 -6.86
N TRP C 516 53.80 8.79 -7.27
CA TRP C 516 54.98 9.28 -6.51
C TRP C 516 54.66 9.77 -5.07
N GLY C 517 53.35 10.03 -4.79
CA GLY C 517 52.96 10.54 -3.52
C GLY C 517 53.04 9.51 -2.41
N VAL C 518 53.34 8.26 -2.72
CA VAL C 518 53.47 7.24 -1.68
C VAL C 518 54.85 7.28 -0.98
N GLU C 519 55.83 7.90 -1.59
CA GLU C 519 57.19 7.63 -1.17
C GLU C 519 57.54 8.29 0.15
N LEU C 520 57.15 9.51 0.36
CA LEU C 520 57.50 10.19 1.59
C LEU C 520 57.04 9.44 2.83
N GLY C 521 55.75 9.08 2.92
CA GLY C 521 55.32 8.29 4.10
C GLY C 521 56.04 7.00 4.22
N LYS C 522 56.39 6.40 3.11
CA LYS C 522 57.10 5.10 3.22
C LYS C 522 58.50 5.25 3.87
N GLN C 523 59.20 6.26 3.39
CA GLN C 523 60.52 6.57 3.92
C GLN C 523 60.46 6.92 5.40
N LEU C 524 59.53 7.79 5.76
CA LEU C 524 59.41 8.23 7.12
C LEU C 524 59.03 7.09 8.04
N ALA C 525 58.22 6.14 7.59
CA ALA C 525 57.91 4.97 8.46
C ALA C 525 59.11 4.08 8.67
N LYS C 526 59.90 3.87 7.59
CA LYS C 526 61.13 3.00 7.71
C LYS C 526 62.08 3.62 8.75
N ALA C 527 62.18 4.93 8.77
CA ALA C 527 62.95 5.66 9.76
C ALA C 527 62.49 5.49 11.20
N ILE C 528 61.19 5.47 11.39
CA ILE C 528 60.59 5.36 12.73
C ILE C 528 60.65 3.94 13.32
N GLU C 529 60.63 2.91 12.47
CA GLU C 529 60.51 1.54 12.97
C GLU C 529 61.58 1.15 14.03
N PRO C 530 62.88 1.44 13.75
CA PRO C 530 63.88 1.12 14.83
C PRO C 530 63.71 1.94 16.08
N GLU C 531 63.10 3.13 15.97
CA GLU C 531 62.85 3.96 17.14
C GLU C 531 61.74 3.43 18.05
N LEU C 532 60.91 2.52 17.57
CA LEU C 532 59.84 1.98 18.46
C LEU C 532 60.24 0.65 19.16
N GLN C 533 61.47 0.18 18.97
CA GLN C 533 61.86 -1.14 19.50
C GLN C 533 62.30 -1.13 20.98
N ASP C 534 62.75 0.00 21.51
CA ASP C 534 63.04 0.13 22.97
C ASP C 534 62.29 1.34 23.61
N GLY C 535 62.55 1.60 24.90
CA GLY C 535 61.84 2.67 25.66
C GLY C 535 62.56 4.00 25.72
N LYS C 536 63.68 4.13 24.99
CA LYS C 536 64.45 5.36 25.06
C LYS C 536 63.78 6.57 24.47
N LYS C 537 63.99 7.71 25.11
CA LYS C 537 63.39 8.95 24.65
C LYS C 537 63.83 9.32 23.20
N ILE C 538 62.86 9.58 22.30
CA ILE C 538 63.16 10.01 20.94
C ILE C 538 63.11 11.54 20.78
N THR C 539 64.11 12.06 20.08
CA THR C 539 64.31 13.52 19.88
C THR C 539 64.56 13.82 18.40
N SER C 540 64.51 12.84 17.53
CA SER C 540 64.99 12.99 16.15
C SER C 540 64.11 13.67 15.12
N HIS C 541 62.88 13.92 15.51
CA HIS C 541 61.88 14.50 14.63
C HIS C 541 61.45 15.87 15.13
N ASP C 542 60.44 16.42 14.46
CA ASP C 542 59.64 17.50 15.01
C ASP C 542 59.02 17.13 16.38
N ALA C 543 58.64 18.14 17.14
CA ALA C 543 58.20 17.91 18.53
C ALA C 543 56.93 17.09 18.66
N SER C 544 56.07 17.11 17.62
CA SER C 544 54.82 16.33 17.67
C SER C 544 55.13 14.87 17.41
N THR C 545 55.86 14.56 16.36
CA THR C 545 56.26 13.17 16.15
C THR C 545 57.03 12.61 17.33
N ASN C 546 57.98 13.38 17.85
CA ASN C 546 58.63 12.98 19.14
C ASN C 546 57.63 12.70 20.29
N GLY C 547 56.67 13.60 20.52
CA GLY C 547 55.77 13.56 21.67
C GLY C 547 54.84 12.38 21.51
N LEU C 548 54.40 12.13 20.27
CA LEU C 548 53.58 10.95 19.98
C LEU C 548 54.33 9.61 20.20
N ILE C 549 55.55 9.55 19.68
CA ILE C 549 56.41 8.35 19.91
C ILE C 549 56.66 8.14 21.42
N ASN C 550 56.98 9.21 22.14
CA ASN C 550 57.32 9.03 23.57
C ASN C 550 56.06 8.64 24.38
N PHE C 551 54.91 9.19 23.96
CA PHE C 551 53.66 8.76 24.54
C PHE C 551 53.36 7.28 24.33
N LEU C 552 53.50 6.81 23.10
CA LEU C 552 53.30 5.45 22.78
C LEU C 552 54.21 4.58 23.66
N LYS C 553 55.45 4.99 23.78
CA LYS C 553 56.41 4.24 24.55
C LYS C 553 56.04 4.12 26.01
N GLU C 554 55.39 5.09 26.58
CA GLU C 554 54.99 4.96 27.97
C GLU C 554 53.85 4.01 28.12
N ASN C 555 53.21 3.67 27.02
CA ASN C 555 52.08 2.79 27.08
C ASN C 555 52.25 1.44 26.45
N PHE C 556 53.44 1.14 25.96
CA PHE C 556 53.64 -0.18 25.46
C PHE C 556 53.53 -1.08 26.71
N LYS D 4 21.12 34.88 17.77
CA LYS D 4 22.59 35.14 17.49
C LYS D 4 22.72 35.95 16.22
N VAL D 5 23.60 36.95 16.20
CA VAL D 5 23.85 37.73 14.97
C VAL D 5 24.37 36.82 13.87
N ASN D 6 24.11 37.19 12.62
CA ASN D 6 24.54 36.41 11.50
C ASN D 6 26.05 36.17 11.73
N LEU D 7 26.51 34.95 11.53
CA LEU D 7 27.90 34.61 11.90
C LEU D 7 29.01 35.50 11.27
N LYS D 8 28.86 35.87 9.99
CA LYS D 8 29.86 36.74 9.35
C LYS D 8 29.94 38.17 9.96
N GLN D 9 28.92 38.56 10.71
CA GLN D 9 28.88 39.85 11.35
C GLN D 9 29.26 39.72 12.85
N ASP D 10 29.56 38.51 13.33
CA ASP D 10 29.94 38.32 14.72
C ASP D 10 31.29 38.92 14.91
N PRO D 11 31.47 39.72 15.96
CA PRO D 11 32.75 40.41 16.05
C PRO D 11 34.00 39.51 16.09
N ALA D 12 33.93 38.41 16.81
CA ALA D 12 35.06 37.47 16.81
C ALA D 12 35.24 36.78 15.47
N TYR D 13 34.16 36.51 14.74
CA TYR D 13 34.32 35.95 13.38
C TYR D 13 35.00 36.96 12.46
N GLN D 14 34.60 38.24 12.56
CA GLN D 14 35.27 39.27 11.75
C GLN D 14 36.76 39.42 12.07
N LYS D 15 37.12 39.33 13.33
CA LYS D 15 38.55 39.29 13.67
C LYS D 15 39.31 38.10 13.13
N LEU D 16 38.64 36.91 13.08
CA LEU D 16 39.29 35.74 12.42
C LEU D 16 39.43 35.99 10.91
N GLN D 17 38.44 36.66 10.30
CA GLN D 17 38.49 36.94 8.88
C GLN D 17 39.68 37.86 8.55
N GLU D 18 39.84 38.88 9.37
CA GLU D 18 40.93 39.83 9.16
C GLU D 18 42.24 39.10 9.29
N TYR D 19 42.36 38.29 10.34
CA TYR D 19 43.61 37.60 10.58
C TYR D 19 43.93 36.56 9.43
N TYR D 20 42.91 35.84 9.00
CA TYR D 20 43.04 34.93 7.86
C TYR D 20 43.47 35.70 6.61
N ASP D 21 42.83 36.85 6.37
CA ASP D 21 43.08 37.63 5.18
C ASP D 21 44.54 38.08 5.18
N ASN D 22 45.08 38.37 6.35
CA ASN D 22 46.49 38.76 6.46
C ASN D 22 47.50 37.60 6.54
N ASN D 23 47.04 36.38 6.81
CA ASN D 23 47.91 35.23 7.20
C ASN D 23 47.72 33.90 6.49
N ALA D 24 46.70 33.79 5.66
CA ALA D 24 46.42 32.48 5.11
C ALA D 24 47.61 31.96 4.32
N ASP D 25 48.36 32.87 3.71
CA ASP D 25 49.47 32.59 2.78
C ASP D 25 50.78 32.37 3.59
N LYS D 26 50.79 32.64 4.89
CA LYS D 26 52.01 32.70 5.67
C LYS D 26 52.11 31.59 6.69
N ILE D 27 51.00 31.10 7.22
CA ILE D 27 51.07 30.10 8.26
C ILE D 27 51.60 28.81 7.59
N ASN D 28 52.69 28.34 8.14
CA ASN D 28 53.34 27.10 7.72
C ASN D 28 53.66 26.26 8.96
N ILE D 29 53.10 25.08 9.00
CA ILE D 29 53.21 24.25 10.18
C ILE D 29 54.68 23.91 10.53
N LEU D 30 55.46 23.48 9.55
CA LEU D 30 56.81 23.07 9.87
C LEU D 30 57.58 24.25 10.43
N GLN D 31 57.41 25.38 9.80
CA GLN D 31 58.08 26.59 10.31
C GLN D 31 57.64 26.89 11.74
N LEU D 32 56.38 26.63 12.07
CA LEU D 32 55.92 26.91 13.43
C LEU D 32 56.64 26.01 14.43
N PHE D 33 56.87 24.75 14.06
CA PHE D 33 57.68 23.86 14.90
C PHE D 33 59.14 24.31 15.06
N GLN D 34 59.75 24.69 13.95
CA GLN D 34 61.13 25.29 13.93
C GLN D 34 61.26 26.44 14.95
N GLN D 35 60.26 27.28 15.06
CA GLN D 35 60.42 28.41 15.93
C GLN D 35 59.81 28.29 17.31
N ASP D 36 59.23 27.14 17.66
CA ASP D 36 58.72 26.93 19.02
C ASP D 36 58.95 25.49 19.44
N ALA D 37 60.02 25.25 20.19
CA ALA D 37 60.38 23.93 20.66
C ALA D 37 59.34 23.38 21.68
N ASP D 38 58.56 24.27 22.29
CA ASP D 38 57.46 23.94 23.20
C ASP D 38 56.14 23.67 22.47
N ARG D 39 56.11 23.61 21.13
CA ARG D 39 54.81 23.62 20.42
C ARG D 39 53.96 22.42 20.72
N PHE D 40 54.58 21.25 20.86
CA PHE D 40 53.79 20.03 21.14
C PHE D 40 53.17 20.11 22.54
N ASN D 41 53.93 20.60 23.53
CA ASN D 41 53.37 20.83 24.87
C ASN D 41 52.20 21.79 24.85
N LYS D 42 52.30 22.84 24.04
CA LYS D 42 51.30 23.84 23.99
C LYS D 42 49.98 23.32 23.44
N TYR D 43 50.08 22.54 22.39
CA TYR D 43 48.91 22.13 21.57
C TYR D 43 48.73 20.61 21.60
N SER D 44 48.82 20.09 22.84
CA SER D 44 48.39 18.71 23.08
C SER D 44 47.71 18.64 24.44
N LEU D 45 46.88 17.64 24.61
CA LEU D 45 46.09 17.42 25.83
C LEU D 45 46.16 15.96 26.17
N ARG D 46 46.59 15.66 27.38
CA ARG D 46 46.59 14.34 27.99
C ARG D 46 45.43 14.29 28.97
N ILE D 47 44.53 13.38 28.74
CA ILE D 47 43.34 13.32 29.57
C ILE D 47 43.38 11.97 30.28
N PRO D 48 43.66 11.97 31.59
CA PRO D 48 43.73 10.71 32.35
C PRO D 48 42.35 10.13 32.61
N THR D 49 42.18 8.82 32.38
CA THR D 49 40.99 8.10 32.79
C THR D 49 41.19 7.31 34.09
N PRO D 50 40.09 6.87 34.74
CA PRO D 50 40.35 6.17 35.98
C PRO D 50 41.00 4.82 35.80
N ASN D 51 40.62 4.08 34.77
CA ASN D 51 41.04 2.70 34.64
C ASN D 51 41.59 2.34 33.25
N ASP D 52 41.63 3.27 32.34
CA ASP D 52 41.91 2.92 30.92
C ASP D 52 43.05 3.69 30.31
N GLY D 53 43.85 4.31 31.17
CA GLY D 53 45.06 5.02 30.77
C GLY D 53 44.66 6.44 30.32
N GLU D 54 45.61 7.17 29.75
CA GLU D 54 45.40 8.52 29.31
C GLU D 54 45.02 8.49 27.81
N ILE D 55 44.24 9.48 27.43
CA ILE D 55 43.93 9.71 26.04
C ILE D 55 44.73 10.94 25.66
N LEU D 56 45.48 10.87 24.56
CA LEU D 56 46.25 12.01 24.08
C LEU D 56 45.59 12.54 22.79
N LEU D 57 45.25 13.82 22.81
CA LEU D 57 44.92 14.56 21.65
C LEU D 57 46.09 15.50 21.33
N ASP D 58 46.77 15.27 20.21
CA ASP D 58 47.87 16.14 19.72
C ASP D 58 47.33 16.87 18.49
N TYR D 59 47.06 18.16 18.71
CA TYR D 59 46.56 19.04 17.69
C TYR D 59 47.59 20.05 17.26
N SER D 60 48.87 19.74 17.50
CA SER D 60 49.99 20.65 17.17
C SER D 60 50.32 20.71 15.68
N LYS D 61 49.97 19.69 14.87
CA LYS D 61 50.26 19.68 13.45
C LYS D 61 49.10 20.34 12.67
N ASN D 62 48.76 21.55 13.13
CA ASN D 62 47.69 22.36 12.52
C ASN D 62 48.18 23.76 12.21
N ARG D 63 47.47 24.44 11.34
CA ARG D 63 47.83 25.80 10.86
C ARG D 63 47.35 26.82 11.88
N ILE D 64 47.88 26.73 13.11
CA ILE D 64 47.55 27.66 14.13
C ILE D 64 48.80 28.15 14.86
N ASP D 65 48.78 29.42 15.21
CA ASP D 65 49.73 29.87 16.21
C ASP D 65 49.01 30.50 17.36
N ASP D 66 49.74 31.20 18.23
CA ASP D 66 49.11 31.69 19.43
C ASP D 66 47.98 32.67 19.12
N THR D 67 48.16 33.52 18.14
CA THR D 67 47.05 34.43 17.74
C THR D 67 45.86 33.70 17.17
N THR D 68 46.10 32.79 16.24
CA THR D 68 45.02 32.01 15.71
C THR D 68 44.25 31.31 16.87
N PHE D 69 44.98 30.63 17.76
CA PHE D 69 44.33 29.87 18.80
C PHE D 69 43.46 30.82 19.65
N SER D 70 44.02 31.95 20.06
CA SER D 70 43.25 32.94 20.81
C SER D 70 41.99 33.44 20.15
N LEU D 71 42.13 33.76 18.87
CA LEU D 71 40.96 34.26 18.14
C LEU D 71 39.86 33.19 17.99
N LEU D 72 40.28 31.92 17.84
CA LEU D 72 39.36 30.82 17.75
C LEU D 72 38.63 30.65 19.06
N LEU D 73 39.35 30.69 20.18
CA LEU D 73 38.66 30.59 21.47
C LEU D 73 37.63 31.73 21.65
N ASN D 74 38.02 32.93 21.22
CA ASN D 74 37.09 34.08 21.21
C ASN D 74 35.81 33.84 20.47
N LEU D 75 35.88 33.16 19.35
CA LEU D 75 34.67 32.76 18.63
C LEU D 75 33.78 31.84 19.46
N ALA D 76 34.38 30.84 20.11
CA ALA D 76 33.60 29.93 20.93
C ALA D 76 32.96 30.75 22.06
N LYS D 77 33.67 31.72 22.60
CA LYS D 77 33.06 32.59 23.62
C LYS D 77 31.95 33.43 23.08
N SER D 78 32.18 34.03 21.91
CA SER D 78 31.19 34.95 21.36
C SER D 78 29.89 34.28 21.00
N ARG D 79 29.97 33.02 20.57
CA ARG D 79 28.82 32.25 20.20
C ARG D 79 28.26 31.47 21.39
N ASN D 80 28.76 31.74 22.58
CA ASN D 80 28.22 31.17 23.83
C ASN D 80 28.14 29.69 23.81
N VAL D 81 29.26 29.06 23.48
CA VAL D 81 29.36 27.63 23.47
C VAL D 81 29.10 27.02 24.88
N GLU D 82 29.63 27.64 25.94
CA GLU D 82 29.54 27.06 27.30
C GLU D 82 28.10 27.13 27.79
N LYS D 83 27.47 28.25 27.55
CA LYS D 83 26.03 28.42 27.91
C LYS D 83 25.19 27.45 27.12
N ALA D 84 25.49 27.27 25.82
CA ALA D 84 24.71 26.32 25.05
C ALA D 84 24.87 24.89 25.59
N ARG D 85 26.10 24.48 25.85
CA ARG D 85 26.38 23.19 26.46
C ARG D 85 25.58 23.02 27.71
N ASP D 86 25.64 24.02 28.59
CA ASP D 86 24.95 23.87 29.88
C ASP D 86 23.44 23.77 29.68
N ALA D 87 22.90 24.45 28.67
CA ALA D 87 21.46 24.30 28.36
C ALA D 87 21.16 22.87 27.91
N MET D 88 21.97 22.33 27.01
CA MET D 88 21.76 20.93 26.59
C MET D 88 21.77 19.99 27.78
N PHE D 89 22.78 20.12 28.60
CA PHE D 89 22.93 19.18 29.72
C PHE D 89 21.81 19.32 30.80
N ALA D 90 21.04 20.42 30.75
CA ALA D 90 20.04 20.70 31.75
C ALA D 90 18.67 20.31 31.20
N GLY D 91 18.65 19.78 29.97
CA GLY D 91 17.34 19.39 29.39
C GLY D 91 16.49 20.48 28.77
N GLU D 92 17.07 21.65 28.50
CA GLU D 92 16.31 22.70 27.83
C GLU D 92 16.02 22.23 26.39
N LYS D 93 14.92 22.75 25.85
CA LYS D 93 14.42 22.33 24.54
C LYS D 93 15.20 22.99 23.39
N ILE D 94 16.45 22.58 23.29
CA ILE D 94 17.33 23.20 22.35
C ILE D 94 17.23 22.70 20.89
N ASN D 95 16.64 21.55 20.69
CA ASN D 95 16.09 21.18 19.35
C ASN D 95 14.90 22.04 19.01
N PHE D 96 15.21 23.20 18.46
CA PHE D 96 14.26 24.26 18.37
C PHE D 96 13.19 24.11 17.30
N THR D 97 13.47 23.35 16.26
CA THR D 97 12.40 23.14 15.25
C THR D 97 11.42 22.10 15.64
N GLU D 98 11.86 21.14 16.42
CA GLU D 98 10.98 20.09 16.91
C GLU D 98 10.47 20.36 18.29
N ASP D 99 10.94 21.44 18.91
CA ASP D 99 10.68 21.80 20.29
C ASP D 99 10.91 20.63 21.27
N ARG D 100 12.15 20.17 21.33
CA ARG D 100 12.49 18.92 22.07
C ARG D 100 13.81 19.21 22.76
N ALA D 101 13.97 18.54 23.91
CA ALA D 101 15.26 18.39 24.54
C ALA D 101 16.19 17.48 23.69
N VAL D 102 17.46 17.55 24.03
CA VAL D 102 18.52 16.82 23.39
C VAL D 102 19.40 16.22 24.50
N LEU D 103 19.10 14.97 24.83
CA LEU D 103 19.62 14.31 26.02
C LEU D 103 20.14 12.90 25.81
N HIS D 104 20.89 12.75 24.72
CA HIS D 104 21.78 11.60 24.67
C HIS D 104 22.74 11.58 25.91
N VAL D 105 23.12 12.72 26.48
CA VAL D 105 23.93 12.70 27.67
C VAL D 105 23.15 12.06 28.88
N ALA D 106 21.79 12.11 28.91
CA ALA D 106 21.10 11.49 30.02
C ALA D 106 21.14 9.97 29.99
N LEU D 107 21.37 9.43 28.77
CA LEU D 107 21.47 8.02 28.61
C LEU D 107 22.63 7.38 29.35
N ARG D 108 23.71 8.15 29.48
CA ARG D 108 24.92 7.70 30.18
C ARG D 108 25.18 8.55 31.46
N ASN D 109 24.13 8.99 32.12
CA ASN D 109 24.21 9.81 33.37
C ASN D 109 24.49 8.88 34.55
N ARG D 110 25.73 8.41 34.64
CA ARG D 110 26.11 7.38 35.57
C ARG D 110 26.01 7.81 37.01
N GLN D 111 26.07 9.10 37.28
CA GLN D 111 25.96 9.58 38.67
C GLN D 111 24.52 9.90 39.01
N ASN D 112 23.59 9.67 38.09
CA ASN D 112 22.18 9.89 38.41
C ASN D 112 21.86 11.27 38.87
N ARG D 113 22.53 12.22 38.30
CA ARG D 113 22.21 13.63 38.57
C ARG D 113 20.80 13.95 37.97
N PRO D 114 20.01 14.75 38.67
CA PRO D 114 18.69 15.09 38.15
C PRO D 114 18.80 15.89 36.83
N ILE D 115 18.04 15.49 35.82
CA ILE D 115 17.99 16.14 34.54
C ILE D 115 16.52 16.24 34.17
N MET D 116 16.00 17.46 34.19
CA MET D 116 14.55 17.70 34.13
C MET D 116 14.10 18.06 32.72
N VAL D 117 13.17 17.27 32.21
CA VAL D 117 12.50 17.61 30.95
C VAL D 117 11.04 17.96 31.29
N ASN D 118 10.67 19.20 31.01
CA ASN D 118 9.31 19.72 31.43
C ASN D 118 9.14 19.54 32.94
N GLY D 119 10.20 19.77 33.71
CA GLY D 119 10.17 19.68 35.12
C GLY D 119 10.27 18.30 35.75
N LYS D 120 10.43 17.25 34.96
CA LYS D 120 10.45 15.90 35.42
C LYS D 120 11.82 15.28 35.23
N ASP D 121 12.36 14.70 36.30
CA ASP D 121 13.68 14.04 36.20
C ASP D 121 13.56 12.83 35.33
N VAL D 122 14.35 12.73 34.27
CA VAL D 122 14.29 11.61 33.34
C VAL D 122 15.10 10.42 33.81
N THR D 123 15.92 10.61 34.86
CA THR D 123 16.84 9.56 35.29
C THR D 123 16.14 8.28 35.66
N PRO D 124 14.96 8.32 36.31
CA PRO D 124 14.46 7.00 36.66
C PRO D 124 14.03 6.23 35.43
N ASP D 125 13.53 6.92 34.43
CA ASP D 125 13.05 6.21 33.28
C ASP D 125 14.25 5.62 32.54
N VAL D 126 15.31 6.41 32.44
CA VAL D 126 16.54 5.88 31.79
C VAL D 126 17.01 4.63 32.48
N ASN D 127 17.15 4.72 33.79
CA ASN D 127 17.62 3.55 34.56
C ASN D 127 16.69 2.34 34.49
N ALA D 128 15.38 2.56 34.40
CA ALA D 128 14.45 1.46 34.28
C ALA D 128 14.65 0.65 32.96
N VAL D 129 14.87 1.36 31.85
CA VAL D 129 15.15 0.67 30.60
C VAL D 129 16.53 -0.01 30.66
N LEU D 130 17.52 0.61 31.29
CA LEU D 130 18.77 -0.07 31.41
C LEU D 130 18.64 -1.37 32.24
N ALA D 131 17.89 -1.33 33.33
CA ALA D 131 17.68 -2.51 34.13
C ALA D 131 16.99 -3.61 33.33
N HIS D 132 16.06 -3.24 32.45
CA HIS D 132 15.37 -4.18 31.54
C HIS D 132 16.38 -4.74 30.52
N MET D 133 17.21 -3.87 29.95
CA MET D 133 18.26 -4.34 29.03
C MET D 133 19.15 -5.35 29.76
N LYS D 134 19.55 -5.03 30.99
CA LYS D 134 20.42 -5.89 31.73
C LYS D 134 19.82 -7.28 31.98
N GLU D 135 18.56 -7.28 32.41
CA GLU D 135 17.88 -8.56 32.69
C GLU D 135 17.77 -9.39 31.42
N PHE D 136 17.27 -8.79 30.37
CA PHE D 136 17.11 -9.49 29.08
C PHE D 136 18.41 -9.97 28.55
N SER D 137 19.45 -9.12 28.59
CA SER D 137 20.74 -9.52 28.03
C SER D 137 21.25 -10.77 28.74
N THR D 138 21.21 -10.70 30.08
CA THR D 138 21.68 -11.82 30.90
C THR D 138 20.88 -13.08 30.63
N GLN D 139 19.57 -12.96 30.40
CA GLN D 139 18.74 -14.12 30.05
C GLN D 139 19.10 -14.76 28.73
N VAL D 140 19.36 -13.95 27.72
CA VAL D 140 19.70 -14.46 26.45
C VAL D 140 21.10 -15.10 26.42
N ILE D 141 22.06 -14.42 27.06
CA ILE D 141 23.49 -14.79 27.03
C ILE D 141 23.65 -16.09 27.83
N SER D 142 23.01 -16.17 28.99
CA SER D 142 23.17 -17.34 29.86
C SER D 142 22.52 -18.56 29.28
N GLY D 143 21.65 -18.40 28.28
CA GLY D 143 20.90 -19.53 27.81
C GLY D 143 19.53 -19.77 28.48
N ALA D 144 19.16 -18.93 29.45
CA ALA D 144 17.80 -19.04 30.06
C ALA D 144 16.68 -18.74 29.08
N TRP D 145 16.87 -17.75 28.18
CA TRP D 145 15.84 -17.41 27.18
C TRP D 145 15.89 -18.44 26.12
N LYS D 146 14.77 -19.19 25.93
CA LYS D 146 14.71 -20.27 24.92
C LYS D 146 13.91 -19.95 23.73
N GLY D 147 14.28 -20.56 22.62
CA GLY D 147 13.54 -20.45 21.41
C GLY D 147 12.34 -21.40 21.46
N TYR D 148 11.68 -21.54 20.35
CA TYR D 148 10.32 -22.13 20.37
C TYR D 148 10.39 -23.63 20.49
N THR D 149 11.56 -24.21 20.21
CA THR D 149 11.86 -25.65 20.50
C THR D 149 12.71 -25.89 21.76
N GLY D 150 12.78 -24.92 22.65
CA GLY D 150 13.46 -25.01 23.92
C GLY D 150 15.02 -24.90 23.84
N LYS D 151 15.60 -24.36 22.76
CA LYS D 151 17.05 -24.25 22.61
C LYS D 151 17.52 -22.84 22.94
N PRO D 152 18.67 -22.68 23.55
CA PRO D 152 19.26 -21.35 23.73
C PRO D 152 19.50 -20.64 22.41
N ILE D 153 19.51 -19.33 22.49
CA ILE D 153 19.78 -18.44 21.32
C ILE D 153 21.27 -18.53 20.90
N THR D 154 21.52 -18.62 19.61
CA THR D 154 22.88 -18.61 19.04
C THR D 154 23.19 -17.35 18.22
N ASP D 155 22.18 -16.70 17.66
CA ASP D 155 22.36 -15.63 16.67
C ASP D 155 21.40 -14.52 17.01
N VAL D 156 21.91 -13.28 16.93
CA VAL D 156 21.10 -12.06 17.22
C VAL D 156 21.12 -11.25 15.95
N ILE D 157 19.96 -10.89 15.47
CA ILE D 157 19.86 -10.15 14.22
C ILE D 157 19.19 -8.80 14.52
N ASN D 158 19.95 -7.71 14.41
CA ASN D 158 19.41 -6.36 14.51
C ASN D 158 18.84 -5.90 13.12
N ILE D 159 17.62 -5.34 13.11
CA ILE D 159 17.01 -4.78 11.93
C ILE D 159 16.62 -3.34 12.21
N GLY D 160 17.22 -2.42 11.45
CA GLY D 160 17.01 -1.01 11.67
C GLY D 160 17.72 -0.21 10.60
N ILE D 161 17.35 1.05 10.44
CA ILE D 161 17.96 1.93 9.48
C ILE D 161 18.67 3.05 10.18
N GLY D 162 19.69 3.62 9.50
CA GLY D 162 20.32 4.82 10.00
C GLY D 162 20.88 4.67 11.38
N GLY D 163 20.41 5.50 12.27
CA GLY D 163 20.88 5.46 13.62
C GLY D 163 20.49 4.18 14.39
N SER D 164 19.56 3.38 13.87
CA SER D 164 19.18 2.16 14.59
C SER D 164 20.07 0.99 14.15
N ASP D 165 20.99 1.25 13.22
CA ASP D 165 21.86 0.29 12.62
C ASP D 165 23.34 0.61 12.80
N LEU D 166 23.73 1.83 12.43
CA LEU D 166 25.15 2.11 12.22
C LEU D 166 25.93 2.11 13.55
N GLY D 167 25.33 2.69 14.60
CA GLY D 167 25.92 2.65 15.91
C GLY D 167 26.20 1.26 16.47
N PRO D 168 25.18 0.42 16.52
CA PRO D 168 25.34 -0.94 17.03
C PRO D 168 26.33 -1.76 16.16
N LEU D 169 26.26 -1.58 14.83
CA LEU D 169 27.19 -2.25 13.93
C LEU D 169 28.65 -1.79 14.18
N MET D 170 28.84 -0.48 14.20
CA MET D 170 30.19 0.03 14.38
C MET D 170 30.80 -0.39 15.75
N VAL D 171 30.00 -0.34 16.81
CA VAL D 171 30.49 -0.62 18.15
C VAL D 171 30.72 -2.11 18.31
N THR D 172 29.80 -2.96 17.82
CA THR D 172 30.08 -4.39 17.92
C THR D 172 31.38 -4.78 17.13
N GLU D 173 31.57 -4.15 15.98
CA GLU D 173 32.79 -4.41 15.17
C GLU D 173 34.03 -3.94 15.98
N ALA D 174 33.92 -2.75 16.60
CA ALA D 174 35.09 -2.14 17.26
C ALA D 174 35.51 -2.89 18.50
N LEU D 175 34.52 -3.54 19.12
CA LEU D 175 34.64 -4.23 20.43
C LEU D 175 34.58 -5.76 20.34
N LYS D 176 34.86 -6.27 19.15
CA LYS D 176 34.83 -7.70 18.91
C LYS D 176 35.64 -8.52 19.90
N PRO D 177 36.83 -8.05 20.37
CA PRO D 177 37.54 -8.83 21.36
C PRO D 177 36.80 -9.03 22.65
N TYR D 178 35.73 -8.27 22.91
CA TYR D 178 34.94 -8.38 24.12
C TYR D 178 33.66 -9.24 23.94
N ALA D 179 33.54 -9.88 22.76
CA ALA D 179 32.33 -10.63 22.47
C ALA D 179 32.23 -11.90 23.30
N ASN D 180 30.97 -12.30 23.53
CA ASN D 180 30.71 -13.65 24.04
C ASN D 180 30.59 -14.66 22.92
N HIS D 181 29.84 -15.74 23.11
CA HIS D 181 29.64 -16.76 22.05
C HIS D 181 28.59 -16.40 21.01
N LEU D 182 27.84 -15.32 21.24
CA LEU D 182 26.72 -15.05 20.35
C LEU D 182 27.25 -14.49 19.03
N LYS D 183 26.57 -14.80 17.93
CA LYS D 183 26.89 -14.17 16.64
C LYS D 183 25.86 -13.06 16.45
N VAL D 184 26.32 -11.92 15.98
CA VAL D 184 25.42 -10.79 15.75
C VAL D 184 25.43 -10.46 14.30
N HIS D 185 24.28 -10.07 13.80
CA HIS D 185 24.13 -9.76 12.38
C HIS D 185 23.33 -8.46 12.26
N PHE D 186 23.52 -7.65 11.18
CA PHE D 186 22.89 -6.33 11.08
C PHE D 186 22.26 -6.20 9.70
N VAL D 187 20.94 -6.05 9.69
CA VAL D 187 20.14 -5.87 8.47
C VAL D 187 19.57 -4.46 8.49
N SER D 188 19.80 -3.73 7.42
CA SER D 188 19.35 -2.37 7.27
C SER D 188 18.82 -1.97 5.90
N ASN D 189 19.52 -2.40 4.87
CA ASN D 189 19.14 -2.04 3.49
C ASN D 189 17.76 -2.63 3.22
N ILE D 190 16.87 -1.85 2.60
CA ILE D 190 15.61 -2.48 2.10
C ILE D 190 15.96 -3.50 1.04
N ASP D 191 17.07 -3.26 0.34
CA ASP D 191 17.51 -4.25 -0.66
C ASP D 191 17.47 -5.63 -0.04
N GLY D 192 16.69 -6.52 -0.64
CA GLY D 192 16.46 -7.88 -0.09
C GLY D 192 17.69 -8.71 -0.01
N THR D 193 18.75 -8.34 -0.75
CA THR D 193 20.00 -8.96 -0.58
C THR D 193 20.44 -8.96 0.90
N HIS D 194 20.21 -7.85 1.59
CA HIS D 194 20.78 -7.70 2.95
C HIS D 194 20.18 -8.79 3.87
N LEU D 195 18.86 -8.85 3.91
CA LEU D 195 18.19 -9.85 4.79
C LEU D 195 18.46 -11.26 4.26
N ALA D 196 18.36 -11.44 2.90
CA ALA D 196 18.54 -12.75 2.35
C ALA D 196 19.85 -13.37 2.75
N GLU D 197 20.92 -12.59 2.71
CA GLU D 197 22.22 -13.17 3.00
C GLU D 197 22.36 -13.53 4.49
N VAL D 198 21.70 -12.77 5.34
CA VAL D 198 21.67 -13.10 6.77
C VAL D 198 20.88 -14.40 7.05
N LEU D 199 19.67 -14.51 6.48
CA LEU D 199 18.75 -15.59 6.79
C LEU D 199 19.34 -16.93 6.38
N LYS D 200 20.12 -16.94 5.30
CA LYS D 200 20.78 -18.18 4.84
C LYS D 200 21.68 -18.80 5.90
N ARG D 201 22.20 -17.97 6.82
CA ARG D 201 23.09 -18.45 7.88
C ARG D 201 22.41 -18.91 9.17
N LEU D 202 21.08 -18.90 9.24
CA LEU D 202 20.42 -18.98 10.54
C LEU D 202 19.65 -20.27 10.67
N ASN D 203 19.43 -20.64 11.91
CA ASN D 203 18.41 -21.64 12.28
C ASN D 203 17.29 -20.93 13.03
N PRO D 204 16.07 -21.02 12.54
CA PRO D 204 14.93 -20.35 13.17
C PRO D 204 14.73 -20.73 14.60
N GLU D 205 15.12 -21.93 14.97
CA GLU D 205 15.02 -22.30 16.38
C GLU D 205 15.88 -21.54 17.37
N THR D 206 16.98 -20.87 16.92
CA THR D 206 17.99 -20.32 17.81
C THR D 206 18.33 -18.87 17.38
N ALA D 207 17.50 -18.32 16.50
CA ALA D 207 17.65 -16.92 16.04
C ALA D 207 16.75 -15.94 16.78
N LEU D 208 17.34 -14.84 17.23
CA LEU D 208 16.64 -13.75 17.95
C LEU D 208 16.69 -12.43 17.14
N PHE D 209 15.53 -11.91 16.74
CA PHE D 209 15.46 -10.67 15.95
C PHE D 209 15.17 -9.52 16.88
N ILE D 210 15.87 -8.41 16.63
CA ILE D 210 15.60 -7.17 17.34
C ILE D 210 15.18 -6.14 16.31
N ILE D 211 13.94 -5.66 16.41
CA ILE D 211 13.41 -4.73 15.50
C ILE D 211 13.48 -3.35 16.10
N ALA D 212 14.36 -2.55 15.51
CA ALA D 212 14.76 -1.28 16.07
C ALA D 212 14.12 -0.15 15.31
N SER D 213 13.07 0.42 15.88
CA SER D 213 12.32 1.53 15.22
C SER D 213 11.39 2.22 16.22
N LYS D 214 11.56 3.53 16.41
CA LYS D 214 10.77 4.29 17.39
C LYS D 214 9.26 4.22 17.08
N THR D 215 8.89 4.50 15.83
CA THR D 215 7.48 4.51 15.44
C THR D 215 6.96 3.13 15.23
N PHE D 216 7.88 2.23 14.94
CA PHE D 216 7.55 0.92 14.46
C PHE D 216 6.74 1.00 13.16
N THR D 217 6.89 2.06 12.40
CA THR D 217 6.26 2.12 11.01
C THR D 217 7.27 2.47 9.91
N THR D 218 8.53 2.66 10.27
CA THR D 218 9.59 2.86 9.33
C THR D 218 9.55 1.82 8.22
N GLN D 219 9.40 2.24 6.96
CA GLN D 219 9.04 1.31 5.92
C GLN D 219 10.14 0.23 5.66
N GLU D 220 11.39 0.64 5.63
CA GLU D 220 12.45 -0.31 5.38
C GLU D 220 12.55 -1.34 6.48
N THR D 221 12.52 -0.84 7.72
CA THR D 221 12.68 -1.73 8.87
C THR D 221 11.53 -2.68 9.00
N ILE D 222 10.31 -2.17 8.83
CA ILE D 222 9.14 -3.02 9.02
C ILE D 222 8.99 -4.06 7.92
N THR D 223 9.33 -3.68 6.69
CA THR D 223 9.35 -4.60 5.59
C THR D 223 10.38 -5.68 5.88
N ASN D 224 11.58 -5.28 6.27
CA ASN D 224 12.56 -6.30 6.68
C ASN D 224 12.04 -7.16 7.82
N ALA D 225 11.41 -6.55 8.81
CA ALA D 225 10.94 -7.33 9.95
C ALA D 225 9.85 -8.33 9.54
N THR D 226 8.98 -7.92 8.61
CA THR D 226 7.87 -8.77 8.19
C THR D 226 8.40 -9.95 7.38
N SER D 227 9.41 -9.71 6.55
CA SER D 227 10.06 -10.76 5.77
C SER D 227 10.76 -11.76 6.65
N ALA D 228 11.41 -11.26 7.70
CA ALA D 228 12.08 -12.14 8.67
C ALA D 228 11.06 -12.93 9.39
N LYS D 229 9.96 -12.30 9.73
CA LYS D 229 8.87 -13.06 10.38
C LYS D 229 8.24 -14.14 9.45
N THR D 230 8.09 -13.83 8.15
CA THR D 230 7.57 -14.82 7.21
C THR D 230 8.47 -16.05 7.21
N TRP D 231 9.78 -15.79 7.06
CA TRP D 231 10.81 -16.86 7.10
C TRP D 231 10.70 -17.67 8.38
N PHE D 232 10.55 -17.00 9.51
CA PHE D 232 10.50 -17.63 10.76
C PHE D 232 9.28 -18.51 10.94
N LEU D 233 8.14 -18.01 10.53
CA LEU D 233 6.90 -18.77 10.68
C LEU D 233 6.76 -19.96 9.73
N GLU D 234 7.50 -19.93 8.64
CA GLU D 234 7.48 -20.99 7.72
C GLU D 234 8.01 -22.23 8.44
N ALA D 235 8.92 -22.02 9.38
CA ALA D 235 9.39 -23.07 10.22
C ALA D 235 8.53 -23.28 11.45
N ALA D 236 8.19 -22.21 12.14
CA ALA D 236 7.53 -22.32 13.42
C ALA D 236 6.06 -22.64 13.32
N LYS D 237 5.41 -22.13 12.28
CA LYS D 237 3.98 -22.29 12.08
C LYS D 237 3.06 -21.98 13.26
N ASP D 238 3.45 -21.14 14.16
CA ASP D 238 2.72 -20.85 15.36
C ASP D 238 2.90 -19.37 15.68
N PRO D 239 1.81 -18.59 15.67
CA PRO D 239 1.97 -17.16 16.00
C PRO D 239 2.50 -16.89 17.40
N ALA D 240 2.27 -17.76 18.38
CA ALA D 240 2.76 -17.54 19.73
C ALA D 240 4.32 -17.66 19.77
N ALA D 241 4.92 -18.40 18.84
CA ALA D 241 6.40 -18.52 18.79
C ALA D 241 7.10 -17.20 18.50
N VAL D 242 6.45 -16.31 17.79
CA VAL D 242 7.03 -15.00 17.39
C VAL D 242 7.53 -14.27 18.62
N SER D 243 6.80 -14.36 19.71
CA SER D 243 7.19 -13.67 20.95
C SER D 243 8.50 -14.18 21.59
N LYS D 244 8.95 -15.38 21.24
CA LYS D 244 10.25 -15.86 21.74
C LYS D 244 11.41 -15.43 20.85
N HIS D 245 11.16 -14.94 19.66
CA HIS D 245 12.18 -14.77 18.65
C HIS D 245 12.25 -13.34 18.12
N PHE D 246 11.31 -12.50 18.51
CA PHE D 246 11.27 -11.08 18.08
C PHE D 246 11.03 -10.19 19.28
N VAL D 247 11.91 -9.19 19.44
CA VAL D 247 11.78 -8.13 20.39
C VAL D 247 11.89 -6.77 19.69
N ALA D 248 11.36 -5.71 20.34
CA ALA D 248 11.28 -4.36 19.75
C ALA D 248 11.96 -3.30 20.57
N LEU D 249 12.72 -2.46 19.88
CA LEU D 249 13.26 -1.27 20.46
C LEU D 249 12.40 -0.12 19.86
N SER D 250 11.44 0.36 20.63
CA SER D 250 10.31 1.13 20.04
C SER D 250 9.54 1.74 21.19
N THR D 251 8.68 2.71 20.85
CA THR D 251 7.67 3.19 21.83
C THR D 251 6.21 2.94 21.41
N ASN D 252 5.99 2.32 20.26
CA ASN D 252 4.65 2.12 19.80
C ASN D 252 4.12 0.72 20.15
N GLY D 253 3.50 0.64 21.33
CA GLY D 253 3.09 -0.67 21.84
C GLY D 253 2.01 -1.30 20.97
N GLU D 254 1.18 -0.45 20.37
CA GLU D 254 0.07 -0.96 19.58
C GLU D 254 0.62 -1.70 18.36
N LYS D 255 1.57 -1.09 17.67
CA LYS D 255 2.09 -1.76 16.46
C LYS D 255 2.99 -2.95 16.74
N VAL D 256 3.74 -2.83 17.83
CA VAL D 256 4.65 -3.90 18.28
C VAL D 256 3.82 -5.09 18.56
N THR D 257 2.74 -4.87 19.33
CA THR D 257 1.84 -5.98 19.65
C THR D 257 1.10 -6.55 18.44
N ALA D 258 0.66 -5.67 17.53
CA ALA D 258 0.03 -6.14 16.28
C ALA D 258 0.99 -6.98 15.43
N PHE D 259 2.32 -6.68 15.53
CA PHE D 259 3.29 -7.51 14.84
C PHE D 259 3.48 -8.92 15.45
N GLY D 260 3.09 -9.09 16.71
CA GLY D 260 3.28 -10.37 17.36
C GLY D 260 4.31 -10.43 18.47
N ILE D 261 4.83 -9.26 18.84
CA ILE D 261 5.80 -9.11 19.89
C ILE D 261 5.06 -8.77 21.14
N ASP D 262 5.48 -9.44 22.19
CA ASP D 262 4.90 -9.19 23.51
C ASP D 262 5.39 -7.84 24.00
N PRO D 263 4.51 -6.96 24.42
CA PRO D 263 4.95 -5.63 24.79
C PRO D 263 5.83 -5.59 26.05
N LYS D 264 5.86 -6.70 26.78
CA LYS D 264 6.84 -6.90 27.78
C LYS D 264 8.25 -6.76 27.22
N ASN D 265 8.42 -7.15 25.93
CA ASN D 265 9.72 -7.17 25.32
C ASN D 265 9.86 -6.00 24.40
N MET D 266 9.22 -4.89 24.77
CA MET D 266 9.52 -3.63 24.09
C MET D 266 10.42 -2.79 24.99
N PHE D 267 11.58 -2.39 24.43
CA PHE D 267 12.55 -1.58 25.13
C PHE D 267 12.50 -0.15 24.60
N GLY D 268 12.10 0.78 25.44
CA GLY D 268 11.73 2.12 25.01
C GLY D 268 12.81 3.15 25.08
N PHE D 269 12.54 4.30 24.48
CA PHE D 269 13.44 5.44 24.53
C PHE D 269 12.57 6.66 24.26
N TRP D 270 13.13 7.86 24.10
CA TRP D 270 12.38 9.12 24.28
C TRP D 270 12.67 10.01 23.06
N ASP D 271 11.82 11.00 22.85
CA ASP D 271 11.90 11.89 21.69
C ASP D 271 13.17 12.76 21.77
N TRP D 272 13.79 12.84 22.96
CA TRP D 272 15.01 13.57 23.12
C TRP D 272 16.28 12.71 22.87
N VAL D 273 16.08 11.54 22.31
CA VAL D 273 17.17 10.66 21.79
C VAL D 273 17.09 10.68 20.26
N GLY D 274 18.00 11.40 19.65
CA GLY D 274 18.14 11.38 18.16
C GLY D 274 18.66 10.07 17.71
N GLY D 275 18.20 9.57 16.56
CA GLY D 275 18.64 8.21 16.08
C GLY D 275 20.17 8.14 15.95
N ARG D 276 20.76 9.23 15.46
CA ARG D 276 22.24 9.31 15.30
C ARG D 276 23.03 9.53 16.59
N TYR D 277 22.29 9.66 17.69
CA TYR D 277 22.84 9.69 19.04
C TYR D 277 22.26 8.60 19.92
N SER D 278 21.77 7.52 19.35
CA SER D 278 20.87 6.64 20.08
C SER D 278 21.50 5.36 20.56
N LEU D 279 22.76 5.07 20.14
CA LEU D 279 23.35 3.74 20.52
C LEU D 279 23.48 3.54 22.05
N TRP D 280 23.48 4.66 22.78
CA TRP D 280 23.59 4.65 24.25
C TRP D 280 22.25 4.22 24.97
N SER D 281 21.12 4.17 24.25
CA SER D 281 19.79 3.93 24.77
C SER D 281 19.48 2.44 24.57
N ALA D 282 18.19 2.10 24.64
CA ALA D 282 17.73 0.75 24.21
C ALA D 282 18.27 0.30 22.84
N ILE D 283 18.44 1.25 21.90
CA ILE D 283 19.00 0.99 20.58
C ILE D 283 20.31 0.17 20.66
N GLY D 284 21.08 0.29 21.78
CA GLY D 284 22.29 -0.46 22.04
C GLY D 284 22.10 -1.90 22.52
N LEU D 285 20.84 -2.38 22.45
CA LEU D 285 20.60 -3.70 22.93
C LEU D 285 21.45 -4.75 22.30
N SER D 286 21.63 -4.71 20.97
CA SER D 286 22.47 -5.69 20.31
C SER D 286 23.94 -5.56 20.79
N ILE D 287 24.37 -4.37 21.23
CA ILE D 287 25.72 -4.26 21.79
C ILE D 287 25.80 -5.02 23.12
N SER D 288 24.86 -4.74 24.01
CA SER D 288 24.70 -5.42 25.26
C SER D 288 24.66 -6.93 25.13
N LEU D 289 23.86 -7.45 24.22
CA LEU D 289 23.83 -8.88 23.99
C LEU D 289 25.17 -9.47 23.53
N TYR D 290 25.88 -8.73 22.68
CA TYR D 290 27.12 -9.23 22.14
C TYR D 290 28.32 -9.17 23.03
N ILE D 291 28.52 -8.09 23.75
CA ILE D 291 29.64 -7.97 24.68
C ILE D 291 29.27 -8.08 26.17
N GLY D 292 27.97 -8.25 26.46
CA GLY D 292 27.47 -8.31 27.81
C GLY D 292 27.13 -6.91 28.35
N PHE D 293 26.20 -6.89 29.24
CA PHE D 293 25.73 -5.61 29.80
C PHE D 293 26.82 -4.90 30.62
N GLU D 294 27.66 -5.64 31.33
CA GLU D 294 28.75 -5.00 32.09
C GLU D 294 29.70 -4.19 31.17
N ASN D 295 30.01 -4.74 30.02
CA ASN D 295 30.79 -4.01 28.99
C ASN D 295 30.04 -2.83 28.31
N PHE D 296 28.73 -3.00 28.12
CA PHE D 296 27.89 -1.88 27.66
C PHE D 296 27.97 -0.75 28.68
N GLU D 297 27.89 -1.12 29.95
CA GLU D 297 27.99 -0.15 30.99
C GLU D 297 29.34 0.62 30.92
N LYS D 298 30.41 -0.07 30.64
CA LYS D 298 31.75 0.53 30.50
C LYS D 298 31.83 1.52 29.32
N LEU D 299 31.20 1.16 28.22
CA LEU D 299 30.96 2.09 27.11
C LEU D 299 30.20 3.36 27.55
N LEU D 300 29.08 3.20 28.28
CA LEU D 300 28.42 4.31 28.88
C LEU D 300 29.33 5.14 29.78
N ASP D 301 30.11 4.44 30.60
CA ASP D 301 31.05 5.17 31.54
C ASP D 301 32.02 6.07 30.76
N GLY D 302 32.54 5.56 29.65
CA GLY D 302 33.55 6.34 28.86
C GLY D 302 32.89 7.58 28.27
N ALA D 303 31.65 7.43 27.78
CA ALA D 303 30.93 8.60 27.24
C ALA D 303 30.72 9.65 28.32
N ASN D 304 30.29 9.15 29.49
CA ASN D 304 30.02 10.03 30.65
C ASN D 304 31.31 10.70 31.13
N PHE D 305 32.42 10.01 31.07
CA PHE D 305 33.69 10.61 31.41
C PHE D 305 33.93 11.78 30.45
N MET D 306 33.66 11.58 29.15
CA MET D 306 33.91 12.70 28.14
C MET D 306 32.93 13.82 28.34
N ASP D 307 31.68 13.46 28.68
CA ASP D 307 30.69 14.45 28.98
C ASP D 307 31.22 15.40 30.08
N ASN D 308 31.76 14.75 31.12
CA ASN D 308 32.26 15.50 32.30
C ASN D 308 33.42 16.42 31.90
N HIS D 309 34.30 15.89 31.07
CA HIS D 309 35.36 16.70 30.47
C HIS D 309 34.85 17.90 29.75
N PHE D 310 33.86 17.67 28.89
CA PHE D 310 33.31 18.70 28.04
C PHE D 310 32.74 19.85 28.91
N CYS D 311 32.15 19.46 30.05
CA CYS D 311 31.54 20.38 31.01
C CYS D 311 32.53 21.06 31.93
N THR D 312 33.64 20.46 32.20
CA THR D 312 34.57 20.98 33.28
C THR D 312 35.80 21.70 32.73
N ALA D 313 36.26 21.24 31.57
CA ALA D 313 37.52 21.78 31.01
C ALA D 313 37.31 23.18 30.46
N PRO D 314 38.16 24.15 30.90
CA PRO D 314 38.24 25.44 30.23
C PRO D 314 38.36 25.28 28.70
N LEU D 315 37.92 26.27 27.92
CA LEU D 315 37.85 26.10 26.46
C LEU D 315 39.20 25.73 25.90
N GLU D 316 40.21 26.35 26.45
CA GLU D 316 41.62 26.14 25.93
C GLU D 316 42.19 24.75 26.15
N LYS D 317 41.52 23.97 26.97
CA LYS D 317 41.93 22.61 27.30
C LYS D 317 40.78 21.63 27.15
N ASN D 318 39.86 21.96 26.27
CA ASN D 318 38.60 21.22 26.08
C ASN D 318 38.61 20.52 24.73
N ALA D 319 38.76 19.20 24.69
CA ALA D 319 39.02 18.53 23.44
C ALA D 319 37.92 18.73 22.37
N PRO D 320 36.65 18.53 22.73
CA PRO D 320 35.65 18.73 21.73
C PRO D 320 35.65 20.16 21.15
N VAL D 321 35.86 21.15 22.00
CA VAL D 321 35.78 22.51 21.57
C VAL D 321 36.92 22.80 20.60
N ILE D 322 38.12 22.32 20.97
CA ILE D 322 39.31 22.50 20.14
C ILE D 322 39.10 21.87 18.73
N LEU D 323 38.64 20.61 18.71
CA LEU D 323 38.40 19.96 17.46
C LEU D 323 37.37 20.72 16.61
N ALA D 324 36.30 21.16 17.26
CA ALA D 324 35.23 21.94 16.58
C ALA D 324 35.81 23.25 15.99
N LEU D 325 36.61 23.97 16.79
CA LEU D 325 37.24 25.22 16.30
C LEU D 325 38.21 25.04 15.12
N LEU D 326 39.02 24.01 15.17
CA LEU D 326 39.87 23.68 14.02
C LEU D 326 39.04 23.41 12.78
N GLY D 327 37.90 22.70 12.93
CA GLY D 327 37.09 22.44 11.77
C GLY D 327 36.45 23.67 11.19
N VAL D 328 36.11 24.65 12.05
CA VAL D 328 35.57 25.89 11.58
C VAL D 328 36.69 26.71 10.87
N TRP D 329 37.88 26.69 11.45
CA TRP D 329 39.02 27.33 10.85
C TRP D 329 39.27 26.83 9.41
N TYR D 330 39.36 25.53 9.21
CA TYR D 330 39.60 25.02 7.88
C TYR D 330 38.37 25.14 6.96
N GLY D 331 37.18 24.93 7.52
CA GLY D 331 35.99 24.91 6.68
C GLY D 331 35.52 26.32 6.32
N ASN D 332 35.40 27.17 7.31
CA ASN D 332 34.90 28.51 7.05
C ASN D 332 35.91 29.61 6.54
N PHE D 333 37.16 29.44 6.87
CA PHE D 333 38.21 30.35 6.46
C PHE D 333 39.02 29.80 5.28
N TYR D 334 39.63 28.63 5.40
CA TYR D 334 40.29 28.02 4.28
C TYR D 334 39.35 27.41 3.26
N GLY D 335 38.09 27.25 3.56
CA GLY D 335 37.23 26.65 2.51
C GLY D 335 37.32 25.15 2.21
N ALA D 336 37.94 24.36 3.08
CA ALA D 336 38.04 22.90 2.85
C ALA D 336 36.59 22.31 2.98
N GLU D 337 36.21 21.47 2.06
CA GLU D 337 34.89 20.89 2.07
C GLU D 337 34.80 19.61 2.87
N THR D 338 35.93 18.94 3.14
CA THR D 338 35.89 17.65 3.73
C THR D 338 36.73 17.53 4.99
N HIS D 339 36.50 16.44 5.71
CA HIS D 339 37.27 16.05 6.87
C HIS D 339 37.34 14.51 6.91
N ALA D 340 38.57 13.95 7.02
CA ALA D 340 38.79 12.52 7.03
C ALA D 340 39.03 12.02 8.44
N LEU D 341 38.46 10.81 8.70
CA LEU D 341 38.66 10.09 9.93
C LEU D 341 39.39 8.81 9.62
N LEU D 342 40.56 8.66 10.21
CA LEU D 342 41.51 7.62 9.78
C LEU D 342 42.04 6.83 10.99
N PRO D 343 41.22 5.84 11.46
CA PRO D 343 41.65 5.06 12.58
C PRO D 343 42.59 3.96 12.16
N TYR D 344 43.78 3.85 12.81
CA TYR D 344 44.74 2.81 12.48
C TYR D 344 44.39 1.63 13.34
N ASP D 345 43.27 1.03 12.97
CA ASP D 345 42.67 -0.02 13.69
C ASP D 345 41.58 -0.65 12.85
N GLN D 346 41.81 -1.90 12.48
CA GLN D 346 40.91 -2.64 11.66
C GLN D 346 39.55 -2.89 12.35
N TYR D 347 39.52 -3.14 13.67
CA TYR D 347 38.23 -3.30 14.33
C TYR D 347 37.36 -2.04 14.13
N LEU D 348 38.01 -0.87 14.08
CA LEU D 348 37.36 0.39 13.88
C LEU D 348 37.07 0.72 12.42
N HIS D 349 36.90 -0.32 11.63
CA HIS D 349 36.73 -0.10 10.16
C HIS D 349 35.42 0.62 9.79
N ARG D 350 34.42 0.65 10.66
CA ARG D 350 33.15 1.43 10.41
C ARG D 350 33.01 2.72 11.24
N PHE D 351 34.08 3.16 11.90
CA PHE D 351 34.10 4.38 12.65
C PHE D 351 33.83 5.62 11.79
N ALA D 352 34.55 5.75 10.67
CA ALA D 352 34.35 6.89 9.79
C ALA D 352 32.94 6.94 9.23
N ALA D 353 32.45 5.78 8.85
CA ALA D 353 31.07 5.70 8.34
C ALA D 353 30.04 6.09 9.37
N TYR D 354 30.24 5.71 10.63
CA TYR D 354 29.39 6.15 11.67
C TYR D 354 29.36 7.67 11.80
N PHE D 355 30.53 8.31 11.83
CA PHE D 355 30.51 9.79 11.92
C PHE D 355 30.17 10.51 10.66
N GLN D 356 30.17 9.74 9.61
CA GLN D 356 29.61 10.27 8.43
C GLN D 356 28.18 10.63 8.68
N GLN D 357 27.36 9.73 9.28
CA GLN D 357 26.02 10.04 9.71
C GLN D 357 26.00 11.10 10.83
N GLY D 358 26.70 10.84 11.93
CA GLY D 358 26.60 11.66 13.09
C GLY D 358 26.88 13.12 12.78
N ASP D 359 27.91 13.34 11.97
CA ASP D 359 28.30 14.70 11.58
C ASP D 359 27.43 15.26 10.44
N MET D 360 27.32 14.54 9.33
CA MET D 360 26.66 15.08 8.15
C MET D 360 25.15 15.25 8.35
N GLU D 361 24.50 14.29 8.99
CA GLU D 361 23.05 14.47 9.21
C GLU D 361 22.80 15.52 10.27
N SER D 362 23.77 15.76 11.17
CA SER D 362 23.58 16.77 12.20
C SER D 362 23.72 18.19 11.61
N ASN D 363 24.83 18.40 10.91
CA ASN D 363 25.27 19.75 10.56
C ASN D 363 25.16 20.07 9.08
N GLY D 364 24.63 19.11 8.32
CA GLY D 364 24.23 19.35 6.92
C GLY D 364 22.95 20.17 6.89
N LYS D 365 23.11 21.43 7.26
CA LYS D 365 21.98 22.36 7.46
C LYS D 365 22.26 23.72 6.83
N TYR D 366 21.18 24.48 6.55
CA TYR D 366 21.33 25.78 6.00
C TYR D 366 20.47 26.90 6.54
N VAL D 367 19.62 26.56 7.49
CA VAL D 367 18.67 27.53 8.09
C VAL D 367 19.02 27.74 9.56
N THR D 368 19.20 29.01 9.94
CA THR D 368 19.53 29.37 11.27
C THR D 368 18.34 29.38 12.16
N ARG D 369 18.63 29.52 13.47
CA ARG D 369 17.58 29.56 14.46
C ARG D 369 16.56 30.68 14.22
N SER D 370 16.95 31.77 13.60
CA SER D 370 15.98 32.89 13.33
C SER D 370 15.21 32.63 12.03
N GLY D 371 15.53 31.51 11.32
CA GLY D 371 14.89 31.24 10.05
C GLY D 371 15.58 31.77 8.81
N ALA D 372 16.66 32.50 8.99
CA ALA D 372 17.43 33.03 7.87
C ALA D 372 18.28 31.92 7.22
N THR D 373 18.55 32.08 5.93
CA THR D 373 19.43 31.07 5.27
C THR D 373 20.89 31.47 5.55
N VAL D 374 21.75 30.52 5.86
CA VAL D 374 23.16 30.83 6.06
C VAL D 374 23.85 31.38 4.80
N ASP D 375 24.81 32.26 4.98
CA ASP D 375 25.63 32.73 3.88
C ASP D 375 27.09 32.35 4.16
N TYR D 376 27.27 31.20 4.84
CA TYR D 376 28.58 30.66 5.18
C TYR D 376 28.45 29.12 5.17
N SER D 377 29.59 28.44 5.02
CA SER D 377 29.65 26.99 5.03
C SER D 377 29.24 26.34 6.32
N THR D 378 28.50 25.25 6.26
CA THR D 378 28.24 24.46 7.48
C THR D 378 28.99 23.10 7.45
N GLY D 379 28.30 21.99 7.71
CA GLY D 379 29.03 20.73 7.93
C GLY D 379 29.82 20.33 6.69
N PRO D 380 30.96 19.66 6.90
CA PRO D 380 31.75 19.11 5.78
C PRO D 380 31.31 17.73 5.37
N VAL D 381 31.81 17.27 4.22
CA VAL D 381 31.74 15.87 3.88
C VAL D 381 32.72 15.16 4.80
N VAL D 382 32.26 14.15 5.52
CA VAL D 382 33.12 13.36 6.39
C VAL D 382 33.27 11.96 5.80
N TRP D 383 34.49 11.45 5.80
CA TRP D 383 34.76 10.24 5.09
C TRP D 383 36.06 9.61 5.64
N GLY D 384 36.41 8.39 5.23
CA GLY D 384 37.66 7.76 5.67
C GLY D 384 37.61 6.22 5.61
N GLU D 385 38.76 5.62 5.83
CA GLU D 385 38.92 4.20 5.95
C GLU D 385 40.03 3.98 6.97
N PRO D 386 39.99 2.84 7.64
CA PRO D 386 41.02 2.58 8.61
C PRO D 386 42.38 2.49 7.94
N GLY D 387 43.41 2.90 8.67
CA GLY D 387 44.81 2.63 8.27
C GLY D 387 45.17 1.20 8.58
N THR D 388 46.00 0.54 7.75
CA THR D 388 46.66 1.15 6.59
C THR D 388 45.87 0.97 5.29
N ASN D 389 44.64 0.50 5.39
CA ASN D 389 43.84 0.28 4.14
C ASN D 389 43.63 1.59 3.34
N GLY D 390 43.18 2.63 3.98
CA GLY D 390 42.98 3.94 3.36
C GLY D 390 44.29 4.50 2.83
N GLN D 391 45.36 4.22 3.57
CA GLN D 391 46.67 4.69 3.24
C GLN D 391 47.11 4.18 1.87
N HIS D 392 46.78 2.90 1.56
CA HIS D 392 47.12 2.37 0.27
C HIS D 392 46.08 2.55 -0.79
N ALA D 393 45.01 3.25 -0.47
CA ALA D 393 44.02 3.62 -1.43
C ALA D 393 44.09 5.04 -1.91
N PHE D 394 43.98 6.03 -1.02
CA PHE D 394 43.73 7.35 -1.48
C PHE D 394 44.70 8.39 -0.94
N TYR D 395 45.72 7.99 -0.19
CA TYR D 395 46.60 8.99 0.36
C TYR D 395 47.45 9.75 -0.71
N GLN D 396 47.58 9.16 -1.89
CA GLN D 396 48.23 9.87 -2.96
C GLN D 396 47.60 11.26 -3.04
N LEU D 397 46.28 11.31 -3.02
CA LEU D 397 45.60 12.60 -3.24
C LEU D 397 45.73 13.50 -2.01
N VAL D 398 45.65 12.90 -0.84
CA VAL D 398 45.90 13.68 0.37
C VAL D 398 47.27 14.39 0.31
N HIS D 399 48.27 13.68 -0.15
CA HIS D 399 49.65 14.22 -0.20
C HIS D 399 49.86 15.21 -1.36
N GLN D 400 49.40 14.86 -2.56
CA GLN D 400 49.84 15.55 -3.76
C GLN D 400 48.71 16.01 -4.68
N GLY D 401 47.44 15.95 -4.19
CA GLY D 401 46.36 16.56 -4.86
C GLY D 401 46.33 18.07 -4.68
N THR D 402 45.19 18.67 -5.04
CA THR D 402 45.05 20.12 -4.99
C THR D 402 44.13 20.48 -3.85
N ARG D 403 43.82 19.53 -2.97
CA ARG D 403 42.85 19.72 -1.92
C ARG D 403 43.43 19.80 -0.53
N LEU D 404 42.88 20.70 0.30
CA LEU D 404 43.16 20.71 1.75
C LEU D 404 42.16 19.77 2.39
N ILE D 405 42.67 18.80 3.14
CA ILE D 405 41.87 17.79 3.73
C ILE D 405 42.39 17.51 5.12
N PRO D 406 41.83 18.22 6.06
CA PRO D 406 42.24 17.93 7.45
C PRO D 406 41.91 16.52 7.76
N CYS D 407 42.79 15.85 8.49
CA CYS D 407 42.56 14.42 8.87
C CYS D 407 42.74 14.21 10.37
N ASP D 408 41.91 13.36 11.00
CA ASP D 408 42.22 12.85 12.31
C ASP D 408 42.71 11.45 12.19
N PHE D 409 43.92 11.23 12.66
CA PHE D 409 44.49 9.91 12.73
C PHE D 409 44.34 9.44 14.16
N LEU D 410 43.95 8.18 14.32
CA LEU D 410 43.81 7.58 15.66
C LEU D 410 44.54 6.26 15.74
N ALA D 411 45.08 5.96 16.92
CA ALA D 411 45.72 4.67 17.17
C ALA D 411 45.80 4.25 18.65
N PRO D 412 45.92 2.93 18.86
CA PRO D 412 46.12 2.48 20.19
C PRO D 412 47.57 2.04 20.41
N ALA D 413 48.10 2.27 21.61
CA ALA D 413 49.47 1.89 21.90
C ALA D 413 49.55 0.35 21.93
N GLN D 414 48.45 -0.31 22.30
CA GLN D 414 48.39 -1.77 22.41
C GLN D 414 47.36 -2.37 21.50
N THR D 415 47.64 -3.59 20.97
CA THR D 415 46.71 -4.31 20.15
C THR D 415 46.10 -5.49 20.91
N HIS D 416 44.85 -5.81 20.64
CA HIS D 416 44.22 -7.09 21.11
C HIS D 416 44.73 -8.32 20.36
N ASN D 417 45.46 -8.11 19.25
CA ASN D 417 45.99 -9.20 18.44
C ASN D 417 47.48 -9.06 18.18
N PRO D 418 48.33 -9.27 19.20
CA PRO D 418 49.80 -9.05 19.10
C PRO D 418 50.54 -10.26 18.43
N ILE D 419 50.08 -10.63 17.26
CA ILE D 419 50.62 -11.79 16.58
C ILE D 419 52.04 -11.49 16.13
N ALA D 420 52.78 -12.56 15.90
CA ALA D 420 54.20 -12.44 15.49
C ALA D 420 54.93 -11.56 16.44
N ASN D 421 54.69 -11.84 17.72
CA ASN D 421 55.35 -11.17 18.80
C ASN D 421 55.32 -9.64 18.68
N GLY D 422 54.15 -9.12 18.28
CA GLY D 422 53.93 -7.68 18.22
C GLY D 422 54.46 -7.00 16.97
N ALA D 423 54.94 -7.77 15.99
CA ALA D 423 55.67 -7.19 14.87
C ALA D 423 54.73 -6.35 13.94
N HIS D 424 53.52 -6.85 13.76
CA HIS D 424 52.55 -6.13 12.94
C HIS D 424 52.25 -4.77 13.58
N HIS D 425 52.09 -4.74 14.91
CA HIS D 425 51.63 -3.51 15.59
C HIS D 425 52.69 -2.42 15.53
N LYS D 426 53.96 -2.82 15.61
CA LYS D 426 55.06 -1.81 15.42
C LYS D 426 54.96 -1.19 14.03
N ILE D 427 54.74 -2.00 13.01
CA ILE D 427 54.70 -1.46 11.67
C ILE D 427 53.47 -0.53 11.48
N LEU D 428 52.36 -0.98 12.06
CA LEU D 428 51.14 -0.14 12.05
C LEU D 428 51.37 1.24 12.68
N LEU D 429 51.98 1.22 13.85
CA LEU D 429 52.27 2.50 14.51
C LEU D 429 53.24 3.35 13.75
N ALA D 430 54.30 2.72 13.20
CA ALA D 430 55.29 3.51 12.42
C ALA D 430 54.63 4.29 11.27
N ASN D 431 53.69 3.61 10.60
CA ASN D 431 52.86 4.28 9.60
C ASN D 431 51.86 5.37 10.07
N PHE D 432 51.18 5.13 11.16
CA PHE D 432 50.33 6.15 11.85
C PHE D 432 51.12 7.44 12.07
N LEU D 433 52.31 7.29 12.62
CA LEU D 433 53.22 8.38 12.91
C LEU D 433 53.86 9.06 11.73
N ALA D 434 54.31 8.24 10.78
CA ALA D 434 55.01 8.76 9.58
C ALA D 434 54.09 9.55 8.66
N GLN D 435 52.82 9.16 8.57
CA GLN D 435 51.93 9.81 7.65
C GLN D 435 51.59 11.20 8.06
N THR D 436 51.41 11.47 9.38
CA THR D 436 51.12 12.82 9.83
C THR D 436 52.41 13.66 9.75
N GLU D 437 53.52 13.04 10.09
CA GLU D 437 54.82 13.71 9.93
C GLU D 437 54.99 14.16 8.45
N ALA D 438 54.73 13.22 7.54
CA ALA D 438 54.79 13.51 6.08
C ALA D 438 53.90 14.64 5.60
N LEU D 439 52.64 14.58 6.05
CA LEU D 439 51.68 15.59 5.63
C LEU D 439 52.14 16.95 6.09
N MET D 440 52.74 17.06 7.28
CA MET D 440 53.20 18.28 7.75
C MET D 440 54.53 18.71 7.06
N LYS D 441 55.53 17.85 7.03
CA LYS D 441 56.83 18.20 6.63
C LYS D 441 56.98 18.44 5.13
N GLY D 442 56.29 17.61 4.36
CA GLY D 442 56.51 17.61 2.91
C GLY D 442 57.99 17.35 2.59
N LYS D 443 58.36 17.72 1.37
CA LYS D 443 59.67 17.46 0.80
C LYS D 443 59.88 18.50 -0.29
N THR D 444 60.79 19.46 -0.06
CA THR D 444 61.02 20.57 -0.97
C THR D 444 61.79 20.11 -2.23
N ASP D 445 61.79 20.96 -3.25
CA ASP D 445 62.61 20.71 -4.45
C ASP D 445 64.10 20.35 -4.07
N ALA D 446 64.67 21.08 -3.11
CA ALA D 446 66.11 20.88 -2.72
C ALA D 446 66.26 19.55 -2.00
N GLU D 447 65.28 19.19 -1.11
CA GLU D 447 65.30 17.87 -0.47
C GLU D 447 65.22 16.76 -1.48
N ALA D 448 64.22 16.83 -2.38
CA ALA D 448 64.11 15.83 -3.42
C ALA D 448 65.33 15.70 -4.34
N LYS D 449 65.82 16.83 -4.82
CA LYS D 449 67.03 16.87 -5.61
C LYS D 449 68.21 16.23 -4.86
N ALA D 450 68.33 16.50 -3.57
CA ALA D 450 69.47 15.88 -2.84
C ALA D 450 69.36 14.34 -2.77
N GLU D 451 68.15 13.82 -2.56
CA GLU D 451 67.90 12.44 -2.65
C GLU D 451 68.26 11.86 -4.00
N LEU D 452 67.85 12.52 -5.07
CA LEU D 452 68.03 11.96 -6.40
C LEU D 452 69.57 11.98 -6.75
N GLU D 453 70.26 13.02 -6.26
CA GLU D 453 71.70 13.11 -6.41
C GLU D 453 72.37 11.93 -5.82
N LYS D 454 71.90 11.46 -4.70
CA LYS D 454 72.48 10.27 -4.04
C LYS D 454 72.25 8.96 -4.80
N SER D 455 71.07 8.80 -5.36
CA SER D 455 70.69 7.58 -6.01
C SER D 455 71.54 7.45 -7.25
N GLY D 456 72.34 8.50 -7.47
CA GLY D 456 73.20 8.64 -8.61
C GLY D 456 72.51 8.86 -9.94
N MET D 457 71.48 9.70 -9.99
CA MET D 457 70.72 9.77 -11.24
C MET D 457 71.39 10.73 -12.29
N ALA D 458 71.32 10.38 -13.58
CA ALA D 458 71.74 11.32 -14.64
C ALA D 458 71.03 12.71 -14.45
N PRO D 459 71.77 13.84 -14.59
CA PRO D 459 71.12 15.15 -14.36
C PRO D 459 69.91 15.46 -15.25
N GLU D 460 69.87 14.91 -16.47
CA GLU D 460 68.73 15.13 -17.36
C GLU D 460 67.53 14.40 -16.71
N ALA D 461 67.76 13.17 -16.28
CA ALA D 461 66.69 12.37 -15.69
C ALA D 461 66.20 12.99 -14.37
N ILE D 462 67.14 13.46 -13.54
CA ILE D 462 66.77 14.23 -12.35
C ILE D 462 65.81 15.38 -12.70
N ALA D 463 66.17 16.22 -13.68
CA ALA D 463 65.40 17.43 -13.90
C ALA D 463 63.97 17.07 -14.36
N LYS D 464 63.85 15.94 -15.07
CA LYS D 464 62.57 15.48 -15.61
C LYS D 464 61.63 15.02 -14.50
N ILE D 465 62.16 14.31 -13.54
CA ILE D 465 61.29 13.69 -12.50
C ILE D 465 61.10 14.62 -11.32
N LEU D 466 62.07 15.51 -11.09
CA LEU D 466 62.11 16.33 -9.89
C LEU D 466 60.75 16.89 -9.44
N PRO D 467 60.03 17.61 -10.29
CA PRO D 467 58.83 18.24 -9.69
C PRO D 467 57.75 17.25 -9.19
N HIS D 468 57.72 16.03 -9.77
CA HIS D 468 56.80 14.98 -9.36
C HIS D 468 57.10 14.43 -7.99
N LYS D 469 58.30 14.67 -7.48
CA LYS D 469 58.79 14.15 -6.22
C LYS D 469 58.65 15.10 -5.08
N VAL D 470 58.18 16.31 -5.39
CA VAL D 470 58.06 17.36 -4.37
C VAL D 470 56.74 17.23 -3.66
N PHE D 471 56.74 17.41 -2.34
CA PHE D 471 55.52 17.35 -1.51
C PHE D 471 55.42 18.74 -0.86
N LYS D 472 54.29 19.44 -1.05
CA LYS D 472 54.14 20.79 -0.51
C LYS D 472 54.03 20.75 1.03
N GLY D 473 53.57 19.63 1.62
CA GLY D 473 53.40 19.54 3.08
C GLY D 473 52.41 20.62 3.55
N ASN D 474 52.61 21.10 4.79
CA ASN D 474 51.74 22.05 5.48
C ASN D 474 50.29 21.57 5.53
N ARG D 475 50.14 20.27 5.53
CA ARG D 475 48.84 19.63 5.52
C ARG D 475 48.45 19.12 6.90
N PRO D 476 47.36 19.69 7.47
CA PRO D 476 47.15 19.54 8.90
C PRO D 476 46.54 18.22 9.30
N THR D 477 46.85 17.79 10.51
CA THR D 477 46.24 16.61 11.06
C THR D 477 46.09 16.77 12.59
N ASN D 478 45.14 16.00 13.13
CA ASN D 478 45.13 15.74 14.55
C ASN D 478 45.56 14.28 14.77
N SER D 479 46.26 13.98 15.84
CA SER D 479 46.67 12.63 16.19
C SER D 479 46.04 12.33 17.54
N ILE D 480 45.28 11.21 17.63
CA ILE D 480 44.66 10.79 18.91
C ILE D 480 45.17 9.43 19.23
N VAL D 481 45.73 9.28 20.44
CA VAL D 481 46.32 8.04 20.85
C VAL D 481 45.62 7.60 22.19
N VAL D 482 45.21 6.33 22.26
CA VAL D 482 44.71 5.74 23.48
C VAL D 482 45.69 4.62 23.84
N LYS D 483 45.67 4.14 25.09
CA LYS D 483 46.40 2.94 25.47
C LYS D 483 45.95 1.75 24.71
N LYS D 484 44.62 1.56 24.64
CA LYS D 484 44.01 0.43 24.02
C LYS D 484 42.56 0.82 23.78
N PHE D 485 42.01 0.34 22.68
CA PHE D 485 40.58 0.56 22.41
C PHE D 485 39.78 -0.46 23.19
N THR D 486 39.11 0.04 24.21
CA THR D 486 38.28 -0.70 25.18
C THR D 486 36.87 -0.08 25.18
N PRO D 487 35.94 -0.75 25.79
CA PRO D 487 34.61 -0.13 25.80
C PRO D 487 34.65 1.31 26.28
N PHE D 488 35.37 1.58 27.37
CA PHE D 488 35.44 2.93 27.95
C PHE D 488 36.13 3.88 26.99
N THR D 489 37.29 3.49 26.43
CA THR D 489 37.93 4.45 25.53
C THR D 489 37.17 4.72 24.26
N LEU D 490 36.42 3.75 23.79
CA LEU D 490 35.60 3.98 22.60
C LEU D 490 34.43 4.88 22.90
N GLY D 491 33.82 4.67 24.09
CA GLY D 491 32.74 5.49 24.56
C GLY D 491 33.17 6.96 24.64
N ALA D 492 34.36 7.17 25.19
CA ALA D 492 34.87 8.49 25.37
C ALA D 492 35.07 9.18 24.03
N LEU D 493 35.60 8.42 23.06
CA LEU D 493 35.93 9.01 21.77
C LEU D 493 34.64 9.31 21.00
N ILE D 494 33.66 8.41 21.04
CA ILE D 494 32.37 8.70 20.32
C ILE D 494 31.74 9.96 20.90
N ALA D 495 31.70 10.07 22.26
CA ALA D 495 31.13 11.26 22.90
C ALA D 495 31.91 12.51 22.52
N MET D 496 33.23 12.35 22.42
CA MET D 496 34.07 13.52 22.09
C MET D 496 33.63 14.12 20.76
N TYR D 497 33.49 13.26 19.78
CA TYR D 497 33.04 13.73 18.46
C TYR D 497 31.54 14.24 18.50
N GLU D 498 30.65 13.58 19.28
CA GLU D 498 29.30 14.13 19.49
C GLU D 498 29.43 15.58 19.94
N HIS D 499 30.26 15.85 20.94
CA HIS D 499 30.36 17.23 21.39
C HIS D 499 31.08 18.21 20.43
N LYS D 500 32.03 17.71 19.64
CA LYS D 500 32.56 18.53 18.57
C LYS D 500 31.45 19.04 17.66
N ILE D 501 30.64 18.09 17.19
CA ILE D 501 29.54 18.35 16.29
C ILE D 501 28.55 19.37 16.90
N PHE D 502 28.21 19.18 18.18
CA PHE D 502 27.39 20.11 18.90
C PHE D 502 27.98 21.49 18.85
N THR D 503 29.27 21.57 19.17
CA THR D 503 29.91 22.88 19.26
C THR D 503 29.87 23.58 17.96
N GLN D 504 30.13 22.83 16.86
CA GLN D 504 30.11 23.47 15.57
C GLN D 504 28.73 23.97 15.19
N GLY D 505 27.71 23.18 15.52
CA GLY D 505 26.30 23.53 15.31
C GLY D 505 25.97 24.82 16.02
N VAL D 506 26.48 25.00 17.22
CA VAL D 506 26.24 26.26 17.97
C VAL D 506 26.87 27.41 17.31
N ILE D 507 28.08 27.27 16.87
CA ILE D 507 28.82 28.37 16.21
C ILE D 507 28.05 28.84 14.97
N TRP D 508 27.60 27.87 14.19
CA TRP D 508 26.86 28.14 12.96
C TRP D 508 25.41 28.53 13.16
N ASP D 509 24.95 28.49 14.40
CA ASP D 509 23.54 28.74 14.74
C ASP D 509 22.52 27.93 13.96
N ILE D 510 22.84 26.66 13.74
CA ILE D 510 21.91 25.72 13.10
C ILE D 510 21.41 24.74 14.16
N ASN D 511 20.44 23.95 13.78
CA ASN D 511 19.91 22.84 14.60
C ASN D 511 20.64 21.57 14.28
N SER D 512 21.56 21.16 15.16
CA SER D 512 22.25 19.89 14.92
C SER D 512 21.37 18.66 15.12
N PHE D 513 20.12 18.82 15.64
CA PHE D 513 19.40 17.68 16.17
C PHE D 513 18.12 17.33 15.43
N ASP D 514 17.83 18.03 14.35
CA ASP D 514 16.65 17.71 13.51
C ASP D 514 17.14 17.14 12.19
N GLN D 515 16.24 16.74 11.32
CA GLN D 515 16.61 16.16 9.98
C GLN D 515 15.42 16.24 8.99
N TRP D 516 15.02 17.47 8.75
CA TRP D 516 13.87 17.81 7.89
C TRP D 516 14.21 17.40 6.44
N GLY D 517 15.53 17.24 6.14
CA GLY D 517 16.03 17.00 4.83
C GLY D 517 15.74 15.63 4.30
N VAL D 518 15.14 14.79 5.13
CA VAL D 518 14.78 13.44 4.70
C VAL D 518 13.37 13.33 4.12
N GLU D 519 12.52 14.33 4.33
CA GLU D 519 11.11 14.21 4.06
C GLU D 519 10.77 14.18 2.56
N LEU D 520 11.40 15.01 1.74
CA LEU D 520 11.00 15.09 0.38
C LEU D 520 11.23 13.73 -0.34
N GLY D 521 12.41 13.16 -0.17
CA GLY D 521 12.69 11.83 -0.78
C GLY D 521 11.70 10.79 -0.38
N LYS D 522 11.27 10.83 0.89
CA LYS D 522 10.34 9.82 1.37
C LYS D 522 8.98 9.96 0.67
N GLN D 523 8.57 11.18 0.54
CA GLN D 523 7.26 11.49 -0.04
C GLN D 523 7.30 11.03 -1.48
N LEU D 524 8.35 11.43 -2.19
CA LEU D 524 8.46 11.11 -3.61
C LEU D 524 8.55 9.64 -3.89
N ALA D 525 9.16 8.89 -2.99
CA ALA D 525 9.22 7.45 -3.16
C ALA D 525 7.86 6.79 -2.98
N LYS D 526 7.11 7.26 -1.98
CA LYS D 526 5.75 6.73 -1.80
C LYS D 526 4.94 6.96 -3.06
N ALA D 527 5.09 8.14 -3.66
CA ALA D 527 4.39 8.41 -4.92
C ALA D 527 4.72 7.44 -6.05
N ILE D 528 5.99 7.01 -6.11
CA ILE D 528 6.45 6.24 -7.22
C ILE D 528 6.11 4.77 -7.06
N GLU D 529 5.96 4.30 -5.82
CA GLU D 529 5.73 2.86 -5.60
C GLU D 529 4.61 2.24 -6.46
N PRO D 530 3.41 2.81 -6.41
CA PRO D 530 2.38 2.15 -7.24
C PRO D 530 2.64 2.20 -8.72
N GLU D 531 3.41 3.20 -9.19
CA GLU D 531 3.71 3.35 -10.62
C GLU D 531 4.66 2.27 -11.11
N LEU D 532 5.41 1.62 -10.21
CA LEU D 532 6.27 0.52 -10.62
C LEU D 532 5.56 -0.81 -10.71
N GLN D 533 4.36 -0.93 -10.15
CA GLN D 533 3.63 -2.22 -10.05
C GLN D 533 2.96 -2.53 -11.35
N ASP D 534 2.75 -1.48 -12.10
CA ASP D 534 1.71 -1.43 -13.05
C ASP D 534 2.39 -1.60 -14.42
N GLY D 535 1.57 -1.60 -15.47
CA GLY D 535 2.06 -1.72 -16.84
C GLY D 535 1.92 -0.43 -17.65
N LYS D 536 1.25 0.58 -17.11
CA LYS D 536 1.19 1.85 -17.78
C LYS D 536 2.56 2.52 -17.96
N LYS D 537 2.64 3.30 -19.02
CA LYS D 537 3.83 4.08 -19.33
C LYS D 537 3.66 5.36 -18.50
N ILE D 538 4.65 5.71 -17.70
CA ILE D 538 4.47 6.77 -16.75
C ILE D 538 4.83 8.09 -17.37
N THR D 539 3.98 9.09 -17.12
CA THR D 539 4.14 10.46 -17.61
C THR D 539 3.99 11.56 -16.56
N SER D 540 3.87 11.17 -15.31
CA SER D 540 3.49 12.07 -14.21
C SER D 540 4.62 12.91 -13.63
N HIS D 541 5.84 12.72 -14.12
CA HIS D 541 7.01 13.43 -13.54
C HIS D 541 7.74 14.25 -14.59
N ASP D 542 8.91 14.82 -14.21
CA ASP D 542 9.85 15.31 -15.12
C ASP D 542 10.28 14.19 -16.08
N ALA D 543 10.83 14.59 -17.18
CA ALA D 543 11.16 13.64 -18.24
C ALA D 543 12.19 12.56 -17.88
N SER D 544 13.11 12.93 -17.00
CA SER D 544 14.12 11.98 -16.55
C SER D 544 13.47 10.94 -15.68
N THR D 545 12.78 11.37 -14.62
CA THR D 545 12.15 10.40 -13.74
C THR D 545 11.23 9.47 -14.58
N ASN D 546 10.49 10.08 -15.54
CA ASN D 546 9.65 9.26 -16.43
C ASN D 546 10.46 8.24 -17.22
N GLY D 547 11.55 8.70 -17.82
CA GLY D 547 12.44 7.87 -18.66
C GLY D 547 13.06 6.73 -17.88
N LEU D 548 13.55 7.01 -16.67
CA LEU D 548 14.11 5.97 -15.80
C LEU D 548 13.03 4.93 -15.40
N ILE D 549 11.84 5.41 -15.01
CA ILE D 549 10.75 4.50 -14.65
C ILE D 549 10.47 3.58 -15.83
N ASN D 550 10.26 4.16 -17.01
CA ASN D 550 9.87 3.35 -18.19
C ASN D 550 10.99 2.40 -18.65
N PHE D 551 12.26 2.84 -18.48
CA PHE D 551 13.34 1.94 -18.74
C PHE D 551 13.32 0.77 -17.79
N LEU D 552 13.19 1.04 -16.50
CA LEU D 552 13.10 -0.06 -15.51
C LEU D 552 11.91 -1.05 -15.85
N LYS D 553 10.76 -0.48 -16.16
CA LYS D 553 9.65 -1.35 -16.51
C LYS D 553 9.89 -2.18 -17.76
N GLU D 554 10.64 -1.68 -18.76
CA GLU D 554 10.97 -2.54 -19.89
C GLU D 554 11.89 -3.69 -19.51
N ASN D 555 12.51 -3.63 -18.33
CA ASN D 555 13.52 -4.63 -17.94
C ASN D 555 13.20 -5.52 -16.72
N PHE D 556 11.97 -5.52 -16.23
CA PHE D 556 11.68 -6.15 -14.93
C PHE D 556 11.78 -7.68 -14.83
#